data_7MXL
#
_entry.id   7MXL
#
_cell.length_a   1.00
_cell.length_b   1.00
_cell.length_c   1.00
_cell.angle_alpha   90.00
_cell.angle_beta   90.00
_cell.angle_gamma   90.00
#
_symmetry.space_group_name_H-M   'P 1'
#
loop_
_entity.id
_entity.type
_entity.pdbx_description
1 polymer 'REGN5713 antibody Fab fragment heavy chain'
2 polymer 'REGN5713 antibody Fab fragment light chain'
3 polymer 'Major pollen allergen Bet v 1-A'
4 polymer 'REGN5715 antibody Fab fragment heavy chain'
5 polymer 'REGN5715 antibody Fab fragment light chain'
6 polymer 'REGN5714 antibody Fab fragment light chain'
7 polymer 'REGN5714 antibody Fab fragment heavy chain'
#
loop_
_entity_poly.entity_id
_entity_poly.type
_entity_poly.pdbx_seq_one_letter_code
_entity_poly.pdbx_strand_id
1 'polypeptide(L)'
;QVQLQESGPGLVKPSETLSLTCSVSGGSITNYFWTWIRQSPGKGLEWIGYIYYSGGTNYNPSLKSRVTISIDTSKNQFSL
NMNSVTAADTAVYYCAGSYYYGVDVWGQGTTVTVSSASTKGPSVFPLAPCSRSTSESTAALGCLVKDYFPEPVTVSWNSG
ALTSGVHTFPAVLQSSGLYSLSSVVTVPSSSLGTKTYTCNVDHKPSNTKVDKRVESKYGPP
;
A
2 'polypeptide(L)'
;EIVLTQSPATLSLSPGERATLSCRASQSIKSFLAWYRQKPGQAPRLLIYDASNRPTGIPARFSGSGSGTDFTLTINSLES
EDFAVYFCQQRNNWPFTFGPGTKVDIKRTVAAPSVFIFPPSDEQLKSGTASVVCLLNNFYPREAKVQWKVDNALQSGNSQ
ESVTEQDSKDSTYSLSSTLTLSKADYEKHKVYACEVTHQGLSSPVTKSFNRGEC
;
B
3 'polypeptide(L)'
;MGVFNYETETTSVIPAARLFKAFILDGDNLFPKVAPQAISSVENIEGNGGPGTIKKISFPEGFPFKYVKDRVDEVDHTNF
KYNYSVIEGGPIGDTLEKISNEIKIVATPDGGSILKISNKYHTKGDHEVKAEQVKASKEMGETLLRAVESYLLAHSDAYN
;
C
4 'polypeptide(L)'
;QVQLVQSGAEVKKPGASVKVSCKASGYTFISYNIFWVRQATGQGLDWMGWMNPFRNNAGYAQKFQGRVTVTWDTSISTAY
MELSSLSSEDTAIYYCAREHGSSWGFFDYWGQGTLVTVSSASTKGPSVFPLAPCSRSTSESTAALGCLVKDYFPEPVTVS
WNSGALTSGVHTFPAVLQSSGLYSLSSVVTVPSSSLGTKTYTCNVDHKPSNTKVDKRVESKYGPP
;
J
5 'polypeptide(L)'
;EIVLTQSPGTLSLSPGERATLSCRASQSVSSSYLAWYQQKPGQAPRLLIYGASSRATGIPDRFSGSGSGTDFTLTISRLE
PEDFAVYYCQQYGSSPWTFGQGTKVEIKRTVAAPSVFIFPPSDEQLKSGTASVVCLLNNFYPREAKVQWKVDNALQSGNS
QESVTEQDSKDSTYSLSSTLTLSKADYEKHKVYACEVTHQGLSSPVTKSFNRGEC
;
K
6 'polypeptide(L)'
;EIVMTQSPATLSVSPGERATLSCRASQSVSSSLAWYQQKPGQAPRRLIYSASTRATGIPARFSGSGSGTEFTLTISSLQS
EDFAIYYCHQYNNWPLTFGGGTKVEIKRTVAAPSVFIFPPSDEQLKSGTASVVCLLNNFYPREAKVQWKVDNALQSGNSQ
ESVTEQDSKDSTYSLSSTLTLSKADYEKHKVYACEVTHQGLSSPVTKSFNRGEC
;
L
7 'polypeptide(L)'
;EVQLVESGGDLVQPGGSLRLSCAASGFTFSSYEMNWVRQAPGKGLEWVSFISDSSSNIYYADSVKGRFTISRDNAKKSLY
LQMTSLRAEDTAVYYCAREAIGSTSFDNWGQGTLVTVSSASTKGPSVFPLAPCSRSTSESTAALGCLVKDYFPEPVTVSW
NSGALTSGVHTFPAVLQSSGLYSLSSVVTVPSSSLGTKTYTCNVDHKPSNTKVDKRVESKYGPP
;
H
#
# COMPACT_ATOMS: atom_id res chain seq x y z
N GLN A 1 1.20 34.75 -11.64
CA GLN A 1 0.02 34.12 -11.06
C GLN A 1 0.27 33.67 -9.63
N VAL A 2 -0.82 33.59 -8.85
CA VAL A 2 -0.77 33.24 -7.44
C VAL A 2 0.16 34.25 -6.76
N GLN A 3 -0.26 35.50 -6.73
CA GLN A 3 0.50 36.55 -6.05
C GLN A 3 -0.16 36.81 -4.69
N LEU A 4 0.68 36.92 -3.66
CA LEU A 4 0.20 36.96 -2.29
C LEU A 4 1.00 37.96 -1.47
N GLN A 5 0.32 38.60 -0.53
CA GLN A 5 0.91 39.71 0.21
C GLN A 5 0.35 39.77 1.62
N GLU A 6 1.12 40.36 2.53
CA GLU A 6 0.73 40.45 3.93
C GLU A 6 -0.03 41.75 4.19
N SER A 7 -0.75 41.77 5.31
CA SER A 7 -1.48 42.95 5.76
C SER A 7 -1.35 43.10 7.28
N GLY A 8 -0.14 42.92 7.79
CA GLY A 8 0.09 42.98 9.22
C GLY A 8 0.78 44.26 9.67
N PRO A 9 0.61 44.61 10.94
CA PRO A 9 1.31 45.78 11.48
C PRO A 9 2.79 45.51 11.64
N GLY A 10 3.61 46.48 11.24
CA GLY A 10 5.05 46.35 11.31
C GLY A 10 5.70 46.82 12.58
N LEU A 11 4.92 47.21 13.59
CA LEU A 11 5.47 47.73 14.84
C LEU A 11 4.69 47.11 15.98
N VAL A 12 5.35 46.23 16.75
CA VAL A 12 4.70 45.48 17.82
C VAL A 12 5.47 45.71 19.12
N LYS A 13 4.74 46.07 20.17
CA LYS A 13 5.36 46.22 21.48
C LYS A 13 5.81 44.86 22.00
N PRO A 14 6.83 44.83 22.85
CA PRO A 14 7.30 43.54 23.37
C PRO A 14 6.25 42.91 24.28
N SER A 15 6.32 41.57 24.36
CA SER A 15 5.36 40.77 25.13
C SER A 15 3.92 41.04 24.70
N GLU A 16 3.71 41.12 23.38
CA GLU A 16 2.38 41.34 22.82
C GLU A 16 2.06 40.24 21.81
N THR A 17 0.97 40.41 21.06
CA THR A 17 0.53 39.43 20.07
C THR A 17 0.85 39.97 18.69
N LEU A 18 1.96 39.49 18.12
CA LEU A 18 2.25 39.71 16.71
C LEU A 18 1.20 39.04 15.86
N SER A 19 0.65 39.78 14.90
CA SER A 19 -0.41 39.26 14.03
C SER A 19 -0.13 39.70 12.60
N LEU A 20 0.31 38.76 11.77
CA LEU A 20 0.41 38.99 10.33
C LEU A 20 -0.72 38.28 9.61
N THR A 21 -1.14 38.83 8.49
CA THR A 21 -2.26 38.30 7.74
C THR A 21 -1.93 38.33 6.25
N CYS A 22 -1.75 37.16 5.66
CA CYS A 22 -1.39 37.04 4.26
C CYS A 22 -2.64 36.80 3.42
N SER A 23 -2.78 37.58 2.35
CA SER A 23 -3.90 37.51 1.43
C SER A 23 -3.38 36.98 0.10
N VAL A 24 -4.04 35.93 -0.41
CA VAL A 24 -3.66 35.34 -1.69
C VAL A 24 -4.53 35.92 -2.80
N SER A 25 -4.03 35.87 -4.03
CA SER A 25 -4.80 36.33 -5.17
C SER A 25 -4.26 35.64 -6.42
N GLY A 26 -5.10 35.59 -7.46
CA GLY A 26 -4.69 35.03 -8.73
C GLY A 26 -4.48 33.54 -8.73
N GLY A 27 -4.96 32.83 -7.73
CA GLY A 27 -4.80 31.38 -7.69
C GLY A 27 -5.61 30.76 -6.59
N SER A 28 -5.80 29.45 -6.70
CA SER A 28 -6.60 28.72 -5.72
C SER A 28 -5.86 28.66 -4.38
N ILE A 29 -6.63 28.79 -3.30
CA ILE A 29 -6.06 28.63 -1.96
C ILE A 29 -5.63 27.20 -1.74
N THR A 30 -6.19 26.25 -2.48
CA THR A 30 -5.86 24.83 -2.34
C THR A 30 -4.75 24.43 -3.29
N ASN A 31 -3.63 25.13 -3.25
CA ASN A 31 -2.54 24.81 -4.15
C ASN A 31 -1.22 24.55 -3.43
N TYR A 32 -0.93 25.30 -2.39
CA TYR A 32 0.34 25.18 -1.67
C TYR A 32 0.07 24.95 -0.18
N PHE A 33 1.12 24.55 0.51
CA PHE A 33 1.16 24.66 1.97
C PHE A 33 1.45 26.12 2.29
N TRP A 34 0.52 26.77 2.98
CA TRP A 34 0.69 28.19 3.26
C TRP A 34 1.65 28.34 4.43
N THR A 35 2.80 28.95 4.15
CA THR A 35 3.96 28.93 5.02
C THR A 35 4.24 30.32 5.56
N TRP A 36 4.67 30.38 6.82
CA TRP A 36 5.18 31.59 7.43
C TRP A 36 6.65 31.36 7.75
N ILE A 37 7.50 32.22 7.21
CA ILE A 37 8.95 32.16 7.39
C ILE A 37 9.41 33.55 7.82
N ARG A 38 10.50 33.60 8.58
CA ARG A 38 11.05 34.89 8.97
C ARG A 38 12.55 34.88 8.73
N GLN A 39 13.05 36.01 8.25
CA GLN A 39 14.48 36.21 8.02
C GLN A 39 14.99 37.24 9.01
N SER A 40 15.97 36.84 9.81
CA SER A 40 16.58 37.74 10.78
C SER A 40 18.10 37.68 10.62
N PRO A 41 18.78 38.82 10.72
CA PRO A 41 20.25 38.81 10.56
C PRO A 41 20.96 37.93 11.55
N GLY A 42 20.45 37.80 12.78
CA GLY A 42 21.11 36.98 13.78
C GLY A 42 20.89 35.49 13.61
N LYS A 43 19.85 35.08 12.89
CA LYS A 43 19.55 33.66 12.74
C LYS A 43 19.29 33.25 11.30
N GLY A 44 19.35 34.16 10.34
CA GLY A 44 19.09 33.79 8.97
C GLY A 44 17.62 33.44 8.76
N LEU A 45 17.35 32.80 7.62
CA LEU A 45 16.00 32.35 7.31
C LEU A 45 15.60 31.22 8.25
N GLU A 46 14.36 31.24 8.70
CA GLU A 46 13.89 30.29 9.69
C GLU A 46 12.42 29.99 9.46
N TRP A 47 12.06 28.72 9.46
CA TRP A 47 10.68 28.29 9.23
C TRP A 47 9.86 28.49 10.49
N ILE A 48 8.96 29.47 10.47
CA ILE A 48 8.01 29.62 11.58
C ILE A 48 7.01 28.48 11.54
N GLY A 49 6.51 28.14 10.36
CA GLY A 49 5.61 27.01 10.26
C GLY A 49 4.85 27.06 8.95
N TYR A 50 3.86 26.17 8.85
CA TYR A 50 2.98 26.18 7.68
C TYR A 50 1.69 25.48 8.04
N ILE A 51 0.72 25.57 7.12
CA ILE A 51 -0.60 25.00 7.32
C ILE A 51 -1.14 24.55 5.97
N TYR A 52 -1.73 23.36 5.94
CA TYR A 52 -2.41 22.93 4.73
C TYR A 52 -3.70 23.74 4.55
N TYR A 53 -4.33 23.60 3.39
CA TYR A 53 -5.51 24.43 3.18
C TYR A 53 -6.69 23.99 4.04
N SER A 54 -6.55 22.97 4.88
CA SER A 54 -7.56 22.59 5.86
C SER A 54 -6.89 22.41 7.22
N GLY A 55 -6.67 23.50 7.94
CA GLY A 55 -6.27 23.48 9.32
C GLY A 55 -5.10 22.61 9.73
N GLY A 56 -4.33 22.12 8.77
CA GLY A 56 -3.23 21.22 9.07
C GLY A 56 -1.93 21.90 9.45
N THR A 57 -1.85 22.39 10.68
CA THR A 57 -0.71 23.22 11.09
C THR A 57 0.48 22.36 11.51
N ASN A 58 1.66 22.70 10.99
CA ASN A 58 2.94 22.26 11.54
C ASN A 58 3.71 23.49 11.97
N TYR A 59 4.13 23.53 13.22
CA TYR A 59 4.86 24.65 13.77
C TYR A 59 6.31 24.27 14.04
N ASN A 60 7.17 25.27 14.08
CA ASN A 60 8.55 25.05 14.46
C ASN A 60 8.61 24.65 15.93
N PRO A 61 9.38 23.63 16.29
CA PRO A 61 9.43 23.20 17.70
C PRO A 61 9.88 24.30 18.65
N SER A 62 10.76 25.20 18.21
CA SER A 62 11.16 26.31 19.04
C SER A 62 10.12 27.42 19.11
N LEU A 63 9.06 27.34 18.30
CA LEU A 63 8.00 28.34 18.31
C LEU A 63 6.61 27.76 18.51
N LYS A 64 6.45 26.43 18.53
CA LYS A 64 5.13 25.84 18.63
C LYS A 64 4.40 26.26 19.89
N SER A 65 5.12 26.67 20.93
CA SER A 65 4.49 27.06 22.19
C SER A 65 3.77 28.40 22.09
N ARG A 66 4.18 29.28 21.18
CA ARG A 66 3.62 30.62 21.12
C ARG A 66 3.33 31.02 19.68
N VAL A 67 2.87 30.07 18.87
CA VAL A 67 2.57 30.34 17.46
C VAL A 67 1.27 29.63 17.10
N THR A 68 0.38 30.33 16.42
CA THR A 68 -0.82 29.73 15.84
C THR A 68 -0.96 30.24 14.41
N ILE A 69 -1.00 29.32 13.46
CA ILE A 69 -1.18 29.66 12.05
C ILE A 69 -2.59 29.24 11.66
N SER A 70 -3.45 30.23 11.41
CA SER A 70 -4.83 29.96 11.06
C SER A 70 -5.05 30.24 9.58
N ILE A 71 -6.12 29.67 9.03
CA ILE A 71 -6.46 29.85 7.63
C ILE A 71 -7.96 30.14 7.52
N ASP A 72 -8.32 30.81 6.44
CA ASP A 72 -9.72 31.12 6.14
C ASP A 72 -9.88 30.95 4.63
N THR A 73 -10.46 29.81 4.24
CA THR A 73 -10.63 29.47 2.83
C THR A 73 -11.66 30.34 2.13
N SER A 74 -12.64 30.85 2.86
CA SER A 74 -13.70 31.65 2.24
C SER A 74 -13.14 32.91 1.59
N LYS A 75 -12.22 33.58 2.26
CA LYS A 75 -11.60 34.79 1.73
C LYS A 75 -10.20 34.57 1.20
N ASN A 76 -9.72 33.32 1.15
CA ASN A 76 -8.37 33.01 0.69
C ASN A 76 -7.32 33.80 1.48
N GLN A 77 -7.31 33.58 2.79
CA GLN A 77 -6.57 34.47 3.69
C GLN A 77 -6.08 33.69 4.89
N PHE A 78 -4.77 33.61 5.09
CA PHE A 78 -4.26 32.94 6.28
C PHE A 78 -3.52 33.94 7.15
N SER A 79 -3.12 33.51 8.34
CA SER A 79 -2.60 34.45 9.31
C SER A 79 -1.70 33.75 10.32
N LEU A 80 -0.73 34.51 10.82
CA LEU A 80 0.18 34.09 11.87
C LEU A 80 -0.09 34.91 13.12
N ASN A 81 -0.23 34.23 14.26
CA ASN A 81 -0.42 34.87 15.55
C ASN A 81 0.66 34.35 16.49
N MET A 82 1.61 35.21 16.83
CA MET A 82 2.72 34.88 17.70
C MET A 82 2.55 35.68 18.98
N ASN A 83 2.15 35.02 20.06
CA ASN A 83 1.95 35.75 21.30
C ASN A 83 3.22 35.74 22.14
N SER A 84 3.33 36.74 23.02
CA SER A 84 4.49 36.92 23.88
C SER A 84 5.77 37.08 23.07
N VAL A 85 5.75 38.02 22.12
CA VAL A 85 6.91 38.27 21.27
C VAL A 85 7.97 39.02 22.09
N THR A 86 9.20 38.52 22.05
CA THR A 86 10.33 39.18 22.65
C THR A 86 11.11 39.96 21.60
N ALA A 87 12.14 40.67 22.05
CA ALA A 87 12.93 41.49 21.14
C ALA A 87 13.61 40.67 20.06
N ALA A 88 13.76 39.35 20.25
CA ALA A 88 14.40 38.49 19.27
C ALA A 88 13.45 38.06 18.16
N ASP A 89 12.19 38.49 18.20
CA ASP A 89 11.22 38.15 17.16
C ASP A 89 11.15 39.21 16.06
N THR A 90 11.96 40.25 16.14
CA THR A 90 12.03 41.21 15.04
C THR A 90 12.74 40.57 13.85
N ALA A 91 12.15 40.74 12.68
CA ALA A 91 12.66 40.08 11.47
C ALA A 91 11.93 40.66 10.27
N VAL A 92 12.14 40.06 9.11
CA VAL A 92 11.33 40.30 7.92
C VAL A 92 10.50 39.04 7.72
N TYR A 93 9.18 39.18 7.83
CA TYR A 93 8.28 38.04 7.80
C TYR A 93 7.73 37.87 6.39
N TYR A 94 7.99 36.70 5.81
CA TYR A 94 7.48 36.33 4.50
C TYR A 94 6.36 35.32 4.69
N CYS A 95 5.16 35.66 4.22
CA CYS A 95 4.15 34.66 3.96
C CYS A 95 4.37 34.12 2.56
N ALA A 96 4.14 32.83 2.39
CA ALA A 96 4.55 32.16 1.17
C ALA A 96 3.69 30.93 0.94
N GLY A 97 3.86 30.34 -0.24
CA GLY A 97 3.21 29.09 -0.57
C GLY A 97 4.23 28.08 -1.04
N SER A 98 4.34 26.97 -0.31
CA SER A 98 5.37 25.98 -0.54
C SER A 98 4.76 24.70 -1.08
N TYR A 99 5.33 24.18 -2.15
CA TYR A 99 5.00 22.84 -2.61
C TYR A 99 5.64 21.84 -1.65
N TYR A 100 5.53 20.55 -1.97
CA TYR A 100 6.16 19.55 -1.12
C TYR A 100 7.68 19.69 -1.12
N TYR A 101 8.27 20.13 -2.24
CA TYR A 101 9.72 20.15 -2.38
C TYR A 101 10.36 21.42 -1.85
N GLY A 102 9.60 22.46 -1.60
CA GLY A 102 10.16 23.72 -1.17
C GLY A 102 9.19 24.85 -1.41
N VAL A 103 9.60 26.04 -1.00
CA VAL A 103 8.72 27.21 -1.07
C VAL A 103 8.68 27.69 -2.51
N ASP A 104 7.53 27.55 -3.16
CA ASP A 104 7.42 27.90 -4.57
C ASP A 104 7.20 29.40 -4.76
N VAL A 105 6.16 29.94 -4.14
CA VAL A 105 5.82 31.35 -4.32
C VAL A 105 6.04 32.07 -3.00
N TRP A 106 6.40 33.34 -3.08
CA TRP A 106 6.75 34.13 -1.90
C TRP A 106 5.93 35.42 -1.88
N GLY A 107 5.94 36.07 -0.72
CA GLY A 107 5.32 37.36 -0.54
C GLY A 107 6.37 38.48 -0.47
N GLN A 108 5.85 39.70 -0.37
CA GLN A 108 6.73 40.86 -0.29
C GLN A 108 7.59 40.83 0.96
N GLY A 109 7.01 40.43 2.09
CA GLY A 109 7.75 40.41 3.34
C GLY A 109 7.66 41.72 4.08
N THR A 110 7.15 41.69 5.31
CA THR A 110 7.00 42.90 6.10
C THR A 110 8.02 42.91 7.24
N THR A 111 8.63 44.06 7.46
CA THR A 111 9.62 44.20 8.53
C THR A 111 8.88 44.41 9.85
N VAL A 112 8.92 43.40 10.72
CA VAL A 112 8.29 43.48 12.03
C VAL A 112 9.37 43.76 13.06
N THR A 113 9.20 44.85 13.79
CA THR A 113 10.18 45.29 14.80
C THR A 113 9.52 45.18 16.17
N VAL A 114 9.91 44.15 16.92
CA VAL A 114 9.45 43.95 18.28
C VAL A 114 10.32 44.82 19.18
N SER A 115 9.93 44.96 20.45
CA SER A 115 10.61 45.83 21.41
C SER A 115 10.50 47.29 20.97
N SER A 116 9.26 47.74 20.85
CA SER A 116 8.99 49.09 20.40
C SER A 116 9.28 50.11 21.50
N ALA A 117 9.54 51.34 21.07
CA ALA A 117 9.75 52.47 21.96
C ALA A 117 8.97 53.65 21.40
N SER A 118 9.19 54.83 22.00
CA SER A 118 8.48 56.02 21.54
C SER A 118 9.01 56.46 20.18
N THR A 119 8.10 56.89 19.32
CA THR A 119 8.45 57.41 18.00
C THR A 119 9.08 58.79 18.19
N LYS A 120 10.40 58.86 18.15
CA LYS A 120 11.09 60.10 18.46
C LYS A 120 12.24 60.36 17.48
N GLY A 121 13.03 61.40 17.77
CA GLY A 121 14.19 61.71 16.98
C GLY A 121 13.84 62.27 15.62
N PRO A 122 14.84 62.41 14.75
CA PRO A 122 16.25 62.11 15.06
C PRO A 122 17.10 63.35 15.28
N SER A 123 18.40 63.18 15.49
CA SER A 123 19.32 64.29 15.67
C SER A 123 20.49 64.13 14.71
N VAL A 124 20.80 65.20 13.98
CA VAL A 124 21.85 65.16 12.96
C VAL A 124 23.08 65.89 13.48
N PHE A 125 24.26 65.28 13.25
CA PHE A 125 25.53 65.78 13.75
C PHE A 125 26.53 65.72 12.60
N PRO A 126 27.17 66.84 12.26
CA PRO A 126 28.12 66.84 11.15
C PRO A 126 29.40 66.10 11.51
N LEU A 127 30.17 65.75 10.48
CA LEU A 127 31.43 65.02 10.64
C LEU A 127 32.45 65.66 9.69
N ALA A 128 33.18 66.65 10.20
CA ALA A 128 34.18 67.32 9.38
C ALA A 128 35.47 67.49 10.17
N PRO A 129 36.54 66.77 9.81
CA PRO A 129 37.81 66.98 10.51
C PRO A 129 38.39 68.37 10.32
N CYS A 130 38.17 68.99 9.15
CA CYS A 130 38.64 70.33 8.83
C CYS A 130 40.16 70.46 8.96
N SER A 131 40.89 69.35 8.88
CA SER A 131 42.34 69.39 9.00
C SER A 131 42.99 69.74 7.67
N ARG A 132 42.77 68.90 6.65
CA ARG A 132 43.38 69.12 5.34
C ARG A 132 42.53 68.46 4.26
N LEU A 141 31.75 66.49 4.47
CA LEU A 141 32.21 65.16 4.11
C LEU A 141 31.23 64.09 4.59
N GLY A 142 30.41 64.44 5.58
CA GLY A 142 29.39 63.52 6.04
C GLY A 142 28.69 64.05 7.27
N CYS A 143 27.61 63.36 7.62
CA CYS A 143 26.87 63.62 8.84
C CYS A 143 26.18 62.35 9.30
N LEU A 144 26.06 62.21 10.62
CA LEU A 144 25.41 61.05 11.21
C LEU A 144 24.08 61.49 11.81
N VAL A 145 23.04 60.71 11.55
CA VAL A 145 21.73 60.92 12.13
C VAL A 145 21.53 59.82 13.17
N LYS A 146 21.01 60.19 14.34
CA LYS A 146 21.06 59.30 15.48
C LYS A 146 19.77 59.41 16.28
N ASP A 147 19.49 58.33 17.04
CA ASP A 147 18.42 58.32 18.03
C ASP A 147 17.05 58.57 17.38
N TYR A 148 16.67 57.65 16.50
CA TYR A 148 15.34 57.61 15.93
C TYR A 148 14.87 56.17 15.93
N PHE A 149 13.67 55.93 16.46
CA PHE A 149 13.22 54.54 16.60
C PHE A 149 12.66 53.95 15.31
N PRO A 150 11.77 54.62 14.58
CA PRO A 150 11.26 54.03 13.33
C PRO A 150 12.38 53.92 12.30
N GLU A 151 12.52 52.72 11.74
CA GLU A 151 13.65 52.43 10.87
C GLU A 151 13.72 53.32 9.63
N PRO A 152 12.65 53.51 8.85
CA PRO A 152 12.79 54.24 7.59
C PRO A 152 13.21 55.69 7.81
N VAL A 153 14.21 56.13 7.05
CA VAL A 153 14.66 57.51 7.05
C VAL A 153 15.42 57.78 5.75
N THR A 154 15.18 58.95 5.16
CA THR A 154 15.86 59.34 3.93
C THR A 154 16.82 60.49 4.22
N VAL A 155 18.03 60.38 3.70
CA VAL A 155 19.08 61.37 3.91
C VAL A 155 19.60 61.79 2.54
N SER A 156 19.41 63.05 2.19
CA SER A 156 19.90 63.60 0.93
C SER A 156 20.94 64.68 1.20
N TRP A 157 21.70 65.00 0.17
CA TRP A 157 22.85 65.89 0.27
C TRP A 157 22.62 67.09 -0.63
N ASN A 158 22.58 68.29 -0.02
CA ASN A 158 22.28 69.53 -0.73
C ASN A 158 20.98 69.39 -1.52
N SER A 159 19.91 68.98 -0.83
CA SER A 159 18.60 68.79 -1.42
C SER A 159 18.65 67.80 -2.59
N GLY A 160 19.36 66.69 -2.38
CA GLY A 160 19.48 65.66 -3.40
C GLY A 160 20.23 66.11 -4.64
N ALA A 161 21.34 66.81 -4.44
CA ALA A 161 22.18 67.26 -5.54
C ALA A 161 23.46 66.48 -5.69
N LEU A 162 24.02 65.97 -4.59
CA LEU A 162 25.26 65.20 -4.61
C LEU A 162 24.95 63.70 -4.62
N THR A 163 24.33 63.26 -5.70
CA THR A 163 24.06 61.83 -5.88
C THR A 163 25.32 61.06 -6.23
N SER A 164 26.38 61.74 -6.67
CA SER A 164 27.63 61.08 -7.03
C SER A 164 28.56 61.07 -5.83
N GLY A 165 29.05 59.89 -5.48
CA GLY A 165 29.93 59.74 -4.33
C GLY A 165 29.24 59.62 -3.00
N VAL A 166 27.91 59.68 -2.98
CA VAL A 166 27.15 59.58 -1.73
C VAL A 166 27.17 58.13 -1.25
N HIS A 167 27.17 57.97 0.08
CA HIS A 167 27.13 56.66 0.70
C HIS A 167 26.25 56.74 1.94
N THR A 168 25.02 56.27 1.83
CA THR A 168 24.11 56.16 2.97
C THR A 168 24.25 54.76 3.54
N PHE A 169 24.61 54.69 4.78
CA PHE A 169 24.90 53.40 5.40
C PHE A 169 23.67 52.84 6.09
N PRO A 170 23.55 51.51 6.16
CA PRO A 170 22.40 50.91 6.84
C PRO A 170 22.36 51.31 8.31
N ALA A 171 21.15 51.51 8.81
CA ALA A 171 20.98 51.90 10.21
C ALA A 171 21.38 50.75 11.13
N VAL A 172 22.01 51.10 12.24
CA VAL A 172 22.45 50.13 13.23
C VAL A 172 21.69 50.38 14.53
N LEU A 173 21.26 49.30 15.18
CA LEU A 173 20.48 49.39 16.40
C LEU A 173 21.38 49.20 17.61
N GLN A 174 21.60 50.26 18.38
CA GLN A 174 22.35 50.14 19.61
C GLN A 174 21.46 49.54 20.71
N SER A 175 22.01 49.44 21.91
CA SER A 175 21.30 48.84 23.02
C SER A 175 20.19 49.73 23.57
N SER A 176 20.13 51.00 23.18
CA SER A 176 19.11 51.91 23.68
C SER A 176 17.77 51.74 22.98
N GLY A 177 17.69 50.90 21.94
CA GLY A 177 16.45 50.71 21.22
C GLY A 177 16.18 51.70 20.12
N LEU A 178 17.17 52.50 19.72
CA LEU A 178 17.00 53.50 18.68
C LEU A 178 18.06 53.26 17.60
N TYR A 179 17.80 53.82 16.42
CA TYR A 179 18.67 53.58 15.27
C TYR A 179 19.64 54.73 15.05
N SER A 180 20.74 54.41 14.37
CA SER A 180 21.77 55.41 14.06
C SER A 180 22.28 55.14 12.66
N LEU A 181 22.03 56.07 11.74
CA LEU A 181 22.50 56.01 10.37
C LEU A 181 23.61 57.04 10.17
N SER A 182 24.43 56.82 9.15
CA SER A 182 25.50 57.75 8.82
C SER A 182 25.60 57.88 7.31
N SER A 183 25.57 59.11 6.81
CA SER A 183 25.71 59.38 5.39
C SER A 183 26.98 60.17 5.14
N VAL A 184 27.67 59.84 4.05
CA VAL A 184 28.91 60.50 3.68
C VAL A 184 28.95 60.68 2.16
N VAL A 185 29.86 61.54 1.71
CA VAL A 185 30.11 61.77 0.30
C VAL A 185 31.61 61.75 0.06
N THR A 186 32.00 61.81 -1.20
CA THR A 186 33.40 61.91 -1.60
C THR A 186 33.66 63.37 -1.97
N VAL A 187 34.40 64.07 -1.10
CA VAL A 187 34.71 65.47 -1.34
C VAL A 187 36.06 65.55 -2.04
N PRO A 188 36.23 66.47 -2.99
CA PRO A 188 37.57 66.74 -3.51
C PRO A 188 38.44 67.39 -2.45
N SER A 189 39.76 67.29 -2.65
CA SER A 189 40.70 67.90 -1.72
C SER A 189 40.53 69.42 -1.65
N SER A 190 39.89 70.01 -2.65
CA SER A 190 39.61 71.44 -2.71
C SER A 190 38.09 71.64 -2.74
N SER A 191 37.69 72.89 -2.97
CA SER A 191 36.28 73.28 -3.07
C SER A 191 35.52 73.08 -1.77
N LEU A 192 36.22 73.07 -0.64
CA LEU A 192 35.57 72.95 0.66
C LEU A 192 35.01 74.28 1.16
N GLY A 193 35.33 75.39 0.51
CA GLY A 193 34.86 76.69 0.92
C GLY A 193 34.07 77.42 -0.14
N THR A 194 34.26 77.03 -1.40
CA THR A 194 33.57 77.73 -2.50
C THR A 194 32.06 77.47 -2.48
N LYS A 195 31.63 76.36 -1.88
CA LYS A 195 30.21 76.04 -1.79
C LYS A 195 29.97 75.20 -0.55
N THR A 196 28.71 75.17 -0.12
CA THR A 196 28.33 74.58 1.15
C THR A 196 27.98 73.10 0.99
N TYR A 197 28.13 72.37 2.09
CA TYR A 197 27.81 70.94 2.15
C TYR A 197 26.83 70.73 3.29
N THR A 198 25.56 70.53 2.97
CA THR A 198 24.53 70.35 3.97
C THR A 198 23.72 69.08 3.67
N CYS A 199 23.41 68.34 4.73
CA CYS A 199 22.63 67.12 4.63
C CYS A 199 21.25 67.34 5.23
N ASN A 200 20.22 66.94 4.50
CA ASN A 200 18.85 67.04 4.97
C ASN A 200 18.23 65.65 5.13
N VAL A 201 17.59 65.43 6.27
CA VAL A 201 16.99 64.15 6.61
C VAL A 201 15.50 64.33 6.77
N ASP A 202 14.75 63.32 6.35
CA ASP A 202 13.27 63.32 6.35
C ASP A 202 12.80 62.09 7.11
N HIS A 203 12.55 62.25 8.40
CA HIS A 203 11.97 61.17 9.21
C HIS A 203 10.46 61.21 9.01
N LYS A 204 9.97 60.41 8.06
CA LYS A 204 8.53 60.43 7.76
C LYS A 204 7.68 60.00 8.94
N PRO A 205 7.97 58.90 9.65
CA PRO A 205 7.15 58.56 10.83
C PRO A 205 7.12 59.64 11.88
N SER A 206 8.19 60.41 12.02
CA SER A 206 8.21 61.60 12.87
C SER A 206 8.04 62.88 12.06
N ASN A 207 7.73 62.77 10.77
CA ASN A 207 7.47 63.86 9.83
C ASN A 207 8.40 65.06 10.04
N THR A 208 9.66 64.78 10.34
CA THR A 208 10.62 65.80 10.74
C THR A 208 11.66 65.99 9.65
N LYS A 209 11.82 67.24 9.21
CA LYS A 209 12.87 67.63 8.28
C LYS A 209 13.97 68.31 9.07
N VAL A 210 15.20 67.79 8.97
CA VAL A 210 16.34 68.38 9.67
C VAL A 210 17.46 68.61 8.66
N ASP A 211 17.93 69.85 8.59
CA ASP A 211 19.03 70.22 7.71
C ASP A 211 20.23 70.63 8.55
N LYS A 212 21.38 70.03 8.27
CA LYS A 212 22.60 70.30 9.02
C LYS A 212 23.71 70.69 8.06
N ARG A 213 24.40 71.77 8.39
CA ARG A 213 25.47 72.32 7.56
C ARG A 213 26.82 72.16 8.26
N VAL A 214 27.83 71.80 7.47
CA VAL A 214 29.17 71.62 8.02
C VAL A 214 29.89 72.95 8.09
N GLU B 1 16.20 19.14 14.41
CA GLU B 1 16.97 20.34 14.07
C GLU B 1 18.29 19.97 13.43
N ILE B 2 18.32 19.92 12.10
CA ILE B 2 19.52 19.60 11.35
C ILE B 2 20.23 20.89 11.01
N VAL B 3 21.46 21.03 11.49
CA VAL B 3 22.25 22.25 11.29
C VAL B 3 22.98 22.13 9.97
N LEU B 4 22.59 22.94 8.99
CA LEU B 4 23.25 22.98 7.70
C LEU B 4 24.35 24.03 7.72
N THR B 5 25.50 23.66 7.17
CA THR B 5 26.61 24.59 6.99
C THR B 5 26.82 24.80 5.50
N GLN B 6 27.29 25.99 5.13
CA GLN B 6 27.44 26.33 3.73
C GLN B 6 28.81 26.95 3.49
N SER B 7 29.47 26.50 2.42
CA SER B 7 30.81 26.92 2.11
C SER B 7 30.93 27.32 0.64
N PRO B 8 31.76 28.32 0.31
CA PRO B 8 32.47 29.16 1.27
C PRO B 8 31.55 30.20 1.91
N ALA B 9 32.05 30.92 2.91
CA ALA B 9 31.23 31.96 3.54
C ALA B 9 30.82 33.02 2.52
N THR B 10 31.76 33.42 1.67
CA THR B 10 31.46 34.35 0.58
C THR B 10 32.47 34.12 -0.54
N LEU B 11 31.98 34.03 -1.77
CA LEU B 11 32.84 33.88 -2.93
C LEU B 11 32.58 35.04 -3.89
N SER B 12 33.66 35.66 -4.36
CA SER B 12 33.59 36.78 -5.29
C SER B 12 34.09 36.29 -6.64
N LEU B 13 33.22 36.30 -7.64
CA LEU B 13 33.54 35.79 -8.96
C LEU B 13 33.16 36.80 -10.03
N SER B 14 33.84 36.71 -11.15
CA SER B 14 33.60 37.59 -12.28
C SER B 14 32.25 37.29 -12.92
N PRO B 15 31.64 38.28 -13.56
CA PRO B 15 30.33 38.06 -14.19
C PRO B 15 30.43 37.21 -15.44
N GLY B 16 30.44 35.88 -15.27
CA GLY B 16 30.54 34.97 -16.38
C GLY B 16 31.34 33.72 -16.05
N GLU B 17 31.97 33.71 -14.88
CA GLU B 17 32.72 32.55 -14.42
C GLU B 17 31.76 31.57 -13.74
N ARG B 18 32.14 30.30 -13.69
CA ARG B 18 31.33 29.27 -13.07
C ARG B 18 31.48 29.33 -11.55
N ALA B 19 30.37 29.17 -10.85
CA ALA B 19 30.33 29.23 -9.39
C ALA B 19 29.94 27.89 -8.81
N THR B 20 30.59 27.50 -7.71
CA THR B 20 30.33 26.24 -7.03
C THR B 20 30.12 26.52 -5.55
N LEU B 21 28.96 26.10 -5.04
CA LEU B 21 28.60 26.30 -3.64
C LEU B 21 28.30 24.95 -3.00
N SER B 22 28.75 24.74 -1.76
CA SER B 22 28.59 23.46 -1.10
C SER B 22 27.74 23.62 0.16
N CYS B 23 26.84 22.66 0.38
CA CYS B 23 26.04 22.58 1.59
C CYS B 23 26.30 21.25 2.25
N ARG B 24 26.66 21.28 3.54
CA ARG B 24 26.96 20.09 4.33
C ARG B 24 25.94 20.00 5.46
N ALA B 25 25.19 18.91 5.49
CA ALA B 25 24.23 18.70 6.56
C ALA B 25 24.89 18.08 7.78
N SER B 26 24.27 18.29 8.94
CA SER B 26 24.76 17.67 10.16
C SER B 26 24.38 16.20 10.20
N GLN B 27 23.08 15.91 10.18
CA GLN B 27 22.61 14.53 10.06
C GLN B 27 22.60 14.12 8.58
N SER B 28 22.51 12.82 8.35
CA SER B 28 22.54 12.28 7.00
C SER B 28 21.14 12.39 6.40
N ILE B 29 20.85 13.51 5.77
CA ILE B 29 19.63 13.64 5.01
C ILE B 29 19.79 12.96 3.66
N LYS B 30 18.69 12.54 3.08
CA LYS B 30 18.71 11.98 1.74
C LYS B 30 18.73 13.14 0.74
N SER B 31 18.46 12.87 -0.53
CA SER B 31 18.57 13.92 -1.54
C SER B 31 17.40 14.89 -1.43
N PHE B 32 17.23 15.51 -0.26
CA PHE B 32 16.19 16.50 -0.02
C PHE B 32 16.88 17.82 0.34
N LEU B 33 17.24 18.59 -0.67
CA LEU B 33 17.84 19.89 -0.44
C LEU B 33 17.35 20.85 -1.51
N ALA B 34 17.04 22.07 -1.10
CA ALA B 34 16.50 23.09 -2.00
C ALA B 34 17.42 24.31 -1.97
N TRP B 35 17.67 24.89 -3.14
CA TRP B 35 18.57 26.02 -3.26
C TRP B 35 17.78 27.27 -3.60
N TYR B 36 17.96 28.32 -2.81
CA TYR B 36 17.24 29.58 -2.97
C TYR B 36 18.22 30.70 -3.27
N ARG B 37 17.82 31.61 -4.15
CA ARG B 37 18.64 32.77 -4.54
C ARG B 37 17.89 34.03 -4.10
N GLN B 38 18.24 34.54 -2.92
CA GLN B 38 17.65 35.78 -2.42
C GLN B 38 18.48 36.95 -2.93
N LYS B 39 17.85 37.78 -3.76
CA LYS B 39 18.48 38.99 -4.25
C LYS B 39 18.59 40.01 -3.11
N PRO B 40 19.47 40.99 -3.24
CA PRO B 40 19.65 41.95 -2.15
C PRO B 40 18.46 42.89 -1.97
N GLY B 41 17.42 42.40 -1.30
CA GLY B 41 16.27 43.22 -1.00
C GLY B 41 14.96 42.67 -1.54
N GLN B 42 14.94 41.38 -1.88
CA GLN B 42 13.73 40.74 -2.38
C GLN B 42 13.48 39.44 -1.63
N ALA B 43 12.42 38.74 -2.02
CA ALA B 43 12.16 37.43 -1.42
C ALA B 43 12.95 36.35 -2.16
N PRO B 44 13.45 35.34 -1.45
CA PRO B 44 14.24 34.29 -2.11
C PRO B 44 13.42 33.56 -3.16
N ARG B 45 14.13 32.98 -4.12
CA ARG B 45 13.51 32.25 -5.21
C ARG B 45 14.10 30.85 -5.28
N LEU B 46 13.25 29.85 -5.35
CA LEU B 46 13.71 28.48 -5.44
C LEU B 46 14.46 28.23 -6.75
N LEU B 47 15.55 27.48 -6.68
CA LEU B 47 16.34 27.14 -7.86
C LEU B 47 16.38 25.65 -8.13
N ILE B 48 16.81 24.84 -7.16
CA ILE B 48 17.01 23.40 -7.32
C ILE B 48 16.29 22.72 -6.16
N TYR B 49 15.28 21.91 -6.46
CA TYR B 49 14.58 21.17 -5.42
C TYR B 49 14.95 19.69 -5.48
N ASP B 50 14.98 19.07 -4.29
CA ASP B 50 15.44 17.69 -4.12
C ASP B 50 16.87 17.50 -4.60
N ALA B 51 17.64 18.59 -4.59
CA ALA B 51 19.09 18.63 -4.78
C ALA B 51 19.52 18.36 -6.21
N SER B 52 18.60 17.98 -7.07
CA SER B 52 18.95 17.81 -8.47
C SER B 52 17.96 18.47 -9.42
N ASN B 53 16.68 18.46 -9.09
CA ASN B 53 15.64 18.86 -10.02
C ASN B 53 15.61 20.37 -10.18
N ARG B 54 14.85 20.84 -11.15
CA ARG B 54 14.79 22.26 -11.44
C ARG B 54 13.38 22.66 -11.88
N PRO B 55 12.71 23.53 -11.13
CA PRO B 55 11.36 23.93 -11.50
C PRO B 55 11.35 24.73 -12.79
N THR B 56 10.19 24.72 -13.44
CA THR B 56 10.02 25.49 -14.67
C THR B 56 10.20 26.98 -14.40
N GLY B 57 10.83 27.66 -15.36
CA GLY B 57 11.12 29.07 -15.22
C GLY B 57 12.50 29.38 -14.67
N ILE B 58 13.23 28.38 -14.19
CA ILE B 58 14.60 28.57 -13.72
C ILE B 58 15.53 28.33 -14.90
N PRO B 59 16.49 29.23 -15.15
CA PRO B 59 17.42 29.01 -16.27
C PRO B 59 18.22 27.73 -16.08
N ALA B 60 18.59 27.13 -17.20
CA ALA B 60 19.27 25.84 -17.19
C ALA B 60 20.70 25.93 -16.68
N ARG B 61 21.24 27.13 -16.47
CA ARG B 61 22.61 27.27 -15.99
C ARG B 61 22.78 26.74 -14.58
N PHE B 62 21.71 26.68 -13.78
CA PHE B 62 21.80 26.14 -12.44
C PHE B 62 21.75 24.63 -12.49
N SER B 63 22.64 23.98 -11.74
CA SER B 63 22.66 22.51 -11.69
C SER B 63 23.01 22.08 -10.28
N GLY B 64 22.14 21.26 -9.69
CA GLY B 64 22.38 20.72 -8.38
C GLY B 64 22.87 19.28 -8.45
N SER B 65 23.55 18.87 -7.38
CA SER B 65 24.04 17.50 -7.29
C SER B 65 24.35 17.19 -5.84
N GLY B 66 24.58 15.93 -5.56
CA GLY B 66 25.00 15.49 -4.24
C GLY B 66 23.90 14.72 -3.51
N SER B 67 24.29 14.22 -2.35
CA SER B 67 23.39 13.43 -1.50
C SER B 67 24.04 13.31 -0.13
N GLY B 68 23.38 12.57 0.75
CA GLY B 68 23.90 12.37 2.09
C GLY B 68 24.08 13.69 2.81
N THR B 69 25.30 13.96 3.26
CA THR B 69 25.64 15.20 3.94
C THR B 69 26.54 16.07 3.06
N ASP B 70 26.36 16.00 1.74
CA ASP B 70 27.21 16.77 0.84
C ASP B 70 26.42 17.09 -0.43
N PHE B 71 26.15 18.37 -0.66
CA PHE B 71 25.44 18.80 -1.86
C PHE B 71 26.18 19.98 -2.48
N THR B 72 25.99 20.14 -3.78
CA THR B 72 26.69 21.15 -4.55
C THR B 72 25.73 21.81 -5.52
N LEU B 73 25.84 23.13 -5.64
CA LEU B 73 25.11 23.90 -6.63
C LEU B 73 26.13 24.59 -7.54
N THR B 74 25.97 24.41 -8.85
CA THR B 74 26.88 24.95 -9.84
C THR B 74 26.11 25.90 -10.76
N ILE B 75 26.61 27.12 -10.87
CA ILE B 75 26.06 28.13 -11.76
C ILE B 75 27.06 28.31 -12.89
N ASN B 76 26.72 27.80 -14.07
CA ASN B 76 27.61 27.89 -15.22
C ASN B 76 27.43 29.24 -15.91
N SER B 77 28.48 30.05 -15.90
CA SER B 77 28.47 31.36 -16.55
C SER B 77 27.34 32.24 -15.99
N LEU B 78 27.46 32.56 -14.71
CA LEU B 78 26.44 33.34 -14.03
C LEU B 78 26.30 34.73 -14.65
N GLU B 79 25.05 35.20 -14.73
CA GLU B 79 24.76 36.53 -15.25
C GLU B 79 25.01 37.58 -14.16
N SER B 80 24.60 38.81 -14.43
CA SER B 80 24.70 39.88 -13.44
C SER B 80 23.62 39.81 -12.38
N GLU B 81 22.55 39.05 -12.62
CA GLU B 81 21.47 38.89 -11.65
C GLU B 81 21.73 37.76 -10.66
N ASP B 82 22.82 37.02 -10.82
CA ASP B 82 23.14 35.89 -9.96
C ASP B 82 23.98 36.28 -8.77
N PHE B 83 24.30 37.56 -8.61
CA PHE B 83 25.09 38.03 -7.47
C PHE B 83 24.14 38.27 -6.30
N ALA B 84 23.75 37.17 -5.66
CA ALA B 84 22.77 37.20 -4.59
C ALA B 84 23.25 36.27 -3.48
N VAL B 85 22.38 36.01 -2.52
CA VAL B 85 22.67 35.09 -1.43
C VAL B 85 22.00 33.75 -1.72
N TYR B 86 22.73 32.66 -1.51
CA TYR B 86 22.25 31.33 -1.86
C TYR B 86 22.10 30.50 -0.59
N PHE B 87 20.86 30.09 -0.31
CA PHE B 87 20.53 29.29 0.86
C PHE B 87 20.25 27.86 0.45
N CYS B 88 20.61 26.92 1.33
CA CYS B 88 20.25 25.52 1.17
C CYS B 88 19.30 25.13 2.29
N GLN B 89 18.18 24.51 1.91
CA GLN B 89 17.10 24.12 2.81
C GLN B 89 16.96 22.61 2.81
N GLN B 90 17.05 22.00 3.99
CA GLN B 90 16.73 20.58 4.12
C GLN B 90 15.26 20.43 4.45
N ARG B 91 14.62 19.43 3.84
CA ARG B 91 13.23 19.13 4.13
C ARG B 91 13.05 17.68 4.56
N ASN B 92 14.13 16.99 4.91
CA ASN B 92 14.06 15.61 5.38
C ASN B 92 13.60 15.50 6.83
N ASN B 93 13.61 16.59 7.58
CA ASN B 93 13.26 16.53 9.00
C ASN B 93 12.67 17.86 9.42
N TRP B 94 11.44 17.84 9.91
CA TRP B 94 10.84 19.06 10.45
C TRP B 94 11.53 19.41 11.76
N PRO B 95 11.87 20.70 12.00
CA PRO B 95 11.63 21.85 11.12
C PRO B 95 12.57 21.93 9.93
N PHE B 96 12.05 22.43 8.81
CA PHE B 96 12.84 22.57 7.59
C PHE B 96 13.82 23.71 7.80
N THR B 97 15.06 23.38 8.13
CA THR B 97 16.06 24.39 8.44
C THR B 97 16.75 24.89 7.18
N PHE B 98 16.93 26.20 7.10
CA PHE B 98 17.67 26.81 6.00
C PHE B 98 19.16 26.74 6.29
N GLY B 99 19.96 27.40 5.46
CA GLY B 99 21.39 27.48 5.67
C GLY B 99 21.82 28.92 5.93
N PRO B 100 23.06 29.11 6.38
CA PRO B 100 23.56 30.47 6.62
C PRO B 100 23.64 31.32 5.36
N GLY B 101 23.67 30.72 4.19
CA GLY B 101 23.74 31.48 2.95
C GLY B 101 25.16 31.76 2.51
N THR B 102 25.35 32.00 1.21
CA THR B 102 26.66 32.28 0.65
C THR B 102 26.52 33.43 -0.34
N LYS B 103 26.98 34.61 0.06
CA LYS B 103 26.91 35.77 -0.82
C LYS B 103 27.89 35.62 -1.98
N VAL B 104 27.41 35.93 -3.18
CA VAL B 104 28.23 35.87 -4.39
C VAL B 104 28.48 37.31 -4.84
N ASP B 105 29.75 37.72 -4.80
CA ASP B 105 30.12 39.08 -5.15
C ASP B 105 30.65 39.14 -6.58
N ILE B 106 31.07 40.32 -7.00
CA ILE B 106 31.62 40.55 -8.33
C ILE B 106 33.13 40.69 -8.19
N LYS B 107 33.87 39.88 -8.94
CA LYS B 107 35.32 39.98 -8.92
C LYS B 107 35.75 41.32 -9.51
N ARG B 108 36.78 41.90 -8.91
CA ARG B 108 37.27 43.21 -9.33
C ARG B 108 38.68 43.38 -8.80
N THR B 109 39.42 44.31 -9.40
CA THR B 109 40.77 44.61 -8.94
C THR B 109 40.72 45.08 -7.49
N VAL B 110 41.64 44.55 -6.68
CA VAL B 110 41.63 44.84 -5.25
C VAL B 110 42.00 46.30 -5.02
N ALA B 111 41.14 47.02 -4.30
CA ALA B 111 41.37 48.41 -3.96
C ALA B 111 41.69 48.54 -2.48
N ALA B 112 41.95 49.78 -2.05
CA ALA B 112 42.34 50.04 -0.69
C ALA B 112 41.45 51.12 -0.07
N PRO B 113 41.15 51.02 1.23
CA PRO B 113 40.24 51.99 1.85
C PRO B 113 40.94 53.31 2.13
N SER B 114 40.29 54.40 1.74
CA SER B 114 40.74 55.76 2.06
C SER B 114 40.18 56.09 3.44
N VAL B 115 40.95 55.76 4.48
CA VAL B 115 40.46 55.84 5.84
C VAL B 115 40.26 57.29 6.25
N PHE B 116 39.07 57.60 6.76
CA PHE B 116 38.74 58.93 7.26
C PHE B 116 38.38 58.84 8.73
N ILE B 117 38.77 59.86 9.50
CA ILE B 117 38.43 59.94 10.92
C ILE B 117 37.53 61.14 11.14
N PHE B 118 36.61 61.00 12.09
CA PHE B 118 35.67 62.06 12.41
C PHE B 118 35.50 62.20 13.92
N PRO B 119 35.93 63.32 14.50
CA PRO B 119 35.68 63.57 15.91
C PRO B 119 34.20 63.81 16.17
N PRO B 120 33.72 63.53 17.38
CA PRO B 120 32.32 63.82 17.69
C PRO B 120 32.04 65.31 17.58
N SER B 121 30.86 65.64 17.05
CA SER B 121 30.46 67.03 16.93
C SER B 121 30.23 67.65 18.32
N ASP B 122 30.51 68.94 18.42
CA ASP B 122 30.38 69.61 19.72
C ASP B 122 28.91 69.65 20.17
N GLU B 123 27.96 69.61 19.24
CA GLU B 123 26.57 69.47 19.63
C GLU B 123 26.35 68.17 20.38
N GLN B 124 26.93 67.07 19.87
CA GLN B 124 26.78 65.79 20.54
C GLN B 124 27.45 65.81 21.91
N LEU B 125 28.60 66.47 22.02
CA LEU B 125 29.24 66.67 23.31
C LEU B 125 28.36 67.46 24.26
N LYS B 126 27.60 68.43 23.76
CA LYS B 126 26.61 69.11 24.58
C LYS B 126 25.51 68.15 25.01
N SER B 127 25.14 67.21 24.14
CA SER B 127 24.10 66.24 24.50
C SER B 127 24.54 65.35 25.66
N GLY B 128 25.82 65.00 25.71
CA GLY B 128 26.34 64.19 26.80
C GLY B 128 26.96 62.88 26.35
N THR B 129 27.13 62.71 25.05
CA THR B 129 27.74 61.51 24.49
C THR B 129 28.66 61.92 23.35
N ALA B 130 29.50 60.97 22.94
CA ALA B 130 30.44 61.16 21.84
C ALA B 130 30.42 59.95 20.92
N SER B 131 30.55 60.21 19.62
CA SER B 131 30.59 59.14 18.64
C SER B 131 31.74 59.44 17.68
N VAL B 132 32.85 58.73 17.86
CA VAL B 132 34.01 58.84 16.98
C VAL B 132 33.70 58.00 15.75
N VAL B 133 33.78 58.61 14.58
CA VAL B 133 33.39 57.92 13.35
C VAL B 133 34.64 57.56 12.55
N CYS B 134 34.65 56.34 12.02
CA CYS B 134 35.75 55.85 11.19
C CYS B 134 35.17 55.38 9.87
N LEU B 135 35.75 55.84 8.77
CA LEU B 135 35.22 55.60 7.43
C LEU B 135 36.24 54.83 6.61
N LEU B 136 35.77 53.78 5.95
CA LEU B 136 36.57 53.00 5.01
C LEU B 136 35.83 53.02 3.67
N ASN B 137 36.54 53.35 2.59
CA ASN B 137 35.87 53.55 1.31
C ASN B 137 36.59 52.79 0.21
N ASN B 138 35.82 52.10 -0.63
CA ASN B 138 36.33 51.44 -1.84
C ASN B 138 37.40 50.39 -1.51
N PHE B 139 36.96 49.33 -0.86
CA PHE B 139 37.86 48.28 -0.39
C PHE B 139 37.17 46.92 -0.55
N TYR B 140 37.83 45.86 -0.05
CA TYR B 140 37.22 44.55 0.16
C TYR B 140 37.08 44.25 1.65
N PRO B 141 35.94 43.67 2.06
CA PRO B 141 35.70 43.50 3.50
C PRO B 141 36.54 42.40 4.12
N ARG B 142 37.55 42.81 4.89
CA ARG B 142 38.37 41.85 5.65
C ARG B 142 38.19 42.02 7.14
N GLU B 143 38.47 43.21 7.69
CA GLU B 143 38.41 43.46 9.12
C GLU B 143 38.70 44.95 9.32
N ALA B 144 38.27 45.47 10.47
CA ALA B 144 38.56 46.86 10.83
C ALA B 144 38.72 46.93 12.34
N LYS B 145 39.96 46.91 12.81
CA LYS B 145 40.26 46.90 14.24
C LYS B 145 40.23 48.32 14.79
N VAL B 146 39.02 48.87 14.87
CA VAL B 146 38.83 50.21 15.40
C VAL B 146 39.08 50.14 16.91
N GLN B 147 40.23 50.63 17.34
CA GLN B 147 40.69 50.46 18.70
C GLN B 147 40.44 51.74 19.51
N TRP B 148 40.79 51.67 20.79
CA TRP B 148 40.57 52.76 21.74
C TRP B 148 41.89 53.38 22.18
N SER B 159 33.12 45.92 23.50
CA SER B 159 33.57 47.21 23.02
C SER B 159 32.40 48.02 22.45
N GLN B 160 32.71 48.93 21.53
CA GLN B 160 31.72 49.80 20.88
C GLN B 160 31.97 49.70 19.38
N GLU B 161 31.30 48.75 18.73
CA GLU B 161 31.55 48.42 17.33
C GLU B 161 30.29 48.64 16.51
N SER B 162 30.47 49.11 15.28
CA SER B 162 29.38 49.33 14.35
C SER B 162 29.78 48.82 12.97
N VAL B 163 28.90 48.04 12.35
CA VAL B 163 29.20 47.41 11.07
C VAL B 163 28.49 48.18 9.96
N THR B 164 29.03 48.07 8.74
CA THR B 164 28.41 48.67 7.57
C THR B 164 29.01 48.05 6.32
N GLU B 165 28.15 47.62 5.40
CA GLU B 165 28.58 46.97 4.17
C GLU B 165 27.54 47.26 3.09
N GLN B 166 27.58 46.48 2.00
CA GLN B 166 26.55 46.48 0.97
C GLN B 166 26.42 47.85 0.30
N ASP B 167 27.51 48.26 -0.35
CA ASP B 167 27.54 49.51 -1.10
C ASP B 167 28.22 49.32 -2.45
N SER B 168 28.04 48.16 -3.07
CA SER B 168 28.70 47.80 -4.32
C SER B 168 27.67 47.81 -5.44
N LYS B 169 27.61 48.90 -6.19
CA LYS B 169 26.77 48.97 -7.38
C LYS B 169 27.56 48.64 -8.64
N ASP B 170 28.59 49.44 -8.93
CA ASP B 170 29.53 49.16 -10.00
C ASP B 170 30.97 49.20 -9.50
N SER B 171 31.17 49.15 -8.19
CA SER B 171 32.48 49.29 -7.58
C SER B 171 32.46 48.47 -6.29
N THR B 172 33.41 48.73 -5.40
CA THR B 172 33.58 47.94 -4.18
C THR B 172 32.76 48.56 -3.03
N TYR B 173 33.03 48.09 -1.81
CA TYR B 173 32.20 48.36 -0.65
C TYR B 173 32.51 49.70 0.01
N SER B 174 31.94 49.90 1.19
CA SER B 174 32.20 51.06 2.04
C SER B 174 31.71 50.73 3.44
N LEU B 175 32.54 50.98 4.45
CA LEU B 175 32.25 50.62 5.82
C LEU B 175 32.33 51.82 6.73
N SER B 176 31.52 51.80 7.80
CA SER B 176 31.56 52.80 8.84
C SER B 176 31.68 52.11 10.19
N SER B 177 32.32 52.80 11.13
CA SER B 177 32.45 52.30 12.48
C SER B 177 32.24 53.45 13.45
N THR B 178 31.57 53.17 14.56
CA THR B 178 31.25 54.20 15.54
C THR B 178 31.75 53.76 16.91
N LEU B 179 32.53 54.63 17.54
CA LEU B 179 32.98 54.45 18.92
C LEU B 179 32.09 55.32 19.79
N THR B 180 31.31 54.69 20.66
CA THR B 180 30.35 55.40 21.50
C THR B 180 30.94 55.57 22.89
N LEU B 181 31.03 56.82 23.34
CA LEU B 181 31.59 57.17 24.64
C LEU B 181 30.63 58.12 25.36
N SER B 182 30.83 58.26 26.67
CA SER B 182 29.96 59.07 27.51
C SER B 182 30.40 60.53 27.44
N LYS B 183 29.85 61.35 28.35
CA LYS B 183 30.15 62.77 28.36
C LYS B 183 31.63 63.02 28.59
N ALA B 184 32.22 62.31 29.55
CA ALA B 184 33.65 62.45 29.86
C ALA B 184 34.30 61.09 29.68
N ASP B 185 34.66 60.79 28.43
CA ASP B 185 35.44 59.58 28.13
C ASP B 185 36.55 59.78 27.12
N TYR B 186 36.49 60.79 26.25
CA TYR B 186 37.50 60.96 25.21
C TYR B 186 38.63 61.89 25.62
N GLU B 187 38.33 63.01 26.29
CA GLU B 187 39.39 63.91 26.73
C GLU B 187 40.33 63.24 27.73
N LYS B 188 39.89 62.14 28.35
CA LYS B 188 40.80 61.37 29.20
C LYS B 188 41.94 60.78 28.39
N HIS B 189 41.68 60.33 27.17
CA HIS B 189 42.68 59.71 26.31
C HIS B 189 42.97 60.66 25.17
N LYS B 190 44.08 61.41 25.28
CA LYS B 190 44.48 62.33 24.22
C LYS B 190 44.77 61.60 22.91
N VAL B 191 45.21 60.35 22.98
CA VAL B 191 45.39 59.52 21.79
C VAL B 191 44.37 58.38 21.85
N TYR B 192 43.51 58.31 20.86
CA TYR B 192 42.44 57.33 20.78
C TYR B 192 42.36 56.76 19.37
N ALA B 193 43.52 56.38 18.84
CA ALA B 193 43.69 56.12 17.43
C ALA B 193 42.78 54.99 16.94
N CYS B 194 42.60 54.97 15.62
CA CYS B 194 41.84 53.94 14.91
C CYS B 194 42.77 53.18 13.99
N GLU B 195 42.71 51.86 14.07
CA GLU B 195 43.54 50.95 13.29
C GLU B 195 42.68 50.21 12.28
N VAL B 196 43.22 50.02 11.07
CA VAL B 196 42.51 49.23 10.06
C VAL B 196 43.50 48.30 9.37
N THR B 197 43.07 47.06 9.14
CA THR B 197 43.84 46.07 8.40
C THR B 197 43.04 45.63 7.18
N HIS B 198 43.74 45.48 6.05
CA HIS B 198 43.07 45.13 4.80
C HIS B 198 44.00 44.27 3.97
N GLN B 199 43.41 43.31 3.23
CA GLN B 199 44.20 42.47 2.34
C GLN B 199 44.86 43.29 1.25
N GLY B 200 44.14 44.28 0.71
CA GLY B 200 44.69 45.14 -0.32
C GLY B 200 45.61 46.23 0.18
N LEU B 201 45.78 46.35 1.48
CA LEU B 201 46.70 47.31 2.07
C LEU B 201 48.04 46.64 2.38
N SER B 202 49.08 47.47 2.48
CA SER B 202 50.41 47.00 2.82
C SER B 202 50.69 47.00 4.32
N SER B 203 50.24 48.03 5.03
CA SER B 203 50.40 48.11 6.47
C SER B 203 49.07 48.57 7.07
N PRO B 204 48.73 48.14 8.27
CA PRO B 204 47.49 48.62 8.90
C PRO B 204 47.51 50.13 9.09
N VAL B 205 46.54 50.82 8.49
CA VAL B 205 46.53 52.28 8.50
C VAL B 205 45.89 52.79 9.79
N THR B 206 46.52 53.80 10.38
CA THR B 206 46.10 54.37 11.65
C THR B 206 45.75 55.83 11.47
N LYS B 207 44.62 56.24 12.03
CA LYS B 207 44.16 57.62 11.99
C LYS B 207 43.76 58.06 13.38
N SER B 208 44.20 59.27 13.79
CA SER B 208 43.93 59.76 15.13
C SER B 208 43.88 61.28 15.12
N PHE B 209 43.56 61.85 16.28
CA PHE B 209 43.47 63.29 16.48
C PHE B 209 43.56 63.53 17.99
N ASN B 210 43.29 64.77 18.41
CA ASN B 210 43.38 65.13 19.82
C ASN B 210 42.30 64.43 20.65
N GLY C 2 -13.30 -4.73 22.98
CA GLY C 2 -13.65 -3.39 22.57
C GLY C 2 -13.39 -3.11 21.11
N VAL C 3 -14.46 -2.84 20.36
CA VAL C 3 -14.38 -2.49 18.95
C VAL C 3 -15.00 -1.11 18.78
N PHE C 4 -14.22 -0.17 18.26
CA PHE C 4 -14.64 1.22 18.16
C PHE C 4 -14.48 1.71 16.73
N ASN C 5 -15.54 2.30 16.18
CA ASN C 5 -15.55 2.72 14.79
C ASN C 5 -15.54 4.24 14.70
N TYR C 6 -14.72 4.75 13.78
CA TYR C 6 -14.64 6.17 13.51
C TYR C 6 -14.69 6.38 12.00
N GLU C 7 -15.26 7.51 11.59
CA GLU C 7 -15.40 7.83 10.18
C GLU C 7 -14.96 9.27 9.95
N THR C 8 -14.20 9.49 8.89
CA THR C 8 -13.82 10.82 8.46
C THR C 8 -14.09 10.95 6.96
N GLU C 9 -14.26 12.19 6.53
CA GLU C 9 -14.56 12.48 5.13
C GLU C 9 -13.75 13.72 4.74
N THR C 10 -12.59 13.50 4.14
CA THR C 10 -11.73 14.59 3.71
C THR C 10 -11.93 14.85 2.22
N THR C 11 -11.40 15.97 1.76
CA THR C 11 -11.58 16.39 0.37
C THR C 11 -10.23 16.58 -0.29
N SER C 12 -10.26 16.61 -1.62
CA SER C 12 -9.06 16.86 -2.41
C SER C 12 -9.47 17.46 -3.74
N VAL C 13 -8.51 18.15 -4.37
CA VAL C 13 -8.75 18.78 -5.67
C VAL C 13 -8.21 17.93 -6.82
N ILE C 14 -7.69 16.75 -6.52
CA ILE C 14 -7.13 15.85 -7.52
C ILE C 14 -8.23 14.89 -7.96
N PRO C 15 -8.36 14.60 -9.26
CA PRO C 15 -9.39 13.65 -9.70
C PRO C 15 -9.22 12.29 -9.03
N ALA C 16 -10.35 11.61 -8.82
CA ALA C 16 -10.34 10.41 -7.99
C ALA C 16 -9.45 9.32 -8.57
N ALA C 17 -9.48 9.11 -9.89
CA ALA C 17 -8.65 8.08 -10.49
C ALA C 17 -7.18 8.39 -10.29
N ARG C 18 -6.78 9.63 -10.55
CA ARG C 18 -5.37 10.03 -10.37
C ARG C 18 -4.95 9.94 -8.92
N LEU C 19 -5.80 10.40 -8.00
CA LEU C 19 -5.46 10.36 -6.59
C LEU C 19 -5.37 8.94 -6.07
N PHE C 20 -6.20 8.03 -6.56
CA PHE C 20 -6.05 6.63 -6.17
C PHE C 20 -4.80 6.03 -6.78
N LYS C 21 -4.47 6.41 -8.02
CA LYS C 21 -3.28 5.88 -8.67
C LYS C 21 -2.01 6.32 -7.96
N ALA C 22 -2.01 7.51 -7.37
CA ALA C 22 -0.81 8.05 -6.72
C ALA C 22 -0.79 7.80 -5.22
N PHE C 23 -1.82 8.22 -4.50
CA PHE C 23 -1.84 8.16 -3.05
C PHE C 23 -1.95 6.73 -2.54
N ILE C 24 -2.78 5.90 -3.16
CA ILE C 24 -3.03 4.55 -2.66
C ILE C 24 -2.09 3.55 -3.30
N LEU C 25 -2.17 3.43 -4.63
CA LEU C 25 -1.37 2.43 -5.34
C LEU C 25 0.11 2.72 -5.19
N ASP C 26 0.55 3.88 -5.67
CA ASP C 26 1.97 4.25 -5.61
C ASP C 26 2.28 5.03 -4.34
N GLY C 27 1.90 4.48 -3.20
CA GLY C 27 2.16 5.12 -1.93
C GLY C 27 3.49 4.73 -1.36
N ASP C 28 4.08 3.65 -1.87
CA ASP C 28 5.39 3.22 -1.39
C ASP C 28 6.49 4.11 -1.93
N ASN C 29 6.32 4.67 -3.13
CA ASN C 29 7.33 5.51 -3.75
C ASN C 29 7.10 7.00 -3.53
N LEU C 30 5.97 7.39 -2.94
CA LEU C 30 5.68 8.80 -2.71
C LEU C 30 5.83 9.19 -1.25
N PHE C 31 5.24 8.43 -0.33
CA PHE C 31 5.31 8.77 1.09
C PHE C 31 6.73 9.00 1.60
N PRO C 32 7.73 8.17 1.28
CA PRO C 32 9.10 8.50 1.69
C PRO C 32 9.71 9.65 0.89
N LYS C 33 9.04 10.14 -0.15
CA LYS C 33 9.55 11.19 -1.00
C LYS C 33 8.78 12.49 -0.88
N VAL C 34 7.45 12.44 -0.79
CA VAL C 34 6.67 13.66 -0.65
C VAL C 34 6.52 14.09 0.81
N ALA C 35 6.58 13.17 1.76
CA ALA C 35 6.51 13.49 3.19
C ALA C 35 7.59 12.74 3.93
N PRO C 36 8.86 13.08 3.69
CA PRO C 36 9.96 12.41 4.42
C PRO C 36 10.08 12.85 5.86
N GLN C 37 9.42 13.95 6.25
CA GLN C 37 9.40 14.38 7.63
C GLN C 37 8.46 13.56 8.48
N ALA C 38 7.62 12.72 7.88
CA ALA C 38 6.68 11.88 8.60
C ALA C 38 6.95 10.39 8.43
N ILE C 39 7.34 9.95 7.23
CA ILE C 39 7.63 8.55 6.97
C ILE C 39 9.03 8.42 6.40
N SER C 40 9.87 7.64 7.07
CA SER C 40 11.23 7.42 6.57
C SER C 40 11.21 6.53 5.34
N SER C 41 10.47 5.41 5.39
CA SER C 41 10.48 4.47 4.26
C SER C 41 9.34 3.48 4.39
N VAL C 42 8.62 3.26 3.29
CA VAL C 42 7.61 2.23 3.19
C VAL C 42 8.15 1.09 2.34
N GLU C 43 8.00 -0.14 2.81
CA GLU C 43 8.52 -1.27 2.05
C GLU C 43 7.63 -2.49 2.25
N ASN C 44 7.33 -3.19 1.16
CA ASN C 44 6.49 -4.39 1.21
C ASN C 44 7.35 -5.55 1.66
N ILE C 45 7.28 -5.91 2.94
CA ILE C 45 8.07 -7.03 3.44
C ILE C 45 7.47 -8.37 3.11
N GLU C 46 6.29 -8.40 2.52
CA GLU C 46 5.66 -9.63 2.05
C GLU C 46 4.53 -9.27 1.09
N GLY C 47 4.49 -9.92 -0.06
CA GLY C 47 3.56 -9.52 -1.10
C GLY C 47 4.13 -8.40 -1.95
N ASN C 48 3.32 -7.94 -2.89
CA ASN C 48 3.76 -6.89 -3.81
C ASN C 48 2.78 -5.72 -3.87
N GLY C 49 1.88 -5.61 -2.91
CA GLY C 49 0.88 -4.56 -2.89
C GLY C 49 -0.56 -5.08 -2.94
N GLY C 50 -0.74 -6.30 -3.41
CA GLY C 50 -2.05 -6.89 -3.49
C GLY C 50 -2.52 -7.36 -2.14
N PRO C 51 -3.71 -7.96 -2.11
CA PRO C 51 -4.26 -8.45 -0.84
C PRO C 51 -3.30 -9.41 -0.15
N GLY C 52 -3.15 -9.24 1.17
CA GLY C 52 -2.21 -10.01 1.93
C GLY C 52 -0.83 -9.39 2.05
N THR C 53 -0.56 -8.31 1.31
CA THR C 53 0.72 -7.62 1.43
C THR C 53 0.89 -7.06 2.83
N ILE C 54 2.11 -7.10 3.33
CA ILE C 54 2.45 -6.56 4.64
C ILE C 54 3.46 -5.44 4.42
N LYS C 55 2.98 -4.21 4.49
CA LYS C 55 3.83 -3.03 4.32
C LYS C 55 4.40 -2.64 5.68
N LYS C 56 5.72 -2.57 5.78
CA LYS C 56 6.38 -2.00 6.94
C LYS C 56 6.67 -0.54 6.67
N ILE C 57 6.14 0.34 7.50
CA ILE C 57 6.32 1.77 7.39
C ILE C 57 7.22 2.19 8.55
N SER C 58 8.40 2.73 8.21
CA SER C 58 9.38 3.17 9.19
C SER C 58 9.37 4.69 9.22
N PHE C 59 9.24 5.24 10.42
CA PHE C 59 9.17 6.67 10.70
C PHE C 59 10.55 7.21 11.04
N PRO C 60 10.77 8.51 10.87
CA PRO C 60 12.07 9.08 11.23
C PRO C 60 12.33 9.03 12.72
N GLU C 61 13.53 9.44 13.13
CA GLU C 61 13.88 9.44 14.55
C GLU C 61 13.04 10.46 15.30
N GLY C 62 12.77 10.17 16.56
CA GLY C 62 12.03 11.05 17.44
C GLY C 62 10.53 10.86 17.46
N PHE C 63 9.97 10.06 16.57
CA PHE C 63 8.54 9.79 16.66
C PHE C 63 8.27 8.67 17.66
N PRO C 64 7.07 8.64 18.25
CA PRO C 64 6.80 7.66 19.32
C PRO C 64 6.95 6.23 18.88
N PHE C 65 6.69 5.91 17.62
CA PHE C 65 6.71 4.54 17.13
C PHE C 65 7.81 4.39 16.08
N LYS C 66 8.59 3.31 16.20
CA LYS C 66 9.67 3.07 15.25
C LYS C 66 9.13 2.64 13.89
N TYR C 67 8.06 1.86 13.87
CA TYR C 67 7.51 1.34 12.62
C TYR C 67 6.10 0.84 12.88
N VAL C 68 5.35 0.66 11.79
CA VAL C 68 4.06 0.00 11.80
C VAL C 68 4.04 -1.01 10.66
N LYS C 69 3.12 -1.97 10.76
CA LYS C 69 2.93 -2.97 9.72
C LYS C 69 1.46 -3.01 9.33
N ASP C 70 1.17 -2.62 8.10
CA ASP C 70 -0.19 -2.61 7.57
C ASP C 70 -0.37 -3.83 6.67
N ARG C 71 -1.35 -4.66 6.97
CA ARG C 71 -1.64 -5.84 6.15
C ARG C 71 -2.69 -5.43 5.12
N VAL C 72 -2.26 -5.24 3.89
CA VAL C 72 -3.20 -4.86 2.83
C VAL C 72 -4.18 -6.00 2.63
N ASP C 73 -5.47 -5.69 2.67
CA ASP C 73 -6.52 -6.70 2.61
C ASP C 73 -7.32 -6.66 1.32
N GLU C 74 -7.70 -5.49 0.84
CA GLU C 74 -8.43 -5.38 -0.42
C GLU C 74 -7.96 -4.15 -1.18
N VAL C 75 -7.81 -4.29 -2.49
CA VAL C 75 -7.49 -3.16 -3.36
C VAL C 75 -8.39 -3.26 -4.58
N ASP C 76 -9.47 -2.50 -4.60
CA ASP C 76 -10.41 -2.50 -5.71
C ASP C 76 -10.09 -1.28 -6.58
N HIS C 77 -9.54 -1.55 -7.78
CA HIS C 77 -9.10 -0.48 -8.66
C HIS C 77 -10.26 0.24 -9.33
N THR C 78 -11.36 -0.46 -9.61
CA THR C 78 -12.46 0.16 -10.34
C THR C 78 -13.25 1.13 -9.47
N ASN C 79 -13.44 0.83 -8.19
CA ASN C 79 -14.15 1.71 -7.28
C ASN C 79 -13.21 2.45 -6.34
N PHE C 80 -11.89 2.34 -6.54
CA PHE C 80 -10.90 3.10 -5.78
C PHE C 80 -11.03 2.85 -4.28
N LYS C 81 -11.10 1.58 -3.91
CA LYS C 81 -11.23 1.20 -2.51
C LYS C 81 -9.95 0.51 -2.04
N TYR C 82 -9.56 0.79 -0.80
CA TYR C 82 -8.32 0.26 -0.26
C TYR C 82 -8.53 -0.08 1.20
N ASN C 83 -8.59 -1.37 1.51
CA ASN C 83 -8.80 -1.86 2.87
C ASN C 83 -7.49 -2.45 3.36
N TYR C 84 -6.97 -1.92 4.47
CA TYR C 84 -5.78 -2.46 5.10
C TYR C 84 -6.03 -2.59 6.59
N SER C 85 -5.03 -3.07 7.31
CA SER C 85 -5.20 -3.35 8.74
C SER C 85 -3.84 -3.23 9.42
N VAL C 86 -3.69 -2.23 10.28
CA VAL C 86 -2.51 -2.14 11.13
C VAL C 86 -2.55 -3.31 12.10
N ILE C 87 -1.51 -4.13 12.09
CA ILE C 87 -1.49 -5.37 12.85
C ILE C 87 -0.32 -5.49 13.81
N GLU C 88 0.79 -4.80 13.57
CA GLU C 88 1.94 -4.91 14.44
C GLU C 88 2.69 -3.60 14.45
N GLY C 89 3.37 -3.32 15.57
CA GLY C 89 4.12 -2.09 15.71
C GLY C 89 3.22 -0.89 15.84
N GLY C 90 3.80 0.30 15.99
CA GLY C 90 3.04 1.50 16.14
C GLY C 90 2.22 1.51 17.42
N PRO C 91 0.95 1.91 17.31
CA PRO C 91 0.10 2.03 18.50
C PRO C 91 -0.37 0.70 19.06
N ILE C 92 0.02 -0.43 18.48
CA ILE C 92 -0.54 -1.72 18.84
C ILE C 92 0.34 -2.29 19.95
N GLY C 93 -0.10 -2.10 21.19
CA GLY C 93 0.57 -2.67 22.34
C GLY C 93 -0.41 -3.42 23.23
N ASP C 94 -0.46 -3.03 24.50
CA ASP C 94 -1.43 -3.63 25.41
C ASP C 94 -2.84 -3.16 25.12
N THR C 95 -3.01 -1.87 24.81
CA THR C 95 -4.35 -1.33 24.61
C THR C 95 -4.94 -1.79 23.29
N LEU C 96 -4.31 -1.41 22.17
CA LEU C 96 -4.82 -1.76 20.86
C LEU C 96 -4.35 -3.16 20.46
N GLU C 97 -5.05 -3.73 19.52
CA GLU C 97 -4.70 -5.02 18.95
C GLU C 97 -4.63 -4.98 17.44
N LYS C 98 -5.51 -4.24 16.79
CA LYS C 98 -5.61 -4.22 15.34
C LYS C 98 -6.48 -3.06 14.93
N ILE C 99 -6.04 -2.32 13.92
CA ILE C 99 -6.77 -1.16 13.44
C ILE C 99 -7.13 -1.42 11.98
N SER C 100 -8.39 -1.78 11.73
CA SER C 100 -8.86 -2.05 10.38
C SER C 100 -9.27 -0.73 9.73
N ASN C 101 -8.57 -0.34 8.68
CA ASN C 101 -8.84 0.93 8.02
C ASN C 101 -9.30 0.69 6.58
N GLU C 102 -10.16 1.58 6.11
CA GLU C 102 -10.63 1.56 4.74
C GLU C 102 -10.63 2.98 4.19
N ILE C 103 -10.12 3.13 2.97
CA ILE C 103 -10.11 4.43 2.29
C ILE C 103 -10.80 4.25 0.95
N LYS C 104 -11.86 5.01 0.72
CA LYS C 104 -12.56 5.00 -0.55
C LYS C 104 -12.52 6.38 -1.16
N ILE C 105 -12.10 6.47 -2.41
CA ILE C 105 -11.94 7.74 -3.10
C ILE C 105 -13.11 7.87 -4.07
N VAL C 106 -14.02 8.80 -3.75
CA VAL C 106 -15.24 9.01 -4.52
C VAL C 106 -15.07 10.27 -5.36
N ALA C 107 -15.29 10.15 -6.67
CA ALA C 107 -15.17 11.30 -7.55
C ALA C 107 -16.33 12.25 -7.33
N THR C 108 -16.03 13.53 -7.19
CA THR C 108 -17.05 14.56 -7.03
C THR C 108 -17.37 15.20 -8.37
N PRO C 109 -18.59 15.72 -8.54
CA PRO C 109 -18.93 16.37 -9.81
C PRO C 109 -18.08 17.59 -10.11
N ASP C 110 -17.63 18.33 -9.09
CA ASP C 110 -16.88 19.56 -9.32
C ASP C 110 -15.48 19.31 -9.87
N GLY C 111 -15.02 18.06 -9.88
CA GLY C 111 -13.72 17.70 -10.41
C GLY C 111 -12.74 17.17 -9.38
N GLY C 112 -12.94 17.49 -8.10
CA GLY C 112 -12.06 17.00 -7.06
C GLY C 112 -12.35 15.55 -6.68
N SER C 113 -12.18 15.22 -5.41
CA SER C 113 -12.49 13.89 -4.93
C SER C 113 -12.70 13.97 -3.42
N ILE C 114 -13.31 12.92 -2.88
CA ILE C 114 -13.60 12.82 -1.45
C ILE C 114 -13.02 11.50 -0.94
N LEU C 115 -12.21 11.59 0.11
CA LEU C 115 -11.67 10.41 0.77
C LEU C 115 -12.58 10.09 1.95
N LYS C 116 -13.33 8.99 1.84
CA LYS C 116 -14.13 8.46 2.94
C LYS C 116 -13.28 7.42 3.66
N ILE C 117 -12.92 7.70 4.90
CA ILE C 117 -12.02 6.86 5.68
C ILE C 117 -12.78 6.28 6.84
N SER C 118 -12.70 4.96 7.01
CA SER C 118 -13.40 4.25 8.07
C SER C 118 -12.38 3.45 8.85
N ASN C 119 -12.17 3.81 10.12
CA ASN C 119 -11.24 3.11 10.99
C ASN C 119 -12.00 2.34 12.05
N LYS C 120 -11.44 1.20 12.44
CA LYS C 120 -12.06 0.32 13.42
C LYS C 120 -10.97 -0.23 14.33
N TYR C 121 -10.92 0.25 15.57
CA TYR C 121 -9.91 -0.14 16.52
C TYR C 121 -10.40 -1.30 17.36
N HIS C 122 -9.53 -2.27 17.59
CA HIS C 122 -9.84 -3.44 18.41
C HIS C 122 -9.03 -3.33 19.70
N THR C 123 -9.60 -2.67 20.70
CA THR C 123 -8.96 -2.55 21.99
C THR C 123 -9.13 -3.83 22.79
N LYS C 124 -8.05 -4.27 23.41
CA LYS C 124 -8.08 -5.51 24.19
C LYS C 124 -8.87 -5.32 25.47
N GLY C 125 -9.64 -6.34 25.85
CA GLY C 125 -10.41 -6.31 27.07
C GLY C 125 -11.44 -5.20 27.10
N ASP C 126 -11.28 -4.28 28.04
CA ASP C 126 -12.18 -3.13 28.16
C ASP C 126 -11.38 -1.82 28.15
N HIS C 127 -10.44 -1.69 27.23
CA HIS C 127 -9.66 -0.46 27.14
C HIS C 127 -10.33 0.50 26.17
N GLU C 128 -10.08 1.79 26.38
CA GLU C 128 -10.60 2.84 25.52
C GLU C 128 -9.55 3.28 24.52
N VAL C 129 -10.02 3.84 23.41
CA VAL C 129 -9.13 4.32 22.37
C VAL C 129 -8.57 5.67 22.81
N LYS C 130 -7.25 5.79 22.87
CA LYS C 130 -6.62 7.03 23.27
C LYS C 130 -6.95 8.13 22.27
N ALA C 131 -7.52 9.23 22.77
CA ALA C 131 -7.85 10.34 21.88
C ALA C 131 -6.61 10.88 21.19
N GLU C 132 -5.47 10.85 21.87
CA GLU C 132 -4.22 11.25 21.21
C GLU C 132 -3.86 10.32 20.07
N GLN C 133 -4.17 9.02 20.19
CA GLN C 133 -3.90 8.11 19.08
C GLN C 133 -4.77 8.42 17.88
N VAL C 134 -6.06 8.70 18.10
CA VAL C 134 -6.94 9.07 17.00
C VAL C 134 -6.47 10.36 16.35
N LYS C 135 -6.09 11.35 17.18
CA LYS C 135 -5.60 12.61 16.64
C LYS C 135 -4.32 12.42 15.83
N ALA C 136 -3.41 11.58 16.32
CA ALA C 136 -2.17 11.32 15.59
C ALA C 136 -2.43 10.62 14.28
N SER C 137 -3.35 9.65 14.26
CA SER C 137 -3.69 8.99 13.01
C SER C 137 -4.31 9.96 12.03
N LYS C 138 -5.20 10.83 12.52
CA LYS C 138 -5.80 11.84 11.64
C LYS C 138 -4.74 12.77 11.07
N GLU C 139 -3.80 13.22 11.91
CA GLU C 139 -2.76 14.12 11.43
C GLU C 139 -1.85 13.45 10.42
N MET C 140 -1.49 12.18 10.65
CA MET C 140 -0.65 11.47 9.70
C MET C 140 -1.37 11.29 8.38
N GLY C 141 -2.65 10.90 8.42
CA GLY C 141 -3.40 10.79 7.19
C GLY C 141 -3.50 12.10 6.45
N GLU C 142 -3.73 13.19 7.18
CA GLU C 142 -3.83 14.51 6.55
C GLU C 142 -2.52 14.92 5.90
N THR C 143 -1.40 14.74 6.61
CA THR C 143 -0.14 15.18 6.04
C THR C 143 0.24 14.34 4.83
N LEU C 144 -0.04 13.03 4.86
CA LEU C 144 0.26 12.20 3.70
C LEU C 144 -0.62 12.60 2.51
N LEU C 145 -1.92 12.79 2.75
CA LEU C 145 -2.81 13.18 1.66
C LEU C 145 -2.42 14.52 1.08
N ARG C 146 -2.09 15.49 1.93
CA ARG C 146 -1.74 16.81 1.44
C ARG C 146 -0.40 16.80 0.72
N ALA C 147 0.57 16.01 1.20
CA ALA C 147 1.84 15.92 0.49
C ALA C 147 1.67 15.27 -0.88
N VAL C 148 0.86 14.22 -0.97
CA VAL C 148 0.61 13.60 -2.27
C VAL C 148 -0.16 14.54 -3.18
N GLU C 149 -1.09 15.30 -2.61
CA GLU C 149 -1.84 16.29 -3.39
C GLU C 149 -0.91 17.37 -3.94
N SER C 150 0.04 17.82 -3.13
CA SER C 150 1.00 18.81 -3.61
C SER C 150 1.93 18.22 -4.66
N TYR C 151 2.31 16.94 -4.51
CA TYR C 151 3.11 16.29 -5.53
C TYR C 151 2.37 16.25 -6.86
N LEU C 152 1.07 15.94 -6.82
CA LEU C 152 0.30 15.86 -8.05
C LEU C 152 -0.02 17.25 -8.62
N LEU C 153 -0.12 18.26 -7.76
CA LEU C 153 -0.36 19.62 -8.24
C LEU C 153 0.90 20.22 -8.88
N ALA C 154 2.05 20.02 -8.25
CA ALA C 154 3.30 20.53 -8.81
C ALA C 154 3.64 19.82 -10.12
N HIS C 155 3.62 18.48 -10.10
CA HIS C 155 3.91 17.69 -11.29
C HIS C 155 2.59 17.31 -11.94
N SER C 156 2.09 18.22 -12.78
CA SER C 156 0.77 18.07 -13.39
C SER C 156 0.69 16.89 -14.35
N ASP C 157 1.81 16.32 -14.76
CA ASP C 157 1.83 15.20 -15.68
C ASP C 157 2.04 13.86 -15.01
N ALA C 158 2.31 13.84 -13.71
CA ALA C 158 2.54 12.57 -13.02
C ALA C 158 1.23 11.82 -12.85
N TYR C 159 1.25 10.53 -13.17
CA TYR C 159 0.08 9.66 -13.09
C TYR C 159 -1.07 10.23 -13.95
N ASN C 160 -0.81 10.32 -15.24
CA ASN C 160 -1.77 10.84 -16.21
C ASN C 160 -2.19 12.27 -15.89
N GLN D 1 -0.69 -24.88 1.40
CA GLN D 1 0.74 -24.76 1.18
C GLN D 1 1.03 -24.19 -0.20
N VAL D 2 2.12 -23.45 -0.29
CA VAL D 2 2.51 -22.83 -1.56
C VAL D 2 3.18 -23.87 -2.44
N GLN D 3 2.77 -23.94 -3.70
CA GLN D 3 3.29 -24.91 -4.64
C GLN D 3 3.42 -24.25 -6.01
N LEU D 4 4.62 -24.24 -6.56
CA LEU D 4 4.87 -23.72 -7.89
C LEU D 4 5.31 -24.89 -8.77
N VAL D 5 4.39 -25.43 -9.55
CA VAL D 5 4.71 -26.50 -10.47
C VAL D 5 5.00 -25.89 -11.84
N GLN D 6 5.70 -26.63 -12.68
CA GLN D 6 6.13 -26.12 -13.98
C GLN D 6 5.74 -27.10 -15.07
N SER D 7 6.06 -26.75 -16.30
CA SER D 7 5.80 -27.62 -17.45
C SER D 7 6.89 -28.68 -17.51
N GLY D 8 6.94 -29.42 -18.62
CA GLY D 8 7.93 -30.47 -18.80
C GLY D 8 9.13 -29.98 -19.60
N ALA D 9 10.17 -30.81 -19.61
CA ALA D 9 11.36 -30.51 -20.39
C ALA D 9 11.01 -30.43 -21.87
N GLU D 10 11.62 -29.48 -22.57
CA GLU D 10 11.28 -29.24 -23.96
C GLU D 10 12.54 -29.14 -24.81
N VAL D 11 12.46 -29.70 -26.02
CA VAL D 11 13.50 -29.58 -27.03
C VAL D 11 13.04 -28.57 -28.07
N LYS D 12 13.96 -27.70 -28.49
CA LYS D 12 13.63 -26.65 -29.44
C LYS D 12 14.75 -26.51 -30.45
N LYS D 13 14.38 -26.10 -31.65
CA LYS D 13 15.36 -25.82 -32.69
C LYS D 13 15.96 -24.43 -32.48
N PRO D 14 17.20 -24.21 -32.90
CA PRO D 14 17.80 -22.88 -32.77
C PRO D 14 16.99 -21.84 -33.54
N GLY D 15 16.70 -20.73 -32.87
CA GLY D 15 15.89 -19.68 -33.45
C GLY D 15 14.41 -19.81 -33.22
N ALA D 16 13.96 -20.88 -32.57
CA ALA D 16 12.55 -21.09 -32.30
C ALA D 16 12.16 -20.31 -31.04
N SER D 17 10.96 -20.57 -30.52
CA SER D 17 10.45 -19.88 -29.35
C SER D 17 9.88 -20.91 -28.38
N VAL D 18 10.33 -20.87 -27.13
CA VAL D 18 9.87 -21.77 -26.09
C VAL D 18 8.96 -20.99 -25.16
N LYS D 19 8.02 -21.70 -24.53
CA LYS D 19 7.08 -21.10 -23.59
C LYS D 19 7.01 -22.00 -22.36
N VAL D 20 7.56 -21.51 -21.24
CA VAL D 20 7.55 -22.24 -19.98
C VAL D 20 6.41 -21.71 -19.13
N SER D 21 5.58 -22.61 -18.60
CA SER D 21 4.44 -22.26 -17.80
C SER D 21 4.67 -22.69 -16.35
N CYS D 22 4.27 -21.82 -15.41
CA CYS D 22 4.44 -22.07 -14.00
C CYS D 22 3.09 -21.87 -13.32
N LYS D 23 2.50 -22.96 -12.84
CA LYS D 23 1.24 -22.89 -12.12
C LYS D 23 1.53 -22.70 -10.64
N ALA D 24 1.02 -21.61 -10.08
CA ALA D 24 1.22 -21.26 -8.68
C ALA D 24 -0.08 -21.47 -7.90
N SER D 25 0.04 -22.12 -6.75
CA SER D 25 -1.13 -22.43 -5.94
C SER D 25 -0.78 -22.27 -4.47
N GLY D 26 -1.80 -22.07 -3.65
CA GLY D 26 -1.64 -21.91 -2.22
C GLY D 26 -1.50 -20.49 -1.75
N TYR D 27 -1.63 -19.50 -2.63
CA TYR D 27 -1.52 -18.10 -2.23
C TYR D 27 -2.27 -17.25 -3.24
N THR D 28 -2.54 -16.01 -2.84
CA THR D 28 -3.20 -15.05 -3.73
C THR D 28 -2.25 -14.71 -4.87
N PHE D 29 -2.54 -15.24 -6.06
CA PHE D 29 -1.59 -15.13 -7.17
C PHE D 29 -1.36 -13.68 -7.56
N ILE D 30 -2.37 -12.84 -7.44
CA ILE D 30 -2.30 -11.45 -7.89
C ILE D 30 -1.38 -10.67 -6.97
N SER D 31 -0.95 -11.29 -5.87
CA SER D 31 -0.31 -10.57 -4.78
C SER D 31 1.17 -10.89 -4.60
N TYR D 32 1.81 -11.50 -5.59
CA TYR D 32 3.23 -11.82 -5.46
C TYR D 32 3.91 -11.72 -6.82
N ASN D 33 5.05 -11.04 -6.87
CA ASN D 33 5.87 -11.03 -8.07
C ASN D 33 6.47 -12.40 -8.30
N ILE D 34 6.67 -12.74 -9.57
CA ILE D 34 7.30 -14.01 -9.92
C ILE D 34 8.48 -13.73 -10.85
N PHE D 35 9.65 -14.21 -10.47
CA PHE D 35 10.87 -14.06 -11.24
C PHE D 35 11.16 -15.34 -12.01
N TRP D 36 11.89 -15.19 -13.11
CA TRP D 36 12.29 -16.32 -13.95
C TRP D 36 13.81 -16.40 -13.93
N VAL D 37 14.33 -17.52 -13.44
CA VAL D 37 15.76 -17.69 -13.20
C VAL D 37 16.27 -18.79 -14.13
N ARG D 38 17.24 -18.43 -14.97
CA ARG D 38 17.92 -19.39 -15.82
C ARG D 38 19.15 -19.93 -15.10
N GLN D 39 19.44 -21.21 -15.31
CA GLN D 39 20.66 -21.79 -14.77
C GLN D 39 21.20 -22.81 -15.75
N ALA D 40 22.43 -22.61 -16.22
CA ALA D 40 23.05 -23.53 -17.16
C ALA D 40 23.46 -24.79 -16.42
N THR D 41 24.17 -25.69 -17.10
CA THR D 41 24.53 -26.97 -16.50
C THR D 41 25.48 -26.79 -15.33
N GLY D 42 26.38 -25.81 -15.41
CA GLY D 42 27.32 -25.58 -14.34
C GLY D 42 27.41 -24.13 -13.93
N GLN D 43 26.83 -23.25 -14.74
CA GLN D 43 26.88 -21.82 -14.47
C GLN D 43 26.00 -21.46 -13.28
N GLY D 44 26.14 -20.23 -12.81
CA GLY D 44 25.37 -19.74 -11.68
C GLY D 44 23.99 -19.26 -12.10
N LEU D 45 23.22 -18.85 -11.09
CA LEU D 45 21.87 -18.38 -11.32
C LEU D 45 21.88 -16.97 -11.88
N ASP D 46 21.07 -16.74 -12.91
CA ASP D 46 20.88 -15.41 -13.47
C ASP D 46 19.41 -15.21 -13.84
N TRP D 47 18.76 -14.26 -13.16
CA TRP D 47 17.36 -14.00 -13.41
C TRP D 47 17.17 -13.39 -14.80
N MET D 48 16.06 -13.77 -15.45
CA MET D 48 15.72 -13.26 -16.77
C MET D 48 14.76 -12.09 -16.70
N GLY D 49 13.59 -12.30 -16.11
CA GLY D 49 12.59 -11.26 -16.01
C GLY D 49 11.60 -11.56 -14.92
N TRP D 50 10.97 -10.52 -14.40
CA TRP D 50 10.00 -10.63 -13.32
C TRP D 50 8.67 -10.08 -13.78
N MET D 51 7.60 -10.63 -13.22
CA MET D 51 6.25 -10.16 -13.46
C MET D 51 5.63 -9.70 -12.16
N ASN D 52 5.00 -8.53 -12.19
CA ASN D 52 4.24 -7.99 -11.08
C ASN D 52 2.78 -8.03 -11.47
N PRO D 53 2.00 -9.02 -10.99
CA PRO D 53 0.59 -9.09 -11.38
C PRO D 53 -0.26 -8.02 -10.74
N PHE D 54 0.09 -7.56 -9.53
CA PHE D 54 -0.68 -6.49 -8.92
C PHE D 54 -0.46 -5.16 -9.64
N ARG D 55 0.79 -4.70 -9.69
CA ARG D 55 1.12 -3.53 -10.49
C ARG D 55 0.91 -3.78 -11.97
N ASN D 56 0.79 -5.05 -12.38
CA ASN D 56 0.45 -5.44 -13.74
C ASN D 56 1.49 -4.93 -14.74
N ASN D 57 2.73 -5.38 -14.56
CA ASN D 57 3.78 -5.05 -15.50
C ASN D 57 4.86 -6.14 -15.44
N ALA D 58 5.91 -5.94 -16.22
CA ALA D 58 7.01 -6.90 -16.26
C ALA D 58 8.31 -6.14 -16.46
N GLY D 59 9.39 -6.72 -15.98
CA GLY D 59 10.71 -6.14 -16.14
C GLY D 59 11.76 -7.18 -16.44
N TYR D 60 12.47 -7.03 -17.56
CA TYR D 60 13.43 -8.01 -18.01
C TYR D 60 14.85 -7.50 -17.78
N ALA D 61 15.79 -8.43 -17.76
CA ALA D 61 17.20 -8.09 -17.60
C ALA D 61 17.76 -7.50 -18.87
N GLN D 62 18.80 -6.67 -18.74
CA GLN D 62 19.43 -6.07 -19.90
C GLN D 62 20.06 -7.13 -20.80
N LYS D 63 20.50 -8.24 -20.21
CA LYS D 63 21.17 -9.27 -21.00
C LYS D 63 20.23 -9.89 -22.03
N PHE D 64 18.96 -10.10 -21.66
CA PHE D 64 18.00 -10.68 -22.58
C PHE D 64 17.23 -9.58 -23.32
N GLN D 65 16.48 -8.77 -22.58
CA GLN D 65 15.90 -7.51 -23.04
C GLN D 65 15.29 -7.62 -24.44
N GLY D 66 14.24 -8.42 -24.54
CA GLY D 66 13.52 -8.52 -25.80
C GLY D 66 13.29 -9.93 -26.27
N ARG D 67 14.28 -10.81 -26.04
CA ARG D 67 14.08 -12.22 -26.37
C ARG D 67 13.14 -12.90 -25.39
N VAL D 68 12.91 -12.29 -24.23
CA VAL D 68 12.09 -12.88 -23.18
C VAL D 68 10.86 -11.99 -22.96
N THR D 69 9.70 -12.63 -22.84
CA THR D 69 8.45 -11.93 -22.56
C THR D 69 7.73 -12.69 -21.45
N VAL D 70 7.38 -11.98 -20.38
CA VAL D 70 6.76 -12.59 -19.21
C VAL D 70 5.30 -12.13 -19.17
N THR D 71 4.39 -13.06 -19.36
CA THR D 71 2.95 -12.82 -19.27
C THR D 71 2.38 -13.67 -18.15
N TRP D 72 1.09 -13.49 -17.87
CA TRP D 72 0.45 -14.27 -16.83
C TRP D 72 -1.03 -14.39 -17.13
N ASP D 73 -1.66 -15.37 -16.49
CA ASP D 73 -3.11 -15.56 -16.60
C ASP D 73 -3.63 -15.79 -15.19
N THR D 74 -4.20 -14.73 -14.60
CA THR D 74 -4.64 -14.79 -13.21
C THR D 74 -5.80 -15.76 -13.03
N SER D 75 -6.60 -15.99 -14.07
CA SER D 75 -7.75 -16.88 -13.95
C SER D 75 -7.31 -18.28 -13.54
N ILE D 76 -6.50 -18.93 -14.38
CA ILE D 76 -5.89 -20.21 -13.99
C ILE D 76 -4.70 -19.99 -13.08
N SER D 77 -4.26 -18.74 -12.92
CA SER D 77 -3.16 -18.39 -12.02
C SER D 77 -1.86 -19.07 -12.45
N THR D 78 -1.41 -18.74 -13.67
CA THR D 78 -0.17 -19.25 -14.19
C THR D 78 0.70 -18.11 -14.70
N ALA D 79 2.00 -18.35 -14.75
CA ALA D 79 2.98 -17.40 -15.25
C ALA D 79 3.67 -18.01 -16.46
N TYR D 80 3.66 -17.30 -17.58
CA TYR D 80 4.24 -17.78 -18.83
C TYR D 80 5.49 -16.97 -19.14
N MET D 81 6.58 -17.66 -19.45
CA MET D 81 7.81 -17.02 -19.91
C MET D 81 8.10 -17.54 -21.31
N GLU D 82 8.09 -16.64 -22.28
CA GLU D 82 8.39 -16.99 -23.67
C GLU D 82 9.78 -16.49 -24.03
N LEU D 83 10.63 -17.40 -24.49
CA LEU D 83 11.97 -17.07 -24.94
C LEU D 83 12.03 -17.24 -26.46
N SER D 84 12.37 -16.16 -27.16
CA SER D 84 12.41 -16.16 -28.61
C SER D 84 13.85 -16.03 -29.09
N SER D 85 14.06 -16.41 -30.36
CA SER D 85 15.39 -16.43 -30.96
C SER D 85 16.33 -17.30 -30.13
N LEU D 86 15.89 -18.52 -29.84
CA LEU D 86 16.67 -19.43 -29.02
C LEU D 86 17.99 -19.78 -29.69
N SER D 87 19.04 -19.90 -28.89
CA SER D 87 20.37 -20.22 -29.36
C SER D 87 20.85 -21.51 -28.71
N SER D 88 21.92 -22.08 -29.28
CA SER D 88 22.45 -23.33 -28.76
C SER D 88 22.95 -23.21 -27.34
N GLU D 89 23.24 -21.99 -26.88
CA GLU D 89 23.71 -21.77 -25.52
C GLU D 89 22.56 -21.54 -24.53
N ASP D 90 21.32 -21.51 -25.00
CA ASP D 90 20.18 -21.30 -24.13
C ASP D 90 19.68 -22.57 -23.47
N THR D 91 20.28 -23.72 -23.77
CA THR D 91 19.91 -24.97 -23.11
C THR D 91 20.25 -24.86 -21.63
N ALA D 92 19.22 -24.89 -20.78
CA ALA D 92 19.40 -24.65 -19.36
C ALA D 92 18.13 -25.03 -18.63
N ILE D 93 18.21 -25.00 -17.31
CA ILE D 93 17.05 -25.25 -16.45
C ILE D 93 16.45 -23.91 -16.07
N TYR D 94 15.15 -23.76 -16.28
CA TYR D 94 14.44 -22.52 -16.03
C TYR D 94 13.52 -22.71 -14.82
N TYR D 95 13.66 -21.83 -13.84
CA TYR D 95 12.87 -21.87 -12.62
C TYR D 95 11.96 -20.67 -12.55
N CYS D 96 10.77 -20.88 -11.99
CA CYS D 96 9.90 -19.78 -11.58
C CYS D 96 10.00 -19.66 -10.07
N ALA D 97 10.32 -18.47 -9.59
CA ALA D 97 10.48 -18.22 -8.17
C ALA D 97 9.50 -17.16 -7.73
N ARG D 98 9.00 -17.28 -6.51
CA ARG D 98 8.04 -16.33 -5.95
C ARG D 98 8.79 -15.35 -5.07
N GLU D 99 8.89 -14.11 -5.52
CA GLU D 99 9.51 -13.07 -4.71
C GLU D 99 8.69 -12.84 -3.45
N HIS D 100 9.32 -13.04 -2.30
CA HIS D 100 8.60 -12.94 -1.02
C HIS D 100 7.88 -11.61 -0.90
N GLY D 101 8.63 -10.51 -0.95
CA GLY D 101 8.03 -9.20 -0.93
C GLY D 101 8.49 -8.34 -2.08
N SER D 102 7.86 -7.19 -2.28
CA SER D 102 8.31 -6.25 -3.29
C SER D 102 9.59 -5.53 -2.90
N SER D 103 9.89 -5.48 -1.60
CA SER D 103 11.15 -4.95 -1.11
C SER D 103 12.03 -6.01 -0.47
N TRP D 104 11.44 -7.00 0.20
CA TRP D 104 12.16 -8.18 0.63
C TRP D 104 12.18 -9.16 -0.53
N GLY D 105 13.08 -8.90 -1.48
CA GLY D 105 13.09 -9.62 -2.73
C GLY D 105 13.87 -10.91 -2.72
N PHE D 106 13.64 -11.76 -1.73
CA PHE D 106 14.24 -13.08 -1.69
C PHE D 106 13.19 -14.12 -2.05
N PHE D 107 13.61 -15.12 -2.84
CA PHE D 107 12.68 -16.10 -3.39
C PHE D 107 12.55 -17.26 -2.42
N ASP D 108 11.37 -17.41 -1.84
CA ASP D 108 11.14 -18.46 -0.86
C ASP D 108 10.65 -19.76 -1.47
N TYR D 109 9.87 -19.69 -2.55
CA TYR D 109 9.31 -20.88 -3.19
C TYR D 109 9.69 -20.86 -4.66
N TRP D 110 10.36 -21.93 -5.10
CA TRP D 110 10.79 -22.08 -6.49
C TRP D 110 10.02 -23.20 -7.15
N GLY D 111 9.98 -23.16 -8.48
CA GLY D 111 9.43 -24.24 -9.25
C GLY D 111 10.41 -25.40 -9.33
N GLN D 112 9.94 -26.50 -9.92
CA GLN D 112 10.80 -27.67 -10.08
C GLN D 112 11.77 -27.54 -11.23
N GLY D 113 11.58 -26.56 -12.12
CA GLY D 113 12.53 -26.29 -13.18
C GLY D 113 12.27 -27.09 -14.45
N THR D 114 12.11 -26.39 -15.57
CA THR D 114 11.95 -27.03 -16.87
C THR D 114 13.28 -26.99 -17.59
N LEU D 115 13.72 -28.15 -18.08
CA LEU D 115 14.96 -28.26 -18.83
C LEU D 115 14.66 -27.98 -20.30
N VAL D 116 15.22 -26.91 -20.84
CA VAL D 116 15.03 -26.53 -22.23
C VAL D 116 16.34 -26.78 -22.97
N THR D 117 16.29 -27.64 -23.98
CA THR D 117 17.46 -27.99 -24.78
C THR D 117 17.27 -27.43 -26.19
N VAL D 118 18.09 -26.46 -26.56
CA VAL D 118 18.02 -25.81 -27.86
C VAL D 118 19.22 -26.29 -28.67
N SER D 119 18.95 -27.16 -29.65
CA SER D 119 20.00 -27.72 -30.49
C SER D 119 19.43 -28.03 -31.87
N SER D 120 20.32 -28.12 -32.85
CA SER D 120 19.93 -28.36 -34.23
C SER D 120 19.53 -29.82 -34.47
N ALA D 121 20.18 -30.76 -33.78
CA ALA D 121 19.93 -32.17 -34.04
C ALA D 121 18.54 -32.58 -33.54
N SER D 122 18.09 -33.72 -34.03
CA SER D 122 16.78 -34.28 -33.68
C SER D 122 16.98 -35.62 -32.98
N THR D 123 15.88 -36.32 -32.74
CA THR D 123 15.92 -37.59 -32.03
C THR D 123 16.79 -38.59 -32.77
N LYS D 124 17.70 -39.23 -32.05
CA LYS D 124 18.61 -40.22 -32.62
C LYS D 124 18.77 -41.38 -31.65
N GLY D 125 18.87 -42.59 -32.20
CA GLY D 125 19.07 -43.77 -31.38
C GLY D 125 20.50 -43.89 -30.90
N PRO D 126 20.67 -44.38 -29.67
CA PRO D 126 22.02 -44.54 -29.13
C PRO D 126 22.78 -45.67 -29.83
N SER D 127 24.11 -45.55 -29.79
CA SER D 127 25.00 -46.59 -30.29
C SER D 127 25.81 -47.11 -29.11
N VAL D 128 25.72 -48.42 -28.87
CA VAL D 128 26.34 -49.05 -27.71
C VAL D 128 27.61 -49.75 -28.15
N PHE D 129 28.71 -49.49 -27.43
CA PHE D 129 30.00 -50.09 -27.73
C PHE D 129 30.56 -50.71 -26.46
N PRO D 130 30.75 -52.02 -26.41
CA PRO D 130 31.45 -52.62 -25.27
C PRO D 130 32.91 -52.19 -25.23
N LEU D 131 33.49 -52.22 -24.03
CA LEU D 131 34.87 -51.79 -23.80
C LEU D 131 35.52 -52.80 -22.86
N ALA D 132 36.33 -53.69 -23.42
CA ALA D 132 36.99 -54.71 -22.61
C ALA D 132 38.48 -54.43 -22.53
N PRO D 133 39.11 -54.68 -21.38
CA PRO D 133 40.55 -54.48 -21.26
C PRO D 133 41.33 -55.52 -22.06
N CYS D 134 42.57 -55.17 -22.39
CA CYS D 134 43.43 -56.06 -23.16
C CYS D 134 44.83 -56.09 -22.56
N SER D 141 44.68 -59.08 -10.99
CA SER D 141 44.44 -57.86 -10.22
C SER D 141 42.98 -57.45 -10.28
N THR D 142 42.73 -56.20 -10.67
CA THR D 142 41.38 -55.67 -10.78
C THR D 142 41.30 -54.82 -12.04
N ALA D 143 40.32 -55.11 -12.89
CA ALA D 143 40.14 -54.41 -14.15
C ALA D 143 38.72 -53.86 -14.24
N ALA D 144 38.50 -52.98 -15.20
CA ALA D 144 37.21 -52.33 -15.40
C ALA D 144 36.62 -52.77 -16.72
N LEU D 145 35.29 -52.70 -16.80
CA LEU D 145 34.53 -52.99 -18.01
C LEU D 145 33.69 -51.77 -18.36
N GLY D 146 33.73 -51.37 -19.63
CA GLY D 146 33.06 -50.15 -20.04
C GLY D 146 31.96 -50.34 -21.05
N CYS D 147 31.06 -49.37 -21.12
CA CYS D 147 29.89 -49.39 -22.01
C CYS D 147 29.72 -47.97 -22.50
N LEU D 148 30.07 -47.72 -23.76
CA LEU D 148 30.07 -46.38 -24.33
C LEU D 148 28.80 -46.18 -25.13
N VAL D 149 28.03 -45.15 -24.80
CA VAL D 149 26.81 -44.81 -25.48
C VAL D 149 27.08 -43.54 -26.27
N LYS D 150 27.12 -43.67 -27.59
CA LYS D 150 27.52 -42.57 -28.47
C LYS D 150 26.38 -42.19 -29.40
N ASP D 151 26.34 -40.89 -29.72
CA ASP D 151 25.49 -40.35 -30.78
C ASP D 151 24.01 -40.66 -30.52
N TYR D 152 23.50 -40.11 -29.42
CA TYR D 152 22.10 -40.21 -29.08
C TYR D 152 21.55 -38.82 -28.75
N PHE D 153 20.24 -38.70 -28.85
CA PHE D 153 19.54 -37.45 -28.56
C PHE D 153 18.04 -37.71 -28.48
N PRO D 154 17.33 -37.08 -27.53
CA PRO D 154 17.86 -36.22 -26.47
C PRO D 154 18.00 -36.93 -25.13
N GLU D 155 18.29 -36.17 -24.09
CA GLU D 155 18.40 -36.70 -22.74
C GLU D 155 17.03 -37.07 -22.19
N PRO D 156 16.98 -37.87 -21.12
CA PRO D 156 18.08 -38.67 -20.56
C PRO D 156 18.14 -40.07 -21.16
N VAL D 157 19.09 -40.87 -20.68
CA VAL D 157 19.08 -42.32 -20.91
C VAL D 157 19.25 -42.99 -19.56
N THR D 158 18.91 -44.28 -19.48
CA THR D 158 19.05 -45.04 -18.24
C THR D 158 19.87 -46.28 -18.55
N VAL D 159 21.08 -46.34 -18.02
CA VAL D 159 22.01 -47.44 -18.30
C VAL D 159 22.34 -48.14 -16.98
N SER D 160 22.38 -49.46 -17.04
CA SER D 160 22.75 -50.29 -15.90
C SER D 160 23.42 -51.55 -16.43
N TRP D 161 23.86 -52.41 -15.51
CA TRP D 161 24.48 -53.67 -15.89
C TRP D 161 23.81 -54.83 -15.17
N ASN D 162 23.94 -56.02 -15.78
CA ASN D 162 23.37 -57.25 -15.24
C ASN D 162 21.86 -57.12 -15.05
N SER D 163 21.20 -56.56 -16.05
CA SER D 163 19.75 -56.34 -16.02
C SER D 163 19.34 -55.51 -14.80
N GLY D 164 20.18 -54.56 -14.42
CA GLY D 164 19.94 -53.72 -13.28
C GLY D 164 20.37 -54.29 -11.95
N ALA D 165 20.85 -55.53 -11.92
CA ALA D 165 21.29 -56.13 -10.66
C ALA D 165 22.63 -55.55 -10.21
N LEU D 166 23.57 -55.37 -11.13
CA LEU D 166 24.90 -54.87 -10.80
C LEU D 166 24.83 -53.36 -10.68
N THR D 167 24.78 -52.85 -9.45
CA THR D 167 24.76 -51.42 -9.18
C THR D 167 25.87 -50.98 -8.23
N SER D 168 26.65 -51.91 -7.71
CA SER D 168 27.77 -51.58 -6.84
C SER D 168 29.05 -51.56 -7.65
N GLY D 169 29.89 -50.55 -7.42
CA GLY D 169 31.07 -50.37 -8.24
C GLY D 169 30.81 -49.84 -9.62
N VAL D 170 29.67 -49.19 -9.82
CA VAL D 170 29.29 -48.65 -11.12
C VAL D 170 29.57 -47.15 -11.12
N HIS D 171 29.90 -46.63 -12.30
CA HIS D 171 30.16 -45.21 -12.50
C HIS D 171 29.52 -44.81 -13.82
N THR D 172 28.51 -43.96 -13.76
CA THR D 172 27.81 -43.46 -14.95
C THR D 172 28.19 -41.99 -15.11
N PHE D 173 29.16 -41.74 -15.99
CA PHE D 173 29.63 -40.38 -16.18
C PHE D 173 28.55 -39.53 -16.85
N PRO D 174 28.43 -38.26 -16.49
CA PRO D 174 27.42 -37.41 -17.11
C PRO D 174 27.65 -37.25 -18.60
N ALA D 175 26.56 -37.13 -19.35
CA ALA D 175 26.65 -37.04 -20.80
C ALA D 175 27.30 -35.72 -21.21
N VAL D 176 28.04 -35.76 -22.31
CA VAL D 176 28.70 -34.58 -22.87
C VAL D 176 28.18 -34.35 -24.28
N LEU D 177 28.10 -33.07 -24.65
CA LEU D 177 27.65 -32.65 -25.97
C LEU D 177 28.83 -32.67 -26.92
N GLN D 178 28.92 -33.71 -27.74
CA GLN D 178 29.95 -33.75 -28.77
C GLN D 178 29.52 -32.91 -29.96
N SER D 179 30.53 -32.33 -30.63
CA SER D 179 30.40 -31.11 -31.42
C SER D 179 29.45 -31.23 -32.61
N SER D 180 29.12 -32.43 -33.06
CA SER D 180 28.12 -32.54 -34.10
C SER D 180 26.71 -32.32 -33.58
N GLY D 181 26.60 -31.78 -32.37
CA GLY D 181 25.32 -31.49 -31.77
C GLY D 181 24.67 -32.67 -31.07
N LEU D 182 25.43 -33.68 -30.71
CA LEU D 182 24.81 -34.88 -30.13
C LEU D 182 25.41 -35.15 -28.75
N TYR D 183 24.99 -36.27 -28.16
CA TYR D 183 25.30 -36.57 -26.77
C TYR D 183 26.00 -37.92 -26.68
N SER D 184 27.02 -38.00 -25.83
CA SER D 184 27.76 -39.24 -25.63
C SER D 184 28.13 -39.37 -24.15
N LEU D 185 28.23 -40.62 -23.69
CA LEU D 185 28.59 -40.88 -22.31
C LEU D 185 29.17 -42.28 -22.19
N SER D 186 29.64 -42.61 -21.00
CA SER D 186 30.20 -43.92 -20.72
C SER D 186 29.70 -44.39 -19.37
N SER D 187 29.66 -45.72 -19.20
CA SER D 187 29.31 -46.34 -17.93
C SER D 187 30.28 -47.48 -17.68
N VAL D 188 30.96 -47.46 -16.54
CA VAL D 188 32.00 -48.42 -16.25
C VAL D 188 31.70 -49.13 -14.95
N VAL D 189 32.27 -50.33 -14.81
CA VAL D 189 32.17 -51.11 -13.58
C VAL D 189 33.54 -51.72 -13.29
N THR D 190 33.98 -51.64 -12.03
CA THR D 190 35.20 -52.29 -11.62
C THR D 190 34.91 -53.73 -11.20
N VAL D 191 35.92 -54.59 -11.30
CA VAL D 191 35.76 -55.99 -10.96
C VAL D 191 37.15 -56.63 -10.83
N PRO D 192 37.39 -57.45 -9.80
CA PRO D 192 38.68 -58.14 -9.72
C PRO D 192 38.87 -59.11 -10.87
N SER D 193 40.14 -59.35 -11.22
CA SER D 193 40.47 -60.22 -12.33
C SER D 193 40.08 -61.67 -12.09
N SER D 194 39.76 -62.03 -10.84
CA SER D 194 39.33 -63.39 -10.52
C SER D 194 37.85 -63.63 -10.79
N SER D 195 37.21 -62.76 -11.57
CA SER D 195 35.80 -62.91 -11.89
C SER D 195 35.43 -62.13 -13.14
N LYS D 199 32.69 -65.91 -15.68
CA LYS D 199 31.73 -64.87 -15.32
C LYS D 199 31.73 -63.75 -16.34
N THR D 200 30.55 -63.39 -16.83
CA THR D 200 30.41 -62.36 -17.86
C THR D 200 29.28 -61.41 -17.45
N TYR D 201 29.46 -60.13 -17.73
CA TYR D 201 28.50 -59.10 -17.38
C TYR D 201 27.94 -58.47 -18.64
N THR D 202 26.73 -57.92 -18.52
CA THR D 202 26.02 -57.32 -19.65
C THR D 202 25.64 -55.89 -19.31
N CYS D 203 25.47 -55.09 -20.36
CA CYS D 203 25.14 -53.67 -20.25
C CYS D 203 23.83 -53.40 -20.95
N ASN D 204 22.86 -52.86 -20.23
CA ASN D 204 21.56 -52.49 -20.79
C ASN D 204 21.38 -50.98 -20.72
N VAL D 205 20.81 -50.41 -21.77
CA VAL D 205 20.54 -48.98 -21.86
C VAL D 205 19.16 -48.77 -22.47
N ASP D 206 18.40 -47.85 -21.89
CA ASP D 206 17.08 -47.50 -22.36
C ASP D 206 17.08 -46.02 -22.68
N HIS D 207 16.66 -45.68 -23.90
CA HIS D 207 16.46 -44.31 -24.35
C HIS D 207 14.97 -44.13 -24.62
N LYS D 208 14.25 -43.52 -23.66
CA LYS D 208 12.81 -43.38 -23.80
C LYS D 208 12.41 -42.50 -24.98
N PRO D 209 12.96 -41.30 -25.17
CA PRO D 209 12.53 -40.47 -26.30
C PRO D 209 12.72 -41.12 -27.66
N SER D 210 13.71 -42.00 -27.81
CA SER D 210 13.83 -42.82 -29.01
C SER D 210 13.18 -44.18 -28.86
N ASN D 211 12.65 -44.50 -27.67
CA ASN D 211 11.98 -45.77 -27.41
C ASN D 211 12.85 -46.96 -27.80
N THR D 212 14.10 -46.93 -27.34
CA THR D 212 15.08 -47.95 -27.69
C THR D 212 15.60 -48.63 -26.43
N LYS D 213 15.82 -49.94 -26.51
CA LYS D 213 16.39 -50.70 -25.41
C LYS D 213 17.46 -51.62 -25.99
N VAL D 214 18.71 -51.37 -25.63
CA VAL D 214 19.84 -52.12 -26.17
C VAL D 214 20.54 -52.83 -25.02
N ASP D 215 20.67 -54.16 -25.12
CA ASP D 215 21.42 -54.97 -24.17
C ASP D 215 22.57 -55.62 -24.92
N LYS D 216 23.78 -55.43 -24.42
CA LYS D 216 25.00 -55.91 -25.08
C LYS D 216 25.87 -56.65 -24.07
N ARG D 217 26.81 -57.42 -24.59
CA ARG D 217 27.73 -58.21 -23.79
C ARG D 217 29.15 -57.68 -23.95
N VAL D 218 29.98 -57.97 -22.96
CA VAL D 218 31.38 -57.56 -22.95
C VAL D 218 32.25 -58.80 -22.79
N GLU D 219 33.26 -58.94 -23.65
CA GLU D 219 34.14 -60.10 -23.61
C GLU D 219 34.99 -60.07 -22.35
N SER D 220 34.90 -61.15 -21.56
CA SER D 220 35.67 -61.26 -20.33
C SER D 220 36.99 -61.95 -20.59
N LYS D 221 38.08 -61.33 -20.16
CA LYS D 221 39.42 -61.89 -20.34
C LYS D 221 39.63 -63.09 -19.44
N GLU E 1 22.83 -2.35 -9.96
CA GLU E 1 23.59 -3.55 -10.30
C GLU E 1 24.76 -3.73 -9.34
N ILE E 2 24.53 -4.53 -8.31
CA ILE E 2 25.55 -4.82 -7.30
C ILE E 2 26.14 -6.18 -7.63
N VAL E 3 27.42 -6.22 -7.95
CA VAL E 3 28.08 -7.48 -8.29
C VAL E 3 28.51 -8.17 -7.01
N LEU E 4 28.09 -9.43 -6.85
CA LEU E 4 28.41 -10.21 -5.67
C LEU E 4 29.45 -11.27 -6.03
N THR E 5 30.43 -11.44 -5.14
CA THR E 5 31.47 -12.45 -5.31
C THR E 5 31.52 -13.31 -4.06
N GLN E 6 31.68 -14.61 -4.25
CA GLN E 6 31.68 -15.56 -3.16
C GLN E 6 33.07 -16.19 -3.00
N SER E 7 33.45 -16.39 -1.74
CA SER E 7 34.74 -16.97 -1.41
C SER E 7 34.53 -18.07 -0.36
N PRO E 8 35.24 -19.20 -0.47
CA PRO E 8 36.15 -19.51 -1.59
C PRO E 8 35.39 -19.96 -2.82
N GLY E 9 36.08 -20.07 -3.96
CA GLY E 9 35.40 -20.50 -5.18
C GLY E 9 34.77 -21.86 -5.04
N THR E 10 35.43 -22.78 -4.33
CA THR E 10 34.88 -24.10 -4.05
C THR E 10 35.45 -24.59 -2.73
N LEU E 11 34.65 -24.48 -1.68
CA LEU E 11 35.08 -24.93 -0.36
C LEU E 11 35.07 -26.45 -0.28
N SER E 12 36.03 -27.00 0.46
CA SER E 12 36.14 -28.45 0.61
C SER E 12 36.62 -28.72 2.04
N LEU E 13 35.72 -29.18 2.89
CA LEU E 13 36.04 -29.49 4.28
C LEU E 13 35.42 -30.82 4.67
N SER E 14 36.03 -31.45 5.67
CA SER E 14 35.54 -32.74 6.16
C SER E 14 34.17 -32.57 6.81
N PRO E 15 33.32 -33.60 6.77
CA PRO E 15 32.02 -33.51 7.44
C PRO E 15 32.18 -33.26 8.93
N GLY E 16 31.25 -32.50 9.49
CA GLY E 16 31.30 -32.13 10.88
C GLY E 16 32.19 -30.96 11.20
N GLU E 17 32.74 -30.29 10.20
CA GLU E 17 33.64 -29.17 10.40
C GLU E 17 32.93 -27.85 10.12
N ARG E 18 33.23 -26.85 10.95
CA ARG E 18 32.69 -25.52 10.76
C ARG E 18 33.11 -24.95 9.42
N ALA E 19 32.12 -24.57 8.59
CA ALA E 19 32.37 -23.99 7.28
C ALA E 19 31.85 -22.56 7.25
N THR E 20 32.68 -21.66 6.71
CA THR E 20 32.36 -20.25 6.63
C THR E 20 32.47 -19.79 5.18
N LEU E 21 31.40 -19.21 4.66
CA LEU E 21 31.30 -18.77 3.29
C LEU E 21 31.12 -17.25 3.26
N SER E 22 31.88 -16.56 2.41
CA SER E 22 31.89 -15.11 2.40
C SER E 22 31.27 -14.58 1.11
N CYS E 23 30.37 -13.62 1.26
CA CYS E 23 29.77 -12.91 0.14
C CYS E 23 30.18 -11.45 0.22
N ARG E 24 30.79 -10.93 -0.84
CA ARG E 24 31.29 -9.57 -0.89
C ARG E 24 30.60 -8.83 -2.02
N ALA E 25 30.11 -7.63 -1.72
CA ALA E 25 29.37 -6.83 -2.67
C ALA E 25 30.21 -5.67 -3.18
N SER E 26 30.00 -5.30 -4.44
CA SER E 26 30.69 -4.14 -4.99
C SER E 26 30.23 -2.87 -4.30
N GLN E 27 28.94 -2.56 -4.38
CA GLN E 27 28.36 -1.47 -3.61
C GLN E 27 28.00 -1.99 -2.22
N SER E 28 27.24 -1.20 -1.47
CA SER E 28 26.80 -1.60 -0.14
C SER E 28 25.37 -2.12 -0.21
N VAL E 29 25.13 -3.25 0.44
CA VAL E 29 23.80 -3.87 0.49
C VAL E 29 23.01 -3.20 1.61
N SER E 30 21.95 -2.48 1.24
CA SER E 30 21.24 -1.66 2.20
C SER E 30 20.49 -2.51 3.22
N SER E 31 20.63 -2.15 4.50
CA SER E 31 19.92 -2.79 5.61
C SER E 31 20.16 -4.30 5.64
N SER E 32 21.36 -4.70 5.25
CA SER E 32 21.80 -6.11 5.31
C SER E 32 20.79 -7.04 4.65
N TYR E 33 20.30 -6.62 3.48
CA TYR E 33 19.37 -7.43 2.70
C TYR E 33 20.14 -8.41 1.83
N LEU E 34 20.56 -9.51 2.44
CA LEU E 34 21.20 -10.59 1.72
C LEU E 34 20.48 -11.90 2.05
N ALA E 35 20.31 -12.75 1.04
CA ALA E 35 19.65 -14.02 1.21
C ALA E 35 20.59 -15.14 0.75
N TRP E 36 20.70 -16.18 1.57
CA TRP E 36 21.53 -17.34 1.28
C TRP E 36 20.63 -18.51 0.92
N TYR E 37 20.78 -18.99 -0.31
CA TYR E 37 20.10 -20.18 -0.81
C TYR E 37 21.07 -21.35 -0.88
N GLN E 38 20.52 -22.56 -0.81
CA GLN E 38 21.27 -23.78 -0.99
C GLN E 38 20.64 -24.59 -2.10
N GLN E 39 21.44 -24.96 -3.09
CA GLN E 39 20.97 -25.74 -4.23
C GLN E 39 21.70 -27.08 -4.23
N LYS E 40 20.94 -28.16 -4.09
CA LYS E 40 21.47 -29.50 -4.24
C LYS E 40 21.68 -29.81 -5.72
N PRO E 41 22.52 -30.79 -6.03
CA PRO E 41 22.76 -31.12 -7.44
C PRO E 41 21.55 -31.80 -8.08
N GLY E 42 20.57 -31.00 -8.48
CA GLY E 42 19.40 -31.53 -9.15
C GLY E 42 18.09 -31.05 -8.56
N GLN E 43 18.16 -30.07 -7.66
CA GLN E 43 16.98 -29.53 -7.00
C GLN E 43 16.97 -28.01 -7.16
N ALA E 44 15.79 -27.43 -6.95
CA ALA E 44 15.67 -25.99 -6.96
C ALA E 44 16.34 -25.39 -5.73
N PRO E 45 16.90 -24.19 -5.86
CA PRO E 45 17.58 -23.58 -4.71
C PRO E 45 16.62 -23.25 -3.57
N ARG E 46 16.77 -23.92 -2.44
CA ARG E 46 15.93 -23.63 -1.28
C ARG E 46 16.53 -22.47 -0.50
N LEU E 47 15.64 -21.63 0.04
CA LEU E 47 16.08 -20.48 0.81
C LEU E 47 16.51 -20.90 2.20
N LEU E 48 17.72 -20.52 2.59
CA LEU E 48 18.23 -20.82 3.93
C LEU E 48 18.13 -19.61 4.85
N ILE E 49 18.73 -18.49 4.45
CA ILE E 49 18.82 -17.31 5.29
C ILE E 49 18.23 -16.13 4.55
N TYR E 50 17.41 -15.33 5.24
CA TYR E 50 16.93 -14.07 4.71
C TYR E 50 17.24 -12.97 5.72
N GLY E 51 17.47 -11.77 5.20
CA GLY E 51 17.90 -10.68 6.06
C GLY E 51 19.33 -10.78 6.52
N ALA E 52 20.09 -11.75 6.00
CA ALA E 52 21.50 -11.99 6.27
C ALA E 52 21.76 -12.47 7.70
N SER E 53 20.75 -12.52 8.55
CA SER E 53 20.94 -12.99 9.92
C SER E 53 19.93 -14.05 10.33
N SER E 54 18.69 -13.95 9.87
CA SER E 54 17.60 -14.79 10.36
C SER E 54 17.37 -15.95 9.41
N ARG E 55 17.26 -17.15 9.97
CA ARG E 55 17.00 -18.34 9.19
C ARG E 55 15.54 -18.39 8.75
N ALA E 56 15.29 -19.08 7.64
CA ALA E 56 13.95 -19.24 7.12
C ALA E 56 13.20 -20.29 7.93
N THR E 57 12.01 -20.66 7.46
CA THR E 57 11.17 -21.64 8.15
C THR E 57 11.61 -23.04 7.77
N GLY E 58 11.68 -23.93 8.76
CA GLY E 58 12.08 -25.30 8.51
C GLY E 58 13.56 -25.50 8.26
N ILE E 59 14.39 -24.59 8.72
CA ILE E 59 15.84 -24.64 8.55
C ILE E 59 16.45 -25.13 9.85
N PRO E 60 17.32 -26.14 9.82
CA PRO E 60 17.94 -26.62 11.06
C PRO E 60 18.81 -25.54 11.69
N ASP E 61 18.92 -25.62 13.02
CA ASP E 61 19.57 -24.57 13.80
C ASP E 61 21.09 -24.67 13.73
N ARG E 62 21.65 -24.68 12.52
CA ARG E 62 23.08 -24.64 12.33
C ARG E 62 23.54 -23.66 11.27
N PHE E 63 22.63 -23.16 10.44
CA PHE E 63 22.97 -22.15 9.44
C PHE E 63 22.81 -20.78 10.07
N SER E 64 23.92 -20.10 10.31
CA SER E 64 23.92 -18.78 10.94
C SER E 64 24.48 -17.75 9.98
N GLY E 65 23.72 -16.68 9.76
CA GLY E 65 24.17 -15.58 8.93
C GLY E 65 24.67 -14.42 9.76
N SER E 66 25.62 -13.68 9.21
CA SER E 66 26.15 -12.50 9.90
C SER E 66 26.71 -11.56 8.85
N GLY E 67 27.06 -10.36 9.29
CA GLY E 67 27.69 -9.37 8.43
C GLY E 67 26.72 -8.29 7.98
N SER E 68 27.28 -7.32 7.28
CA SER E 68 26.53 -6.14 6.82
C SER E 68 27.40 -5.40 5.82
N GLY E 69 26.92 -4.24 5.39
CA GLY E 69 27.68 -3.40 4.46
C GLY E 69 27.95 -4.09 3.15
N THR E 70 29.22 -4.45 2.94
CA THR E 70 29.64 -5.17 1.74
C THR E 70 30.25 -6.52 2.06
N ASP E 71 30.11 -7.01 3.29
CA ASP E 71 30.73 -8.27 3.71
C ASP E 71 29.72 -9.04 4.53
N PHE E 72 29.36 -10.24 4.06
CA PHE E 72 28.45 -11.11 4.78
C PHE E 72 29.05 -12.51 4.86
N THR E 73 28.68 -13.24 5.90
CA THR E 73 29.17 -14.59 6.11
C THR E 73 28.01 -15.53 6.42
N LEU E 74 28.04 -16.71 5.82
CA LEU E 74 27.16 -17.81 6.19
C LEU E 74 28.00 -18.89 6.84
N THR E 75 27.50 -19.42 7.96
CA THR E 75 28.26 -20.38 8.75
C THR E 75 27.43 -21.64 8.93
N ILE E 76 28.01 -22.79 8.59
CA ILE E 76 27.43 -24.09 8.87
C ILE E 76 28.31 -24.74 9.92
N SER E 77 27.76 -24.94 11.13
CA SER E 77 28.57 -25.44 12.24
C SER E 77 28.89 -26.91 12.05
N ARG E 78 27.86 -27.74 11.95
CA ARG E 78 28.02 -29.19 11.88
C ARG E 78 27.63 -29.64 10.47
N LEU E 79 28.64 -29.88 9.63
CA LEU E 79 28.35 -30.25 8.24
C LEU E 79 27.81 -31.66 8.13
N GLU E 80 26.48 -31.79 8.14
CA GLU E 80 25.85 -33.06 7.85
C GLU E 80 26.02 -33.39 6.38
N PRO E 81 25.87 -34.66 5.99
CA PRO E 81 25.96 -35.01 4.56
C PRO E 81 24.91 -34.33 3.70
N GLU E 82 23.82 -33.84 4.29
CA GLU E 82 22.81 -33.08 3.56
C GLU E 82 23.14 -31.59 3.48
N ASP E 83 24.40 -31.23 3.72
CA ASP E 83 24.82 -29.83 3.72
C ASP E 83 25.89 -29.53 2.68
N PHE E 84 26.29 -30.50 1.88
CA PHE E 84 27.30 -30.29 0.85
C PHE E 84 26.58 -30.03 -0.47
N ALA E 85 26.33 -28.76 -0.75
CA ALA E 85 25.63 -28.33 -1.94
C ALA E 85 26.26 -27.02 -2.41
N VAL E 86 25.58 -26.33 -3.32
CA VAL E 86 26.07 -25.07 -3.85
C VAL E 86 25.32 -23.94 -3.16
N TYR E 87 26.04 -23.07 -2.48
CA TYR E 87 25.42 -22.00 -1.69
C TYR E 87 25.54 -20.69 -2.44
N TYR E 88 24.39 -20.04 -2.67
CA TYR E 88 24.32 -18.79 -3.39
C TYR E 88 23.93 -17.66 -2.45
N CYS E 89 24.50 -16.48 -2.68
CA CYS E 89 24.11 -15.27 -1.97
C CYS E 89 23.50 -14.29 -2.96
N GLN E 90 22.33 -13.76 -2.62
CA GLN E 90 21.61 -12.82 -3.46
C GLN E 90 21.33 -11.56 -2.66
N GLN E 91 21.74 -10.41 -3.19
CA GLN E 91 21.41 -9.15 -2.56
C GLN E 91 20.01 -8.72 -3.00
N TYR E 92 19.19 -8.28 -2.05
CA TYR E 92 17.91 -7.70 -2.38
C TYR E 92 17.74 -6.33 -1.75
N GLY E 93 18.85 -5.68 -1.38
CA GLY E 93 18.81 -4.33 -0.88
C GLY E 93 18.84 -3.24 -1.93
N SER E 94 19.06 -3.61 -3.19
CA SER E 94 19.09 -2.63 -4.26
C SER E 94 18.71 -3.30 -5.58
N SER E 95 17.64 -2.80 -6.20
CA SER E 95 17.27 -3.28 -7.52
C SER E 95 18.34 -2.86 -8.55
N PRO E 96 18.64 -3.72 -9.53
CA PRO E 96 18.06 -5.04 -9.79
C PRO E 96 18.57 -6.12 -8.85
N TRP E 97 17.77 -7.16 -8.67
CA TRP E 97 18.09 -8.24 -7.74
C TRP E 97 19.12 -9.17 -8.37
N THR E 98 20.31 -9.25 -7.78
CA THR E 98 21.42 -9.99 -8.35
C THR E 98 21.88 -11.08 -7.41
N PHE E 99 22.27 -12.21 -8.00
CA PHE E 99 22.73 -13.38 -7.27
C PHE E 99 24.25 -13.35 -7.14
N GLY E 100 24.80 -14.38 -6.52
CA GLY E 100 26.23 -14.59 -6.45
C GLY E 100 26.71 -15.54 -7.51
N GLN E 101 27.79 -16.26 -7.20
CA GLN E 101 28.33 -17.26 -8.11
C GLN E 101 28.31 -18.66 -7.55
N GLY E 102 28.16 -18.84 -6.24
CA GLY E 102 28.06 -20.16 -5.66
C GLY E 102 29.38 -20.70 -5.14
N THR E 103 29.32 -21.40 -4.02
CA THR E 103 30.48 -22.05 -3.43
C THR E 103 30.14 -23.54 -3.28
N LYS E 104 30.68 -24.36 -4.16
CA LYS E 104 30.41 -25.79 -4.12
C LYS E 104 31.12 -26.38 -2.91
N VAL E 105 30.38 -26.58 -1.82
CA VAL E 105 30.96 -27.13 -0.60
C VAL E 105 31.21 -28.62 -0.82
N GLU E 106 32.46 -28.99 -1.05
CA GLU E 106 32.83 -30.36 -1.35
C GLU E 106 33.06 -31.12 -0.04
N ILE E 107 33.58 -32.35 -0.13
CA ILE E 107 33.88 -33.16 1.03
C ILE E 107 35.36 -33.50 1.01
N LYS E 108 36.05 -33.21 2.10
CA LYS E 108 37.46 -33.53 2.20
C LYS E 108 37.66 -34.97 2.69
N ARG E 109 38.68 -35.62 2.15
CA ARG E 109 39.05 -36.97 2.57
C ARG E 109 40.53 -37.17 2.28
N THR E 110 41.05 -38.29 2.77
CA THR E 110 42.44 -38.65 2.49
C THR E 110 42.66 -38.77 0.99
N VAL E 111 43.82 -38.32 0.52
CA VAL E 111 44.11 -38.30 -0.90
C VAL E 111 44.09 -39.72 -1.45
N ALA E 112 43.37 -39.91 -2.55
CA ALA E 112 43.22 -41.21 -3.19
C ALA E 112 44.01 -41.24 -4.48
N ALA E 113 44.18 -42.46 -5.01
CA ALA E 113 44.94 -42.68 -6.22
C ALA E 113 44.02 -43.19 -7.32
N PRO E 114 44.09 -42.62 -8.53
CA PRO E 114 43.23 -43.08 -9.62
C PRO E 114 43.75 -44.38 -10.22
N SER E 115 42.86 -45.36 -10.31
CA SER E 115 43.17 -46.63 -10.99
C SER E 115 42.87 -46.44 -12.47
N VAL E 116 43.87 -45.97 -13.21
CA VAL E 116 43.66 -45.66 -14.62
C VAL E 116 43.65 -46.95 -15.44
N PHE E 117 42.57 -47.15 -16.19
CA PHE E 117 42.43 -48.29 -17.08
C PHE E 117 42.19 -47.77 -18.50
N ILE E 118 43.08 -48.12 -19.41
CA ILE E 118 42.98 -47.70 -20.79
C ILE E 118 42.22 -48.74 -21.59
N PHE E 119 41.25 -48.30 -22.39
CA PHE E 119 40.39 -49.23 -23.10
C PHE E 119 40.56 -49.09 -24.60
N PRO E 120 40.76 -50.19 -25.32
CA PRO E 120 40.82 -50.12 -26.78
C PRO E 120 39.46 -49.82 -27.37
N PRO E 121 39.40 -49.22 -28.56
CA PRO E 121 38.10 -48.96 -29.18
C PRO E 121 37.38 -50.24 -29.54
N SER E 122 36.05 -50.16 -29.52
CA SER E 122 35.22 -51.29 -29.92
C SER E 122 35.27 -51.49 -31.43
N ASP E 123 35.21 -52.75 -31.86
CA ASP E 123 35.25 -53.05 -33.28
C ASP E 123 33.97 -52.59 -33.98
N GLU E 124 32.84 -52.58 -33.27
CA GLU E 124 31.59 -52.13 -33.88
C GLU E 124 31.70 -50.68 -34.34
N GLN E 125 32.30 -49.83 -33.52
CA GLN E 125 32.55 -48.45 -33.94
C GLN E 125 33.46 -48.39 -35.15
N LEU E 126 34.41 -49.32 -35.25
CA LEU E 126 35.27 -49.38 -36.43
C LEU E 126 34.44 -49.71 -37.68
N LYS E 127 33.50 -50.65 -37.56
CA LYS E 127 32.60 -50.90 -38.67
C LYS E 127 31.74 -49.68 -38.98
N SER E 128 31.39 -48.88 -37.97
CA SER E 128 30.64 -47.66 -38.22
C SER E 128 31.48 -46.62 -38.95
N GLY E 129 32.81 -46.71 -38.86
CA GLY E 129 33.68 -45.80 -39.56
C GLY E 129 34.44 -44.79 -38.71
N THR E 130 34.24 -44.80 -37.39
CA THR E 130 34.93 -43.91 -36.48
C THR E 130 35.59 -44.75 -35.39
N ALA E 131 36.18 -44.07 -34.40
CA ALA E 131 36.81 -44.75 -33.28
C ALA E 131 36.83 -43.82 -32.08
N SER E 132 36.78 -44.42 -30.89
CA SER E 132 36.80 -43.65 -29.65
C SER E 132 37.54 -44.45 -28.60
N VAL E 133 38.68 -43.94 -28.14
CA VAL E 133 39.44 -44.55 -27.06
C VAL E 133 39.00 -43.89 -25.76
N VAL E 134 38.94 -44.66 -24.68
CA VAL E 134 38.58 -44.14 -23.37
C VAL E 134 39.56 -44.68 -22.34
N CYS E 135 39.94 -43.84 -21.39
CA CYS E 135 40.70 -44.32 -20.24
C CYS E 135 40.10 -43.74 -18.96
N LEU E 136 40.08 -44.57 -17.92
CA LEU E 136 39.33 -44.31 -16.71
C LEU E 136 40.18 -43.58 -15.67
N LEU E 137 39.47 -42.90 -14.76
CA LEU E 137 40.04 -42.26 -13.58
C LEU E 137 39.26 -42.68 -12.35
N ASN E 138 39.05 -43.99 -12.19
CA ASN E 138 38.18 -44.47 -11.13
C ASN E 138 38.77 -44.14 -9.76
N ASN E 139 37.96 -43.50 -8.92
CA ASN E 139 38.26 -43.28 -7.51
C ASN E 139 39.57 -42.50 -7.31
N PHE E 140 39.54 -41.24 -7.73
CA PHE E 140 40.62 -40.30 -7.45
C PHE E 140 40.09 -39.13 -6.64
N TYR E 141 40.96 -38.56 -5.81
CA TYR E 141 40.64 -37.37 -5.04
C TYR E 141 41.94 -36.62 -4.77
N PRO E 142 41.95 -35.28 -4.87
CA PRO E 142 40.84 -34.38 -5.21
C PRO E 142 40.56 -34.30 -6.71
N ARG E 143 39.63 -33.42 -7.09
CA ARG E 143 39.23 -33.28 -8.48
C ARG E 143 40.36 -32.82 -9.38
N GLU E 144 41.30 -32.06 -8.85
CA GLU E 144 42.35 -31.47 -9.69
C GLU E 144 43.30 -32.57 -10.13
N ALA E 145 43.03 -33.13 -11.31
CA ALA E 145 43.87 -34.19 -11.87
C ALA E 145 43.80 -34.07 -13.39
N LYS E 146 44.80 -33.40 -13.97
CA LYS E 146 44.80 -33.20 -15.41
C LYS E 146 45.11 -34.51 -16.13
N VAL E 147 44.63 -34.60 -17.37
CA VAL E 147 44.85 -35.80 -18.18
C VAL E 147 45.28 -35.34 -19.58
N GLN E 148 46.22 -36.07 -20.16
CA GLN E 148 46.74 -35.77 -21.48
C GLN E 148 46.79 -37.06 -22.31
N TRP E 149 46.76 -36.89 -23.63
CA TRP E 149 46.73 -38.02 -24.56
C TRP E 149 47.96 -37.98 -25.46
N LYS E 150 48.69 -39.09 -25.51
CA LYS E 150 49.86 -39.24 -26.36
C LYS E 150 49.52 -40.26 -27.43
N VAL E 151 49.35 -39.79 -28.67
CA VAL E 151 49.20 -40.68 -29.83
C VAL E 151 50.59 -40.81 -30.44
N ASP E 152 51.25 -41.94 -30.14
CA ASP E 152 52.66 -42.14 -30.46
C ASP E 152 53.50 -40.99 -29.90
N ASN E 153 53.24 -40.66 -28.63
CA ASN E 153 53.91 -39.58 -27.92
C ASN E 153 53.67 -38.23 -28.59
N ALA E 154 52.41 -37.94 -28.88
CA ALA E 154 52.00 -36.65 -29.43
C ALA E 154 50.74 -36.19 -28.73
N LEU E 155 50.76 -34.96 -28.24
CA LEU E 155 49.65 -34.40 -27.49
C LEU E 155 48.70 -33.66 -28.44
N GLN E 156 47.44 -34.08 -28.47
CA GLN E 156 46.42 -33.44 -29.29
C GLN E 156 45.50 -32.62 -28.38
N SER E 157 45.54 -31.31 -28.54
CA SER E 157 44.73 -30.41 -27.74
C SER E 157 43.45 -30.06 -28.48
N GLY E 158 42.32 -30.11 -27.77
CA GLY E 158 41.02 -29.87 -28.35
C GLY E 158 40.33 -31.09 -28.89
N ASN E 159 41.01 -32.24 -28.92
CA ASN E 159 40.42 -33.48 -29.40
C ASN E 159 39.84 -34.32 -28.27
N SER E 160 40.46 -34.30 -27.09
CA SER E 160 39.99 -35.08 -25.95
C SER E 160 38.71 -34.48 -25.37
N GLN E 161 37.99 -35.31 -24.62
CA GLN E 161 36.75 -34.91 -23.95
C GLN E 161 36.77 -35.52 -22.56
N GLU E 162 36.64 -34.67 -21.55
CA GLU E 162 36.69 -35.11 -20.16
C GLU E 162 35.32 -34.95 -19.51
N SER E 163 34.94 -35.96 -18.73
CA SER E 163 33.65 -35.93 -18.03
C SER E 163 33.87 -36.46 -16.62
N VAL E 164 33.62 -35.62 -15.62
CA VAL E 164 33.80 -36.01 -14.22
C VAL E 164 32.43 -36.20 -13.59
N THR E 165 32.24 -37.35 -12.95
CA THR E 165 30.98 -37.63 -12.28
C THR E 165 30.87 -36.88 -10.96
N GLU E 166 29.66 -36.85 -10.42
CA GLU E 166 29.45 -36.23 -9.12
C GLU E 166 30.08 -37.07 -8.02
N GLN E 167 30.33 -36.44 -6.88
CA GLN E 167 30.98 -37.11 -5.77
C GLN E 167 30.14 -38.30 -5.29
N ASP E 168 30.80 -39.43 -5.07
CA ASP E 168 30.10 -40.61 -4.59
C ASP E 168 29.58 -40.37 -3.18
N SER E 169 28.46 -41.03 -2.87
CA SER E 169 27.84 -40.90 -1.56
C SER E 169 28.46 -41.80 -0.51
N LYS E 170 29.07 -42.93 -0.91
CA LYS E 170 29.62 -43.86 0.06
C LYS E 170 31.02 -43.44 0.51
N ASP E 171 31.96 -43.37 -0.44
CA ASP E 171 33.35 -43.06 -0.13
C ASP E 171 33.74 -41.62 -0.45
N SER E 172 32.85 -40.85 -1.07
CA SER E 172 33.09 -39.43 -1.38
C SER E 172 34.35 -39.25 -2.23
N THR E 173 34.42 -40.02 -3.31
CA THR E 173 35.57 -39.99 -4.20
C THR E 173 35.09 -39.81 -5.65
N TYR E 174 35.91 -39.11 -6.43
CA TYR E 174 35.56 -38.70 -7.78
C TYR E 174 35.92 -39.78 -8.80
N SER E 175 35.50 -39.54 -10.04
CA SER E 175 35.84 -40.42 -11.16
C SER E 175 35.72 -39.64 -12.45
N LEU E 176 36.72 -39.76 -13.31
CA LEU E 176 36.77 -39.02 -14.57
C LEU E 176 36.92 -39.99 -15.73
N SER E 177 36.23 -39.68 -16.83
CA SER E 177 36.34 -40.44 -18.07
C SER E 177 36.95 -39.51 -19.12
N SER E 178 38.03 -39.96 -19.74
CA SER E 178 38.70 -39.23 -20.82
C SER E 178 38.51 -40.01 -22.12
N THR E 179 37.96 -39.33 -23.13
CA THR E 179 37.66 -39.94 -24.42
C THR E 179 38.42 -39.20 -25.51
N LEU E 180 39.13 -39.96 -26.34
CA LEU E 180 39.82 -39.45 -27.52
C LEU E 180 39.08 -40.03 -28.73
N THR E 181 38.37 -39.16 -29.44
CA THR E 181 37.56 -39.58 -30.58
C THR E 181 38.26 -39.21 -31.88
N LEU E 182 38.36 -40.15 -32.80
CA LEU E 182 39.06 -39.95 -34.06
C LEU E 182 38.35 -40.70 -35.17
N SER E 183 38.76 -40.40 -36.40
CA SER E 183 38.28 -41.15 -37.55
C SER E 183 38.95 -42.52 -37.60
N LYS E 184 38.36 -43.42 -38.40
CA LYS E 184 38.95 -44.74 -38.56
C LYS E 184 40.34 -44.64 -39.17
N ALA E 185 40.51 -43.80 -40.18
CA ALA E 185 41.83 -43.56 -40.75
C ALA E 185 42.77 -42.97 -39.71
N ASP E 186 42.30 -41.98 -38.95
CA ASP E 186 43.11 -41.40 -37.89
C ASP E 186 43.47 -42.42 -36.83
N TYR E 187 42.56 -43.37 -36.56
CA TYR E 187 42.90 -44.49 -35.70
C TYR E 187 44.02 -45.32 -36.32
N GLU E 188 43.97 -45.55 -37.63
CA GLU E 188 44.96 -46.38 -38.31
C GLU E 188 46.16 -45.58 -38.82
N LYS E 189 46.47 -44.44 -38.18
CA LYS E 189 47.67 -43.68 -38.50
C LYS E 189 48.80 -43.93 -37.51
N HIS E 190 48.56 -43.68 -36.22
CA HIS E 190 49.57 -43.89 -35.20
C HIS E 190 49.46 -45.29 -34.62
N LYS E 191 50.45 -45.67 -33.82
CA LYS E 191 50.60 -47.04 -33.34
C LYS E 191 50.24 -47.18 -31.87
N VAL E 192 50.82 -46.36 -31.00
CA VAL E 192 50.64 -46.48 -29.55
C VAL E 192 49.86 -45.26 -29.07
N TYR E 193 48.74 -45.51 -28.39
CA TYR E 193 47.92 -44.47 -27.78
C TYR E 193 47.92 -44.66 -26.27
N ALA E 194 48.22 -43.58 -25.55
CA ALA E 194 48.31 -43.62 -24.10
C ALA E 194 47.68 -42.37 -23.53
N CYS E 195 47.31 -42.44 -22.25
CA CYS E 195 46.88 -41.25 -21.53
C CYS E 195 47.61 -41.19 -20.20
N GLU E 196 48.05 -39.98 -19.85
CA GLU E 196 48.77 -39.73 -18.61
C GLU E 196 47.94 -38.85 -17.69
N VAL E 197 48.04 -39.10 -16.39
CA VAL E 197 47.27 -38.38 -15.39
C VAL E 197 48.24 -37.73 -14.41
N THR E 198 48.08 -36.42 -14.20
CA THR E 198 48.92 -35.66 -13.27
C THR E 198 48.18 -35.44 -11.95
N HIS E 199 47.87 -36.55 -11.27
CA HIS E 199 47.13 -36.48 -10.03
C HIS E 199 48.07 -36.23 -8.84
N GLN E 200 47.55 -35.52 -7.85
CA GLN E 200 48.32 -35.27 -6.63
C GLN E 200 48.64 -36.57 -5.90
N GLY E 201 47.68 -37.49 -5.87
CA GLY E 201 47.87 -38.77 -5.19
C GLY E 201 48.82 -39.72 -5.88
N LEU E 202 49.32 -39.38 -7.06
CA LEU E 202 50.30 -40.19 -7.77
C LEU E 202 51.64 -39.48 -7.71
N SER E 203 52.64 -40.15 -7.14
CA SER E 203 53.97 -39.56 -7.02
C SER E 203 54.57 -39.29 -8.40
N SER E 204 54.44 -40.26 -9.31
CA SER E 204 54.88 -40.12 -10.68
C SER E 204 53.70 -40.29 -11.61
N PRO E 205 53.52 -39.40 -12.59
CA PRO E 205 52.34 -39.52 -13.47
C PRO E 205 52.41 -40.74 -14.36
N VAL E 206 51.57 -41.74 -14.07
CA VAL E 206 51.56 -42.96 -14.86
C VAL E 206 50.84 -42.69 -16.18
N THR E 207 51.38 -43.24 -17.26
CA THR E 207 50.81 -43.10 -18.59
C THR E 207 50.41 -44.50 -19.06
N LYS E 208 49.10 -44.77 -19.05
CA LYS E 208 48.60 -46.07 -19.45
C LYS E 208 48.39 -46.13 -20.96
N SER E 209 48.89 -47.20 -21.57
CA SER E 209 48.88 -47.37 -23.02
C SER E 209 48.33 -48.76 -23.36
N PHE E 210 48.16 -49.01 -24.65
CA PHE E 210 47.66 -50.29 -25.13
C PHE E 210 48.18 -50.52 -26.54
N ASN E 211 48.15 -51.78 -26.96
CA ASN E 211 48.62 -52.17 -28.28
C ASN E 211 47.51 -52.01 -29.30
N ARG E 212 47.86 -51.47 -30.48
CA ARG E 212 46.86 -51.28 -31.53
C ARG E 212 46.46 -52.60 -32.19
N GLY E 213 47.39 -53.53 -32.32
CA GLY E 213 47.10 -54.78 -33.00
C GLY E 213 46.59 -55.89 -32.10
N GLU E 214 47.25 -56.10 -30.96
CA GLU E 214 46.86 -57.17 -30.06
C GLU E 214 45.47 -56.93 -29.47
N CYS E 215 45.17 -55.69 -29.10
CA CYS E 215 43.89 -55.36 -28.48
C CYS E 215 42.77 -55.44 -29.51
N ILE F 2 -29.60 1.41 22.09
CA ILE F 2 -30.11 2.53 21.31
C ILE F 2 -31.28 2.11 20.44
N VAL F 3 -32.44 2.71 20.71
CA VAL F 3 -33.67 2.40 19.98
C VAL F 3 -33.58 3.12 18.64
N MET F 4 -33.36 2.35 17.58
CA MET F 4 -33.15 2.91 16.26
C MET F 4 -34.47 2.84 15.47
N THR F 5 -34.96 4.00 15.05
CA THR F 5 -36.32 4.12 14.55
C THR F 5 -36.33 4.61 13.12
N GLN F 6 -37.21 4.04 12.31
CA GLN F 6 -37.45 4.48 10.93
C GLN F 6 -38.83 5.10 10.86
N SER F 7 -38.92 6.33 10.35
CA SER F 7 -40.18 7.07 10.41
C SER F 7 -41.23 6.52 9.46
N PRO F 8 -41.01 6.51 8.13
CA PRO F 8 -42.10 6.07 7.24
C PRO F 8 -42.17 4.55 7.09
N ALA F 9 -42.86 3.91 8.04
CA ALA F 9 -42.89 2.45 8.12
C ALA F 9 -43.31 1.80 6.80
N THR F 10 -43.99 2.54 5.92
CA THR F 10 -44.22 2.09 4.56
C THR F 10 -44.11 3.29 3.64
N LEU F 11 -43.77 3.03 2.38
CA LEU F 11 -43.56 4.09 1.41
C LEU F 11 -44.13 3.64 0.06
N SER F 12 -45.16 4.33 -0.40
CA SER F 12 -45.81 4.02 -1.68
C SER F 12 -45.44 5.13 -2.66
N VAL F 13 -44.44 4.86 -3.48
CA VAL F 13 -43.97 5.81 -4.50
C VAL F 13 -43.80 5.08 -5.82
N SER F 14 -44.23 5.72 -6.90
CA SER F 14 -44.26 5.09 -8.21
C SER F 14 -42.86 4.89 -8.76
N PRO F 15 -42.67 3.92 -9.67
CA PRO F 15 -41.36 3.71 -10.28
C PRO F 15 -40.89 4.93 -11.06
N GLY F 16 -39.74 5.49 -10.68
CA GLY F 16 -39.18 6.68 -11.29
C GLY F 16 -39.23 7.89 -10.39
N GLU F 17 -40.21 7.96 -9.50
CA GLU F 17 -40.32 9.06 -8.56
C GLU F 17 -39.33 8.88 -7.42
N ARG F 18 -38.75 9.99 -6.97
CA ARG F 18 -37.77 9.95 -5.90
C ARG F 18 -38.41 9.48 -4.60
N ALA F 19 -37.68 8.64 -3.87
CA ALA F 19 -38.09 8.17 -2.56
C ALA F 19 -37.09 8.64 -1.52
N THR F 20 -37.59 9.00 -0.34
CA THR F 20 -36.76 9.52 0.74
C THR F 20 -37.10 8.77 2.02
N LEU F 21 -36.18 7.94 2.48
CA LEU F 21 -36.38 7.08 3.63
C LEU F 21 -35.65 7.67 4.83
N SER F 22 -36.36 7.82 5.94
CA SER F 22 -35.82 8.48 7.11
C SER F 22 -35.51 7.46 8.19
N CYS F 23 -34.54 7.81 9.04
CA CYS F 23 -34.15 6.94 10.14
C CYS F 23 -33.56 7.80 11.25
N ARG F 24 -34.18 7.77 12.42
CA ARG F 24 -33.70 8.50 13.59
C ARG F 24 -33.11 7.54 14.60
N ALA F 25 -32.25 8.09 15.46
CA ALA F 25 -31.57 7.31 16.49
C ALA F 25 -31.94 7.85 17.87
N SER F 26 -31.81 6.98 18.87
CA SER F 26 -32.08 7.37 20.25
C SER F 26 -31.12 8.47 20.70
N GLN F 27 -29.84 8.30 20.43
CA GLN F 27 -28.83 9.29 20.76
C GLN F 27 -27.86 9.45 19.60
N SER F 28 -27.20 10.59 19.55
CA SER F 28 -26.27 10.89 18.47
C SER F 28 -25.13 9.88 18.46
N VAL F 29 -25.12 8.99 17.47
CA VAL F 29 -24.12 7.93 17.46
C VAL F 29 -22.85 8.40 16.78
N SER F 30 -22.91 8.66 15.48
CA SER F 30 -21.76 9.10 14.69
C SER F 30 -22.24 9.35 13.26
N SER F 31 -21.30 9.58 12.36
CA SER F 31 -21.67 9.30 10.98
C SER F 31 -21.73 7.80 10.70
N SER F 32 -21.64 6.95 11.72
CA SER F 32 -21.54 5.50 11.57
C SER F 32 -22.95 4.91 11.53
N LEU F 33 -23.45 4.67 10.33
CA LEU F 33 -24.75 4.03 10.13
C LEU F 33 -24.78 3.39 8.76
N ALA F 34 -25.46 2.25 8.65
CA ALA F 34 -25.51 1.50 7.41
C ALA F 34 -26.95 1.38 6.93
N TRP F 35 -27.10 1.24 5.62
CA TRP F 35 -28.40 1.07 4.97
C TRP F 35 -28.34 -0.21 4.15
N TYR F 36 -29.14 -1.19 4.57
CA TYR F 36 -29.24 -2.50 3.92
C TYR F 36 -30.58 -2.62 3.21
N GLN F 37 -30.57 -3.37 2.12
CA GLN F 37 -31.77 -3.60 1.32
C GLN F 37 -32.05 -5.10 1.29
N GLN F 38 -33.20 -5.49 1.83
CA GLN F 38 -33.65 -6.88 1.80
C GLN F 38 -34.84 -6.97 0.85
N LYS F 39 -34.64 -7.66 -0.27
CA LYS F 39 -35.73 -7.98 -1.17
C LYS F 39 -36.56 -9.12 -0.57
N PRO F 40 -37.77 -9.33 -1.06
CA PRO F 40 -38.67 -10.28 -0.38
C PRO F 40 -38.21 -11.72 -0.54
N GLY F 41 -37.26 -12.14 0.29
CA GLY F 41 -36.82 -13.53 0.32
C GLY F 41 -35.32 -13.69 0.33
N GLN F 42 -34.60 -12.80 -0.34
CA GLN F 42 -33.15 -12.91 -0.44
C GLN F 42 -32.50 -12.36 0.83
N ALA F 43 -31.19 -12.51 0.91
CA ALA F 43 -30.43 -11.95 2.01
C ALA F 43 -30.24 -10.45 1.80
N PRO F 44 -30.16 -9.67 2.88
CA PRO F 44 -29.99 -8.23 2.74
C PRO F 44 -28.70 -7.88 2.02
N ARG F 45 -28.76 -6.80 1.24
CA ARG F 45 -27.65 -6.31 0.44
C ARG F 45 -27.28 -4.93 0.95
N ARG F 46 -26.04 -4.77 1.39
CA ARG F 46 -25.63 -3.49 1.95
C ARG F 46 -25.53 -2.44 0.86
N LEU F 47 -26.29 -1.36 1.03
CA LEU F 47 -26.22 -0.22 0.12
C LEU F 47 -25.24 0.82 0.64
N ILE F 48 -25.46 1.30 1.86
CA ILE F 48 -24.73 2.44 2.39
C ILE F 48 -24.00 2.01 3.66
N TYR F 49 -22.79 2.52 3.85
CA TYR F 49 -22.12 2.43 5.13
C TYR F 49 -21.45 3.76 5.39
N SER F 50 -21.18 4.05 6.66
CA SER F 50 -20.72 5.36 7.11
C SER F 50 -21.71 6.46 6.78
N ALA F 51 -22.97 6.07 6.50
CA ALA F 51 -24.10 6.96 6.30
C ALA F 51 -23.98 7.80 5.03
N SER F 52 -22.84 7.74 4.35
CA SER F 52 -22.68 8.46 3.10
C SER F 52 -22.08 7.57 2.01
N THR F 53 -21.25 6.62 2.40
CA THR F 53 -20.48 5.84 1.45
C THR F 53 -21.34 4.73 0.86
N ARG F 54 -21.21 4.53 -0.45
CA ARG F 54 -21.93 3.48 -1.15
C ARG F 54 -21.07 2.22 -1.22
N ALA F 55 -21.71 1.07 -1.07
CA ALA F 55 -21.01 -0.19 -1.27
C ALA F 55 -20.73 -0.40 -2.75
N THR F 56 -19.72 -1.22 -3.04
CA THR F 56 -19.34 -1.49 -4.42
C THR F 56 -20.43 -2.29 -5.12
N GLY F 57 -20.81 -1.85 -6.31
CA GLY F 57 -21.86 -2.48 -7.07
C GLY F 57 -23.24 -1.90 -6.85
N ILE F 58 -23.41 -1.03 -5.85
CA ILE F 58 -24.68 -0.38 -5.60
C ILE F 58 -24.87 0.73 -6.62
N PRO F 59 -26.02 0.80 -7.29
CA PRO F 59 -26.22 1.84 -8.30
C PRO F 59 -26.17 3.24 -7.69
N ALA F 60 -25.78 4.20 -8.51
CA ALA F 60 -25.57 5.57 -8.06
C ALA F 60 -26.85 6.27 -7.64
N ARG F 61 -28.03 5.70 -7.94
CA ARG F 61 -29.28 6.32 -7.55
C ARG F 61 -29.53 6.28 -6.05
N PHE F 62 -28.80 5.43 -5.31
CA PHE F 62 -28.89 5.42 -3.86
C PHE F 62 -27.93 6.44 -3.29
N SER F 63 -28.41 7.26 -2.36
CA SER F 63 -27.58 8.30 -1.75
C SER F 63 -27.92 8.39 -0.27
N GLY F 64 -26.97 8.05 0.59
CA GLY F 64 -27.15 8.20 2.02
C GLY F 64 -26.61 9.53 2.50
N SER F 65 -27.27 10.10 3.51
CA SER F 65 -26.84 11.37 4.06
C SER F 65 -27.33 11.48 5.49
N GLY F 66 -26.81 12.46 6.20
CA GLY F 66 -27.22 12.73 7.57
C GLY F 66 -26.17 12.33 8.58
N SER F 67 -26.49 12.61 9.83
CA SER F 67 -25.59 12.34 10.95
C SER F 67 -26.37 12.53 12.24
N GLY F 68 -25.67 12.40 13.36
CA GLY F 68 -26.28 12.59 14.66
C GLY F 68 -27.41 11.63 14.93
N THR F 69 -28.64 12.15 14.90
CA THR F 69 -29.84 11.34 15.10
C THR F 69 -30.79 11.47 13.93
N GLU F 70 -30.28 11.76 12.74
CA GLU F 70 -31.13 11.91 11.56
C GLU F 70 -30.37 11.47 10.33
N PHE F 71 -30.87 10.43 9.66
CA PHE F 71 -30.24 9.91 8.46
C PHE F 71 -31.32 9.68 7.40
N THR F 72 -30.95 9.93 6.15
CA THR F 72 -31.87 9.79 5.03
C THR F 72 -31.20 9.01 3.91
N LEU F 73 -31.93 8.04 3.37
CA LEU F 73 -31.52 7.31 2.17
C LEU F 73 -32.46 7.74 1.05
N THR F 74 -31.90 8.37 0.01
CA THR F 74 -32.69 8.88 -1.10
C THR F 74 -32.41 8.05 -2.34
N ILE F 75 -33.48 7.64 -3.01
CA ILE F 75 -33.40 6.96 -4.30
C ILE F 75 -33.99 7.91 -5.33
N SER F 76 -33.15 8.40 -6.24
CA SER F 76 -33.59 9.40 -7.19
C SER F 76 -34.46 8.79 -8.27
N SER F 77 -33.88 7.88 -9.07
CA SER F 77 -34.60 7.23 -10.15
C SER F 77 -34.98 5.83 -9.69
N LEU F 78 -36.10 5.75 -8.99
CA LEU F 78 -36.53 4.50 -8.37
C LEU F 78 -36.96 3.53 -9.46
N GLN F 79 -36.09 2.59 -9.79
CA GLN F 79 -36.38 1.60 -10.82
C GLN F 79 -37.24 0.49 -10.23
N SER F 80 -37.56 -0.52 -11.02
CA SER F 80 -38.49 -1.55 -10.60
C SER F 80 -37.87 -2.60 -9.67
N GLU F 81 -36.53 -2.68 -9.61
CA GLU F 81 -35.87 -3.65 -8.76
C GLU F 81 -35.53 -3.10 -7.38
N ASP F 82 -35.86 -1.85 -7.10
CA ASP F 82 -35.56 -1.23 -5.82
C ASP F 82 -36.74 -1.24 -4.86
N PHE F 83 -37.81 -1.96 -5.19
CA PHE F 83 -38.95 -2.10 -4.30
C PHE F 83 -38.66 -3.24 -3.33
N ALA F 84 -38.25 -2.90 -2.12
CA ALA F 84 -37.88 -3.89 -1.13
C ALA F 84 -37.99 -3.24 0.25
N ILE F 85 -37.44 -3.90 1.26
CA ILE F 85 -37.39 -3.37 2.61
C ILE F 85 -36.00 -2.80 2.84
N TYR F 86 -35.91 -1.68 3.56
CA TYR F 86 -34.64 -1.03 3.82
C TYR F 86 -34.46 -0.84 5.31
N TYR F 87 -33.33 -1.30 5.83
CA TYR F 87 -33.03 -1.25 7.25
C TYR F 87 -31.85 -0.32 7.49
N CYS F 88 -31.92 0.45 8.57
CA CYS F 88 -30.81 1.29 9.01
C CYS F 88 -30.17 0.69 10.25
N HIS F 89 -28.85 0.63 10.24
CA HIS F 89 -28.05 -0.09 11.21
C HIS F 89 -27.14 0.88 11.96
N GLN F 90 -27.17 0.78 13.28
CA GLN F 90 -26.37 1.61 14.18
C GLN F 90 -25.21 0.76 14.69
N TYR F 91 -24.01 1.01 14.15
CA TYR F 91 -22.85 0.28 14.62
C TYR F 91 -21.86 1.14 15.37
N ASN F 92 -22.29 2.27 15.95
CA ASN F 92 -21.38 3.08 16.74
C ASN F 92 -21.02 2.40 18.06
N ASN F 93 -22.02 1.90 18.79
CA ASN F 93 -21.78 1.27 20.07
C ASN F 93 -22.61 0.00 20.18
N TRP F 94 -22.18 -0.87 21.09
CA TRP F 94 -22.79 -2.18 21.23
C TRP F 94 -23.84 -2.14 22.34
N PRO F 95 -24.93 -2.91 22.23
CA PRO F 95 -25.21 -3.86 21.15
C PRO F 95 -25.69 -3.18 19.86
N LEU F 96 -25.42 -3.81 18.73
CA LEU F 96 -25.83 -3.25 17.45
C LEU F 96 -27.34 -3.33 17.33
N THR F 97 -27.94 -2.33 16.68
CA THR F 97 -29.37 -2.29 16.50
C THR F 97 -29.71 -1.96 15.06
N PHE F 98 -30.78 -2.58 14.57
CA PHE F 98 -31.33 -2.29 13.26
C PHE F 98 -32.56 -1.40 13.42
N GLY F 99 -33.10 -0.94 12.29
CA GLY F 99 -34.33 -0.19 12.28
C GLY F 99 -35.54 -1.09 12.11
N GLY F 100 -36.72 -0.45 12.15
CA GLY F 100 -37.94 -1.19 11.90
C GLY F 100 -38.01 -1.76 10.50
N GLY F 101 -37.57 -0.96 9.52
CA GLY F 101 -37.56 -1.40 8.14
C GLY F 101 -38.71 -0.85 7.33
N THR F 102 -38.43 0.20 6.55
CA THR F 102 -39.47 0.79 5.71
C THR F 102 -39.62 -0.01 4.44
N LYS F 103 -40.86 -0.40 4.13
CA LYS F 103 -41.14 -1.19 2.94
C LYS F 103 -41.49 -0.22 1.81
N VAL F 104 -40.59 -0.10 0.84
CA VAL F 104 -40.83 0.72 -0.34
C VAL F 104 -41.67 -0.10 -1.31
N GLU F 105 -42.90 0.33 -1.55
CA GLU F 105 -43.84 -0.40 -2.37
C GLU F 105 -44.24 0.43 -3.59
N ILE F 106 -44.93 -0.23 -4.52
CA ILE F 106 -45.33 0.40 -5.77
C ILE F 106 -46.57 1.25 -5.54
N LYS F 107 -46.57 2.46 -6.09
CA LYS F 107 -47.72 3.35 -6.01
C LYS F 107 -48.68 3.04 -7.15
N ARG F 108 -49.95 2.82 -6.81
CA ARG F 108 -50.98 2.45 -7.76
C ARG F 108 -52.27 3.16 -7.38
N THR F 109 -53.10 3.45 -8.38
CA THR F 109 -54.33 4.18 -8.12
C THR F 109 -55.26 3.37 -7.23
N VAL F 110 -55.99 4.07 -6.37
CA VAL F 110 -56.76 3.41 -5.32
C VAL F 110 -57.86 2.56 -5.93
N ALA F 111 -57.98 1.32 -5.45
CA ALA F 111 -58.99 0.39 -5.92
C ALA F 111 -59.77 -0.18 -4.75
N ALA F 112 -61.07 -0.31 -4.94
CA ALA F 112 -61.91 -0.92 -3.92
C ALA F 112 -61.73 -2.43 -3.90
N PRO F 113 -61.66 -3.03 -2.72
CA PRO F 113 -61.49 -4.48 -2.64
C PRO F 113 -62.72 -5.23 -3.11
N SER F 114 -62.48 -6.43 -3.61
CA SER F 114 -63.54 -7.41 -3.85
C SER F 114 -63.67 -8.21 -2.57
N VAL F 115 -64.83 -8.10 -1.93
CA VAL F 115 -65.01 -8.67 -0.60
C VAL F 115 -65.88 -9.91 -0.68
N PHE F 116 -65.41 -10.99 -0.04
CA PHE F 116 -66.13 -12.25 0.00
C PHE F 116 -66.07 -12.81 1.41
N ILE F 117 -67.02 -13.66 1.76
CA ILE F 117 -67.07 -14.30 3.07
C ILE F 117 -67.44 -15.77 2.88
N PHE F 118 -66.77 -16.65 3.62
CA PHE F 118 -66.94 -18.07 3.45
C PHE F 118 -67.43 -18.72 4.74
N PRO F 119 -68.55 -19.43 4.71
CA PRO F 119 -69.01 -20.16 5.90
C PRO F 119 -68.11 -21.34 6.20
N PRO F 120 -68.05 -21.79 7.45
CA PRO F 120 -67.20 -22.94 7.78
C PRO F 120 -67.67 -24.20 7.08
N SER F 121 -66.71 -25.06 6.73
CA SER F 121 -67.03 -26.31 6.07
C SER F 121 -67.75 -27.27 7.02
N ASP F 122 -68.54 -28.17 6.44
CA ASP F 122 -69.34 -29.09 7.24
C ASP F 122 -68.47 -30.05 8.06
N GLU F 123 -67.39 -30.57 7.46
CA GLU F 123 -66.56 -31.49 8.24
C GLU F 123 -65.72 -30.77 9.28
N GLN F 124 -65.60 -29.46 9.20
CA GLN F 124 -64.98 -28.71 10.28
C GLN F 124 -65.85 -28.71 11.52
N LEU F 125 -67.17 -28.82 11.34
CA LEU F 125 -68.09 -28.87 12.48
C LEU F 125 -67.89 -30.13 13.30
N LYS F 126 -67.82 -31.28 12.62
CA LYS F 126 -67.59 -32.54 13.32
C LYS F 126 -66.19 -32.62 13.91
N SER F 127 -65.27 -31.77 13.45
CA SER F 127 -63.95 -31.70 14.06
C SER F 127 -63.97 -30.97 15.39
N GLY F 128 -64.93 -30.08 15.62
CA GLY F 128 -65.04 -29.37 16.87
C GLY F 128 -64.65 -27.91 16.84
N THR F 129 -64.48 -27.30 15.66
CA THR F 129 -64.07 -25.91 15.57
C THR F 129 -64.73 -25.29 14.34
N ALA F 130 -64.58 -23.97 14.23
CA ALA F 130 -65.11 -23.20 13.11
C ALA F 130 -64.13 -22.09 12.74
N SER F 131 -63.98 -21.87 11.44
CA SER F 131 -63.14 -20.80 10.91
C SER F 131 -63.91 -20.09 9.81
N VAL F 132 -64.29 -18.85 10.05
CA VAL F 132 -65.01 -18.03 9.09
C VAL F 132 -64.02 -17.03 8.49
N VAL F 133 -63.87 -17.05 7.18
CA VAL F 133 -62.86 -16.20 6.54
C VAL F 133 -63.54 -15.12 5.71
N CYS F 134 -63.02 -13.91 5.85
CA CYS F 134 -63.41 -12.76 5.02
C CYS F 134 -62.20 -12.40 4.17
N LEU F 135 -62.39 -12.37 2.86
CA LEU F 135 -61.30 -12.13 1.92
C LEU F 135 -61.52 -10.83 1.16
N LEU F 136 -60.47 -10.04 1.08
CA LEU F 136 -60.40 -8.86 0.23
C LEU F 136 -59.42 -9.18 -0.90
N ASN F 137 -59.84 -8.93 -2.14
CA ASN F 137 -59.02 -9.23 -3.30
C ASN F 137 -58.82 -7.97 -4.11
N ASN F 138 -57.59 -7.75 -4.58
CA ASN F 138 -57.29 -6.72 -5.57
C ASN F 138 -57.68 -5.34 -5.05
N PHE F 139 -57.03 -4.92 -3.97
CA PHE F 139 -57.25 -3.62 -3.38
C PHE F 139 -55.92 -2.92 -3.12
N TYR F 140 -55.99 -1.60 -2.97
CA TYR F 140 -54.82 -0.77 -2.74
C TYR F 140 -55.29 0.53 -2.12
N PRO F 141 -54.58 1.07 -1.11
CA PRO F 141 -53.34 0.56 -0.52
C PRO F 141 -53.56 -0.60 0.45
N ARG F 142 -52.46 -1.11 1.00
CA ARG F 142 -52.52 -2.22 1.94
C ARG F 142 -53.34 -1.88 3.18
N GLU F 143 -53.34 -0.61 3.59
CA GLU F 143 -54.04 -0.22 4.80
C GLU F 143 -55.55 -0.34 4.58
N ALA F 144 -56.16 -1.39 5.15
CA ALA F 144 -57.59 -1.62 5.02
C ALA F 144 -58.03 -2.44 6.23
N LYS F 145 -58.94 -1.89 7.03
CA LYS F 145 -59.34 -2.54 8.27
C LYS F 145 -60.53 -3.45 8.04
N VAL F 146 -60.54 -4.59 8.73
CA VAL F 146 -61.65 -5.53 8.70
C VAL F 146 -62.00 -5.91 10.13
N GLN F 147 -63.28 -5.84 10.47
CA GLN F 147 -63.76 -6.15 11.81
C GLN F 147 -64.90 -7.13 11.75
N TRP F 148 -64.84 -8.17 12.59
CA TRP F 148 -65.90 -9.17 12.63
C TRP F 148 -67.07 -8.67 13.46
N LYS F 149 -68.27 -9.08 13.06
CA LYS F 149 -69.51 -8.68 13.71
C LYS F 149 -70.36 -9.93 13.94
N VAL F 150 -70.68 -10.20 15.20
CA VAL F 150 -71.55 -11.31 15.56
C VAL F 150 -72.77 -10.75 16.25
N ASP F 151 -73.95 -10.98 15.66
CA ASP F 151 -75.21 -10.43 16.17
C ASP F 151 -75.09 -8.92 16.36
N ASN F 152 -74.46 -8.26 15.38
CA ASN F 152 -74.20 -6.82 15.42
C ASN F 152 -73.37 -6.43 16.64
N ALA F 153 -72.43 -7.31 17.02
CA ALA F 153 -71.49 -7.04 18.08
C ALA F 153 -70.08 -7.32 17.58
N LEU F 154 -69.15 -6.42 17.91
CA LEU F 154 -67.80 -6.52 17.38
C LEU F 154 -67.02 -7.63 18.08
N GLN F 155 -65.97 -8.10 17.40
CA GLN F 155 -65.11 -9.15 17.92
C GLN F 155 -63.65 -8.71 17.85
N SER F 156 -62.84 -9.25 18.76
CA SER F 156 -61.42 -8.94 18.80
C SER F 156 -60.69 -10.05 19.53
N GLY F 157 -59.38 -10.13 19.29
CA GLY F 157 -58.52 -11.09 19.95
C GLY F 157 -58.57 -12.51 19.42
N ASN F 158 -59.68 -12.91 18.79
CA ASN F 158 -59.83 -14.25 18.25
C ASN F 158 -59.76 -14.30 16.74
N SER F 159 -59.13 -13.30 16.11
CA SER F 159 -59.01 -13.25 14.67
C SER F 159 -57.57 -12.95 14.29
N GLN F 160 -57.07 -13.66 13.27
CA GLN F 160 -55.72 -13.49 12.77
C GLN F 160 -55.78 -13.14 11.30
N GLU F 161 -55.02 -12.12 10.90
CA GLU F 161 -55.03 -11.62 9.55
C GLU F 161 -53.85 -12.15 8.75
N SER F 162 -54.02 -12.20 7.43
CA SER F 162 -52.98 -12.65 6.50
C SER F 162 -53.08 -11.81 5.24
N VAL F 163 -51.96 -11.21 4.85
CA VAL F 163 -51.89 -10.34 3.67
C VAL F 163 -50.79 -10.85 2.77
N THR F 164 -51.13 -11.07 1.50
CA THR F 164 -50.13 -11.47 0.53
C THR F 164 -49.30 -10.26 0.10
N GLU F 165 -48.13 -10.55 -0.48
CA GLU F 165 -47.29 -9.48 -0.98
C GLU F 165 -47.94 -8.83 -2.20
N GLN F 166 -47.44 -7.65 -2.54
CA GLN F 166 -47.98 -6.91 -3.68
C GLN F 166 -47.79 -7.72 -4.96
N ASP F 167 -48.86 -7.79 -5.77
CA ASP F 167 -48.83 -8.59 -6.98
C ASP F 167 -47.79 -8.06 -7.97
N SER F 168 -47.17 -8.98 -8.71
CA SER F 168 -46.21 -8.60 -9.74
C SER F 168 -46.89 -8.27 -11.06
N LYS F 169 -48.21 -8.42 -11.16
CA LYS F 169 -48.95 -8.12 -12.37
C LYS F 169 -49.76 -6.84 -12.26
N ASP F 170 -50.58 -6.70 -11.21
CA ASP F 170 -51.41 -5.54 -11.03
C ASP F 170 -50.92 -4.62 -9.91
N SER F 171 -49.99 -5.10 -9.08
CA SER F 171 -49.47 -4.33 -7.94
C SER F 171 -50.57 -3.98 -6.96
N THR F 172 -51.34 -5.00 -6.56
CA THR F 172 -52.45 -4.84 -5.64
C THR F 172 -52.40 -5.97 -4.60
N TYR F 173 -53.11 -5.75 -3.50
CA TYR F 173 -53.01 -6.62 -2.34
C TYR F 173 -54.23 -7.54 -2.21
N SER F 174 -54.05 -8.59 -1.41
CA SER F 174 -55.16 -9.44 -0.99
C SER F 174 -55.00 -9.72 0.49
N LEU F 175 -56.13 -9.73 1.20
CA LEU F 175 -56.16 -9.89 2.64
C LEU F 175 -57.14 -11.00 2.99
N SER F 176 -56.85 -11.71 4.08
CA SER F 176 -57.71 -12.82 4.51
C SER F 176 -57.77 -12.81 6.03
N SER F 177 -58.89 -12.36 6.57
CA SER F 177 -59.10 -12.36 8.02
C SER F 177 -59.88 -13.60 8.42
N THR F 178 -59.34 -14.34 9.38
CA THR F 178 -59.95 -15.59 9.83
C THR F 178 -60.44 -15.45 11.26
N LEU F 179 -61.74 -15.70 11.46
CA LEU F 179 -62.38 -15.73 12.76
C LEU F 179 -62.42 -17.19 13.20
N THR F 180 -61.65 -17.51 14.23
CA THR F 180 -61.57 -18.88 14.73
C THR F 180 -62.34 -19.01 16.03
N LEU F 181 -63.19 -20.02 16.12
CA LEU F 181 -63.98 -20.30 17.31
C LEU F 181 -64.07 -21.81 17.47
N SER F 182 -64.58 -22.25 18.62
CA SER F 182 -64.86 -23.66 18.84
C SER F 182 -66.24 -23.99 18.26
N LYS F 183 -66.67 -25.23 18.47
CA LYS F 183 -68.02 -25.60 18.06
C LYS F 183 -69.07 -25.04 19.01
N ALA F 184 -68.78 -25.03 20.31
CA ALA F 184 -69.76 -24.62 21.31
C ALA F 184 -70.13 -23.14 21.13
N ASP F 185 -69.13 -22.27 20.97
CA ASP F 185 -69.42 -20.86 20.79
C ASP F 185 -69.84 -20.52 19.37
N TYR F 186 -69.78 -21.48 18.45
CA TYR F 186 -70.26 -21.26 17.09
C TYR F 186 -71.76 -21.46 17.00
N GLU F 187 -72.26 -22.61 17.47
CA GLU F 187 -73.69 -22.89 17.40
C GLU F 187 -74.52 -21.96 18.28
N LYS F 188 -73.90 -21.32 19.27
CA LYS F 188 -74.61 -20.35 20.09
C LYS F 188 -74.79 -19.01 19.40
N HIS F 189 -74.36 -18.89 18.15
CA HIS F 189 -74.37 -17.63 17.43
C HIS F 189 -75.12 -17.83 16.11
N LYS F 190 -75.69 -16.74 15.59
CA LYS F 190 -76.51 -16.86 14.39
C LYS F 190 -76.12 -15.88 13.29
N VAL F 191 -75.64 -14.70 13.66
CA VAL F 191 -75.34 -13.64 12.71
C VAL F 191 -73.83 -13.46 12.61
N TYR F 192 -73.31 -13.51 11.38
CA TYR F 192 -71.88 -13.34 11.14
C TYR F 192 -71.67 -12.37 9.99
N ALA F 193 -70.80 -11.39 10.19
CA ALA F 193 -70.51 -10.39 9.18
C ALA F 193 -69.06 -9.94 9.31
N CYS F 194 -68.54 -9.39 8.22
CA CYS F 194 -67.19 -8.82 8.22
C CYS F 194 -67.27 -7.43 7.60
N GLU F 195 -67.15 -6.41 8.45
CA GLU F 195 -67.17 -5.03 7.99
C GLU F 195 -65.80 -4.62 7.49
N VAL F 196 -65.75 -4.06 6.28
CA VAL F 196 -64.51 -3.70 5.62
C VAL F 196 -64.49 -2.19 5.45
N THR F 197 -63.50 -1.54 6.06
CA THR F 197 -63.28 -0.10 5.93
C THR F 197 -61.97 0.09 5.16
N HIS F 198 -62.10 0.54 3.92
CA HIS F 198 -60.96 0.85 3.07
C HIS F 198 -61.15 2.22 2.44
N GLN F 199 -60.03 2.84 2.07
CA GLN F 199 -60.08 4.18 1.48
C GLN F 199 -60.85 4.16 0.17
N GLY F 200 -60.63 3.14 -0.67
CA GLY F 200 -61.34 3.06 -1.92
C GLY F 200 -62.84 2.89 -1.76
N LEU F 201 -63.26 2.15 -0.72
CA LEU F 201 -64.68 1.94 -0.49
C LEU F 201 -65.32 3.24 -0.01
N SER F 202 -66.32 3.71 -0.76
CA SER F 202 -67.07 4.89 -0.34
C SER F 202 -67.80 4.66 0.98
N SER F 203 -68.40 3.50 1.14
CA SER F 203 -69.07 3.12 2.37
C SER F 203 -68.55 1.77 2.84
N PRO F 204 -68.46 1.55 4.16
CA PRO F 204 -67.97 0.25 4.65
C PRO F 204 -68.90 -0.89 4.27
N VAL F 205 -68.42 -1.78 3.41
CA VAL F 205 -69.21 -2.93 2.99
C VAL F 205 -69.27 -3.95 4.13
N THR F 206 -70.36 -4.71 4.16
CA THR F 206 -70.58 -5.71 5.22
C THR F 206 -71.17 -6.95 4.58
N LYS F 207 -70.30 -7.89 4.21
CA LYS F 207 -70.71 -9.16 3.62
C LYS F 207 -71.04 -10.12 4.76
N SER F 208 -72.32 -10.46 4.90
CA SER F 208 -72.80 -11.26 6.01
C SER F 208 -73.53 -12.50 5.50
N PHE F 209 -73.60 -13.51 6.37
CA PHE F 209 -74.42 -14.68 6.11
C PHE F 209 -75.02 -15.14 7.43
N ASN F 210 -76.08 -15.93 7.35
CA ASN F 210 -76.76 -16.47 8.52
C ASN F 210 -76.54 -17.98 8.61
N ARG F 211 -76.46 -18.47 9.84
CA ARG F 211 -76.29 -19.90 10.06
C ARG F 211 -77.54 -20.67 9.69
N GLY F 212 -77.36 -21.95 9.37
CA GLY F 212 -78.46 -22.81 9.01
C GLY F 212 -78.42 -23.22 7.55
N GLU F 213 -78.05 -22.28 6.70
CA GLU F 213 -77.95 -22.51 5.26
C GLU F 213 -76.57 -22.08 4.77
N CYS F 214 -76.10 -22.75 3.72
CA CYS F 214 -74.79 -22.46 3.15
C CYS F 214 -74.72 -21.05 2.61
N GLU G 1 -14.91 -15.27 -5.52
CA GLU G 1 -16.14 -14.65 -5.01
C GLU G 1 -16.36 -15.00 -3.55
N VAL G 2 -16.65 -13.98 -2.74
CA VAL G 2 -16.95 -14.21 -1.34
C VAL G 2 -18.29 -14.91 -1.21
N GLN G 3 -18.32 -16.03 -0.50
CA GLN G 3 -19.56 -16.75 -0.29
C GLN G 3 -19.53 -17.45 1.06
N LEU G 4 -20.65 -17.38 1.77
CA LEU G 4 -20.81 -18.03 3.07
C LEU G 4 -22.05 -18.90 3.03
N VAL G 5 -21.93 -20.11 3.59
CA VAL G 5 -23.05 -21.04 3.68
C VAL G 5 -23.24 -21.43 5.13
N GLU G 6 -24.48 -21.72 5.51
CA GLU G 6 -24.81 -22.05 6.88
C GLU G 6 -25.13 -23.53 7.00
N SER G 7 -25.16 -24.02 8.24
CA SER G 7 -25.31 -25.45 8.47
C SER G 7 -26.76 -25.89 8.28
N GLY G 8 -27.66 -25.39 9.09
CA GLY G 8 -29.05 -25.79 9.05
C GLY G 8 -29.65 -25.79 10.44
N GLY G 9 -30.93 -25.45 10.51
CA GLY G 9 -31.65 -25.45 11.77
C GLY G 9 -32.86 -26.37 11.75
N ASP G 10 -32.82 -27.42 12.56
CA ASP G 10 -33.88 -28.40 12.60
C ASP G 10 -34.92 -28.00 13.65
N LEU G 11 -35.96 -28.81 13.76
CA LEU G 11 -36.94 -28.62 14.82
C LEU G 11 -36.30 -28.90 16.17
N VAL G 12 -36.44 -27.96 17.09
CA VAL G 12 -35.88 -28.10 18.43
C VAL G 12 -36.90 -27.61 19.45
N GLN G 13 -37.03 -28.35 20.55
CA GLN G 13 -37.98 -27.99 21.59
C GLN G 13 -37.49 -26.75 22.34
N PRO G 14 -38.40 -26.07 23.03
CA PRO G 14 -38.00 -24.84 23.75
C PRO G 14 -37.11 -25.15 24.94
N GLY G 15 -35.82 -25.29 24.67
CA GLY G 15 -34.86 -25.67 25.70
C GLY G 15 -33.79 -26.58 25.14
N GLY G 16 -33.91 -26.91 23.85
CA GLY G 16 -32.92 -27.73 23.19
C GLY G 16 -31.64 -26.98 22.88
N SER G 17 -30.84 -27.50 21.96
CA SER G 17 -29.57 -26.87 21.62
C SER G 17 -29.23 -27.14 20.16
N LEU G 18 -28.69 -26.14 19.49
CA LEU G 18 -28.22 -26.24 18.12
C LEU G 18 -26.81 -25.69 18.01
N ARG G 19 -26.16 -25.98 16.88
CA ARG G 19 -24.84 -25.44 16.57
C ARG G 19 -24.84 -25.05 15.10
N LEU G 20 -25.11 -23.77 14.83
CA LEU G 20 -25.12 -23.27 13.47
C LEU G 20 -23.68 -23.05 13.01
N SER G 21 -23.26 -23.76 11.97
CA SER G 21 -21.93 -23.61 11.43
C SER G 21 -22.01 -22.90 10.07
N CYS G 22 -21.01 -22.08 9.80
CA CYS G 22 -20.96 -21.25 8.61
C CYS G 22 -19.60 -21.42 7.95
N ALA G 23 -19.59 -22.03 6.77
CA ALA G 23 -18.39 -22.21 5.99
C ALA G 23 -18.24 -21.05 5.02
N ALA G 24 -17.10 -20.37 5.06
CA ALA G 24 -16.84 -19.19 4.25
C ALA G 24 -15.69 -19.46 3.30
N SER G 25 -15.88 -19.15 2.03
CA SER G 25 -14.86 -19.37 1.01
C SER G 25 -14.85 -18.19 0.04
N GLY G 26 -13.68 -17.92 -0.52
CA GLY G 26 -13.49 -16.81 -1.43
C GLY G 26 -12.77 -15.63 -0.84
N PHE G 27 -12.52 -15.63 0.47
CA PHE G 27 -11.80 -14.54 1.12
C PHE G 27 -11.00 -15.12 2.27
N THR G 28 -9.96 -14.41 2.67
CA THR G 28 -9.16 -14.83 3.82
C THR G 28 -9.96 -14.63 5.10
N PHE G 29 -10.20 -15.73 5.81
CA PHE G 29 -11.11 -15.70 6.95
C PHE G 29 -10.49 -15.07 8.18
N SER G 30 -9.19 -15.20 8.36
CA SER G 30 -8.53 -14.79 9.60
C SER G 30 -8.35 -13.29 9.73
N SER G 31 -8.95 -12.49 8.85
CA SER G 31 -8.80 -11.04 8.91
C SER G 31 -10.13 -10.31 8.91
N TYR G 32 -11.26 -11.01 9.00
CA TYR G 32 -12.57 -10.40 8.96
C TYR G 32 -13.34 -10.74 10.23
N GLU G 33 -14.19 -9.81 10.65
CA GLU G 33 -15.02 -9.98 11.84
C GLU G 33 -16.37 -10.53 11.42
N MET G 34 -16.77 -11.63 12.05
CA MET G 34 -17.99 -12.32 11.65
C MET G 34 -19.14 -11.93 12.56
N ASN G 35 -20.37 -12.12 12.06
CA ASN G 35 -21.56 -11.80 12.83
C ASN G 35 -22.66 -12.78 12.49
N TRP G 36 -23.56 -12.98 13.43
CA TRP G 36 -24.80 -13.71 13.21
C TRP G 36 -25.97 -12.75 13.34
N VAL G 37 -26.84 -12.72 12.34
CA VAL G 37 -27.96 -11.80 12.31
C VAL G 37 -29.23 -12.63 12.11
N ARG G 38 -30.11 -12.62 13.10
CA ARG G 38 -31.36 -13.35 12.93
C ARG G 38 -32.44 -12.43 12.36
N GLN G 39 -33.37 -13.05 11.64
CA GLN G 39 -34.55 -12.33 11.15
C GLN G 39 -35.75 -13.21 11.44
N ALA G 40 -36.64 -12.75 12.31
CA ALA G 40 -37.82 -13.53 12.65
C ALA G 40 -38.74 -13.64 11.44
N PRO G 41 -39.54 -14.70 11.36
CA PRO G 41 -40.40 -14.86 10.18
C PRO G 41 -41.55 -13.86 10.18
N GLY G 42 -41.27 -12.65 9.72
CA GLY G 42 -42.28 -11.61 9.67
C GLY G 42 -41.85 -10.32 10.32
N LYS G 43 -40.62 -10.29 10.83
CA LYS G 43 -40.06 -9.13 11.50
C LYS G 43 -38.80 -8.69 10.77
N GLY G 44 -38.20 -7.62 11.27
CA GLY G 44 -36.98 -7.10 10.69
C GLY G 44 -35.75 -7.83 11.19
N LEU G 45 -34.60 -7.44 10.66
CA LEU G 45 -33.34 -8.05 11.05
C LEU G 45 -33.01 -7.69 12.50
N GLU G 46 -32.27 -8.58 13.15
CA GLU G 46 -31.88 -8.36 14.54
C GLU G 46 -30.50 -8.95 14.74
N TRP G 47 -29.55 -8.12 15.16
CA TRP G 47 -28.20 -8.59 15.41
C TRP G 47 -28.18 -9.52 16.60
N VAL G 48 -27.44 -10.63 16.48
CA VAL G 48 -27.37 -11.67 17.50
C VAL G 48 -26.05 -11.61 18.25
N SER G 49 -24.93 -11.67 17.53
CA SER G 49 -23.62 -11.71 18.17
C SER G 49 -22.58 -11.20 17.18
N PHE G 50 -21.32 -11.21 17.63
CA PHE G 50 -20.21 -10.66 16.86
C PHE G 50 -18.92 -11.26 17.38
N ILE G 51 -18.05 -11.67 16.47
CA ILE G 51 -16.74 -12.21 16.84
C ILE G 51 -15.67 -11.55 16.00
N SER G 52 -14.56 -11.18 16.64
CA SER G 52 -13.42 -10.62 15.94
C SER G 52 -12.61 -11.77 15.33
N ASP G 53 -11.41 -11.48 14.84
CA ASP G 53 -10.58 -12.50 14.23
C ASP G 53 -9.50 -13.03 15.18
N SER G 54 -8.65 -12.16 15.71
CA SER G 54 -7.48 -12.63 16.44
C SER G 54 -7.82 -12.98 17.89
N SER G 55 -8.20 -11.98 18.68
CA SER G 55 -8.48 -12.21 20.09
C SER G 55 -9.94 -12.56 20.36
N SER G 56 -10.76 -12.59 19.33
CA SER G 56 -12.18 -12.94 19.47
C SER G 56 -12.86 -12.01 20.48
N ASN G 57 -12.96 -10.75 20.09
CA ASN G 57 -13.73 -9.76 20.84
C ASN G 57 -15.20 -10.12 20.69
N ILE G 58 -15.75 -10.78 21.69
CA ILE G 58 -17.10 -11.31 21.61
C ILE G 58 -18.09 -10.26 22.10
N TYR G 59 -19.14 -10.03 21.31
CA TYR G 59 -20.21 -9.13 21.67
C TYR G 59 -21.53 -9.85 21.43
N TYR G 60 -22.48 -9.67 22.34
CA TYR G 60 -23.76 -10.37 22.27
C TYR G 60 -24.91 -9.36 22.36
N ALA G 61 -26.04 -9.74 21.77
CA ALA G 61 -27.24 -8.93 21.88
C ALA G 61 -27.74 -8.95 23.31
N ASP G 62 -28.52 -7.92 23.67
CA ASP G 62 -29.03 -7.83 25.02
C ASP G 62 -29.95 -8.99 25.35
N SER G 63 -30.82 -9.36 24.41
CA SER G 63 -31.74 -10.46 24.63
C SER G 63 -31.07 -11.82 24.65
N VAL G 64 -29.83 -11.92 24.16
CA VAL G 64 -29.13 -13.20 24.05
C VAL G 64 -27.74 -12.98 24.63
N LYS G 65 -27.56 -13.32 25.91
CA LYS G 65 -26.28 -13.11 26.58
C LYS G 65 -25.64 -14.42 27.02
N GLY G 66 -26.32 -15.22 27.84
CA GLY G 66 -25.74 -16.45 28.33
C GLY G 66 -26.26 -17.68 27.62
N ARG G 67 -27.20 -17.49 26.71
CA ARG G 67 -27.83 -18.59 26.01
C ARG G 67 -27.02 -19.05 24.81
N PHE G 68 -26.43 -18.11 24.07
CA PHE G 68 -25.66 -18.43 22.88
C PHE G 68 -24.18 -18.25 23.15
N THR G 69 -23.36 -18.85 22.28
CA THR G 69 -21.91 -18.70 22.36
C THR G 69 -21.35 -18.78 20.95
N ILE G 70 -20.77 -17.69 20.47
CA ILE G 70 -20.18 -17.64 19.14
C ILE G 70 -18.70 -17.95 19.24
N SER G 71 -18.20 -18.71 18.27
CA SER G 71 -16.78 -19.06 18.17
C SER G 71 -16.43 -19.16 16.70
N ARG G 72 -15.14 -19.30 16.41
CA ARG G 72 -14.69 -19.39 15.04
C ARG G 72 -13.45 -20.26 14.97
N ASP G 73 -13.17 -20.77 13.77
CA ASP G 73 -11.97 -21.56 13.52
C ASP G 73 -11.42 -21.10 12.17
N ASN G 74 -10.34 -20.33 12.22
CA ASN G 74 -9.75 -19.81 10.99
C ASN G 74 -9.09 -20.90 10.17
N ALA G 75 -8.57 -21.94 10.83
CA ALA G 75 -7.98 -23.05 10.10
C ALA G 75 -9.02 -23.76 9.25
N LYS G 76 -10.20 -24.02 9.82
CA LYS G 76 -11.30 -24.61 9.06
C LYS G 76 -12.09 -23.58 8.27
N LYS G 77 -11.78 -22.30 8.42
CA LYS G 77 -12.48 -21.22 7.73
C LYS G 77 -13.98 -21.28 8.04
N SER G 78 -14.29 -21.44 9.33
CA SER G 78 -15.67 -21.67 9.73
C SER G 78 -16.02 -20.80 10.93
N LEU G 79 -17.31 -20.53 11.06
CA LEU G 79 -17.86 -19.70 12.14
C LEU G 79 -19.02 -20.44 12.78
N TYR G 80 -18.91 -20.74 14.07
CA TYR G 80 -19.92 -21.51 14.77
C TYR G 80 -20.67 -20.63 15.77
N LEU G 81 -21.95 -20.95 15.95
CA LEU G 81 -22.77 -20.34 16.99
C LEU G 81 -23.51 -21.45 17.70
N GLN G 82 -23.15 -21.71 18.96
CA GLN G 82 -23.81 -22.71 19.78
C GLN G 82 -24.98 -22.05 20.50
N MET G 83 -26.19 -22.39 20.10
CA MET G 83 -27.41 -21.83 20.68
C MET G 83 -27.94 -22.82 21.71
N THR G 84 -27.95 -22.40 22.97
CA THR G 84 -28.42 -23.24 24.06
C THR G 84 -29.58 -22.56 24.76
N SER G 85 -30.46 -23.37 25.35
CA SER G 85 -31.64 -22.89 26.07
C SER G 85 -32.51 -22.02 25.17
N LEU G 86 -32.85 -22.56 24.00
CA LEU G 86 -33.67 -21.83 23.05
C LEU G 86 -35.07 -21.62 23.58
N ARG G 87 -35.74 -20.58 23.08
CA ARG G 87 -37.11 -20.29 23.43
C ARG G 87 -37.93 -20.11 22.16
N ALA G 88 -39.24 -19.99 22.33
CA ALA G 88 -40.14 -19.95 21.19
C ALA G 88 -39.91 -18.74 20.29
N GLU G 89 -39.36 -17.65 20.83
CA GLU G 89 -39.11 -16.47 20.04
C GLU G 89 -37.74 -16.46 19.37
N ASP G 90 -36.96 -17.53 19.54
CA ASP G 90 -35.69 -17.66 18.85
C ASP G 90 -35.84 -18.23 17.44
N THR G 91 -37.05 -18.58 17.03
CA THR G 91 -37.28 -19.02 15.67
C THR G 91 -37.05 -17.85 14.72
N ALA G 92 -36.19 -18.06 13.72
CA ALA G 92 -35.77 -17.02 12.80
C ALA G 92 -34.85 -17.64 11.76
N VAL G 93 -34.69 -16.95 10.65
CA VAL G 93 -33.66 -17.31 9.69
C VAL G 93 -32.37 -16.61 10.10
N TYR G 94 -31.31 -17.38 10.26
CA TYR G 94 -30.04 -16.87 10.76
C TYR G 94 -29.09 -16.67 9.58
N TYR G 95 -28.53 -15.46 9.48
CA TYR G 95 -27.60 -15.10 8.43
C TYR G 95 -26.19 -14.99 8.99
N CYS G 96 -25.23 -15.53 8.26
CA CYS G 96 -23.81 -15.46 8.58
C CYS G 96 -23.24 -14.23 7.90
N ALA G 97 -23.32 -13.08 8.57
CA ALA G 97 -22.87 -11.84 7.98
C ALA G 97 -21.37 -11.67 8.20
N ARG G 98 -20.71 -11.03 7.24
CA ARG G 98 -19.30 -10.72 7.35
C ARG G 98 -19.14 -9.22 7.32
N GLU G 99 -18.42 -8.68 8.28
CA GLU G 99 -18.22 -7.24 8.35
C GLU G 99 -17.12 -6.80 7.39
N ALA G 100 -17.35 -5.68 6.72
CA ALA G 100 -16.30 -5.06 5.95
C ALA G 100 -15.17 -4.62 6.86
N ILE G 101 -13.96 -4.61 6.31
CA ILE G 101 -12.78 -4.20 7.07
C ILE G 101 -12.85 -2.69 7.24
N GLY G 102 -13.03 -2.25 8.48
CA GLY G 102 -13.36 -0.87 8.74
C GLY G 102 -14.85 -0.66 8.67
N SER G 103 -15.42 -0.06 9.71
CA SER G 103 -16.82 0.36 9.81
C SER G 103 -17.82 -0.76 10.10
N THR G 104 -17.37 -1.97 10.45
CA THR G 104 -18.21 -3.05 10.98
C THR G 104 -19.62 -3.10 10.39
N SER G 105 -19.72 -3.01 9.07
CA SER G 105 -21.00 -3.14 8.38
C SER G 105 -20.97 -4.39 7.53
N PHE G 106 -22.05 -5.14 7.55
CA PHE G 106 -22.10 -6.47 6.92
C PHE G 106 -22.21 -6.31 5.41
N ASP G 107 -21.07 -6.33 4.73
CA ASP G 107 -21.08 -6.17 3.28
C ASP G 107 -21.59 -7.43 2.58
N ASN G 108 -21.12 -8.60 3.00
CA ASN G 108 -21.55 -9.87 2.43
C ASN G 108 -22.27 -10.69 3.48
N TRP G 109 -23.42 -11.25 3.09
CA TRP G 109 -24.28 -12.03 3.97
C TRP G 109 -24.35 -13.46 3.47
N GLY G 110 -24.60 -14.37 4.41
CA GLY G 110 -24.86 -15.75 4.04
C GLY G 110 -26.28 -15.89 3.54
N GLN G 111 -26.72 -17.12 3.29
CA GLN G 111 -28.09 -17.35 2.86
C GLN G 111 -29.03 -17.63 4.02
N GLY G 112 -28.52 -17.91 5.20
CA GLY G 112 -29.37 -18.07 6.37
C GLY G 112 -30.05 -19.42 6.40
N THR G 113 -30.25 -19.92 7.62
CA THR G 113 -30.99 -21.16 7.84
C THR G 113 -32.11 -20.89 8.83
N LEU G 114 -33.28 -21.48 8.57
CA LEU G 114 -34.47 -21.24 9.37
C LEU G 114 -34.42 -22.13 10.61
N VAL G 115 -33.87 -21.57 11.69
CA VAL G 115 -33.94 -22.27 12.97
C VAL G 115 -35.32 -22.05 13.56
N THR G 116 -36.05 -23.15 13.75
CA THR G 116 -37.40 -23.10 14.27
C THR G 116 -37.46 -23.81 15.62
N VAL G 117 -38.09 -23.15 16.59
CA VAL G 117 -38.20 -23.66 17.95
C VAL G 117 -39.68 -23.79 18.28
N SER G 118 -40.10 -24.99 18.65
CA SER G 118 -41.49 -25.26 18.98
C SER G 118 -41.57 -26.62 19.66
N SER G 119 -42.72 -26.86 20.29
CA SER G 119 -42.99 -28.16 20.90
C SER G 119 -43.83 -29.06 20.03
N ALA G 120 -44.59 -28.48 19.08
CA ALA G 120 -45.45 -29.28 18.22
C ALA G 120 -44.63 -30.17 17.30
N SER G 121 -45.13 -31.38 17.05
CA SER G 121 -44.46 -32.32 16.17
C SER G 121 -45.00 -32.17 14.75
N THR G 122 -44.46 -32.97 13.84
CA THR G 122 -44.87 -32.91 12.43
C THR G 122 -46.29 -33.47 12.31
N LYS G 123 -47.25 -32.58 12.09
CA LYS G 123 -48.66 -32.95 11.93
C LYS G 123 -49.10 -32.63 10.52
N GLY G 124 -49.90 -33.53 9.95
CA GLY G 124 -50.39 -33.36 8.60
C GLY G 124 -51.41 -32.25 8.49
N PRO G 125 -51.64 -31.76 7.28
CA PRO G 125 -52.61 -30.68 7.07
C PRO G 125 -54.03 -31.19 7.15
N SER G 126 -54.96 -30.24 7.32
CA SER G 126 -56.39 -30.51 7.33
C SER G 126 -57.03 -29.56 6.33
N VAL G 127 -57.57 -30.09 5.24
CA VAL G 127 -58.05 -29.25 4.15
C VAL G 127 -59.57 -29.15 4.20
N PHE G 128 -60.07 -27.93 4.30
CA PHE G 128 -61.50 -27.64 4.41
C PHE G 128 -61.93 -26.72 3.27
N PRO G 129 -62.92 -27.11 2.46
CA PRO G 129 -63.34 -26.24 1.36
C PRO G 129 -64.01 -24.97 1.86
N LEU G 130 -63.89 -23.91 1.07
CA LEU G 130 -64.50 -22.62 1.35
C LEU G 130 -65.20 -22.17 0.08
N ALA G 131 -66.53 -22.23 0.09
CA ALA G 131 -67.33 -21.93 -1.09
C ALA G 131 -68.44 -20.96 -0.75
N PRO G 132 -68.83 -20.11 -1.70
CA PRO G 132 -69.99 -19.25 -1.49
C PRO G 132 -71.29 -20.00 -1.76
N CYS G 133 -72.40 -19.28 -1.75
CA CYS G 133 -73.72 -19.85 -2.02
C CYS G 133 -74.47 -18.87 -2.91
N SER G 134 -75.78 -19.06 -3.02
CA SER G 134 -76.62 -18.18 -3.83
C SER G 134 -76.67 -16.78 -3.24
N ARG G 135 -76.07 -16.59 -2.06
CA ARG G 135 -76.04 -15.27 -1.45
C ARG G 135 -75.32 -14.27 -2.34
N SER G 136 -74.16 -14.65 -2.88
CA SER G 136 -73.32 -13.77 -3.69
C SER G 136 -73.26 -14.32 -5.11
N THR G 137 -74.15 -13.81 -5.97
CA THR G 137 -74.19 -14.17 -7.39
C THR G 137 -74.31 -12.86 -8.17
N SER G 138 -73.17 -12.28 -8.53
CA SER G 138 -73.14 -11.02 -9.25
C SER G 138 -71.80 -10.89 -9.96
N GLU G 139 -71.74 -9.96 -10.91
CA GLU G 139 -70.56 -9.65 -11.71
C GLU G 139 -70.02 -10.86 -12.47
N SER G 140 -70.78 -11.95 -12.55
CA SER G 140 -70.35 -13.17 -13.22
C SER G 140 -69.02 -13.67 -12.68
N THR G 141 -68.80 -13.51 -11.38
CA THR G 141 -67.55 -13.94 -10.75
C THR G 141 -67.80 -14.28 -9.29
N ALA G 142 -66.88 -15.06 -8.72
CA ALA G 142 -66.95 -15.46 -7.33
C ALA G 142 -65.55 -15.95 -6.93
N ALA G 143 -65.40 -16.29 -5.66
CA ALA G 143 -64.13 -16.77 -5.13
C ALA G 143 -64.33 -18.14 -4.50
N LEU G 144 -63.40 -19.05 -4.75
CA LEU G 144 -63.43 -20.40 -4.20
C LEU G 144 -62.08 -20.67 -3.58
N GLY G 145 -62.06 -21.23 -2.37
CA GLY G 145 -60.80 -21.47 -1.69
C GLY G 145 -60.80 -22.76 -0.93
N CYS G 146 -59.64 -23.08 -0.37
CA CYS G 146 -59.53 -24.24 0.53
C CYS G 146 -58.55 -23.92 1.65
N LEU G 147 -59.05 -23.99 2.87
CA LEU G 147 -58.29 -23.66 4.09
C LEU G 147 -57.48 -24.88 4.49
N VAL G 148 -56.16 -24.75 4.40
CA VAL G 148 -55.23 -25.75 4.92
C VAL G 148 -54.92 -25.36 6.36
N LYS G 149 -55.56 -26.03 7.30
CA LYS G 149 -55.51 -25.68 8.71
C LYS G 149 -54.77 -26.75 9.50
N ASP G 150 -54.04 -26.32 10.52
CA ASP G 150 -53.38 -27.20 11.48
C ASP G 150 -52.39 -28.14 10.79
N TYR G 151 -51.36 -27.54 10.20
CA TYR G 151 -50.25 -28.27 9.62
C TYR G 151 -48.94 -27.78 10.21
N PHE G 152 -47.94 -28.65 10.16
CA PHE G 152 -46.64 -28.33 10.74
C PHE G 152 -45.58 -29.30 10.23
N PRO G 153 -44.39 -28.81 9.85
CA PRO G 153 -44.07 -27.38 9.83
C PRO G 153 -44.10 -26.76 8.45
N GLU G 154 -43.67 -25.51 8.36
CA GLU G 154 -43.50 -24.85 7.07
C GLU G 154 -42.49 -25.62 6.23
N PRO G 155 -42.70 -25.70 4.90
CA PRO G 155 -43.79 -25.13 4.11
C PRO G 155 -44.83 -26.12 3.62
N VAL G 156 -45.90 -25.58 3.05
CA VAL G 156 -46.96 -26.36 2.42
C VAL G 156 -47.38 -25.62 1.16
N THR G 157 -47.26 -26.28 0.01
CA THR G 157 -47.54 -25.65 -1.27
C THR G 157 -48.91 -26.09 -1.77
N VAL G 158 -49.77 -25.13 -2.08
CA VAL G 158 -51.15 -25.40 -2.47
C VAL G 158 -51.32 -24.93 -3.90
N SER G 159 -51.48 -25.87 -4.83
CA SER G 159 -51.80 -25.55 -6.21
C SER G 159 -53.28 -25.79 -6.45
N TRP G 160 -53.77 -25.34 -7.62
CA TRP G 160 -55.18 -25.49 -7.95
C TRP G 160 -55.31 -26.17 -9.30
N ASN G 161 -56.21 -27.16 -9.35
CA ASN G 161 -56.46 -27.95 -10.57
C ASN G 161 -55.17 -28.61 -11.08
N SER G 162 -54.35 -29.09 -10.14
CA SER G 162 -53.12 -29.81 -10.46
C SER G 162 -52.20 -28.97 -11.35
N GLY G 163 -52.13 -27.68 -11.06
CA GLY G 163 -51.28 -26.77 -11.82
C GLY G 163 -51.89 -26.24 -13.09
N ALA G 164 -53.13 -26.61 -13.42
CA ALA G 164 -53.78 -26.07 -14.61
C ALA G 164 -54.25 -24.64 -14.39
N LEU G 165 -55.10 -24.44 -13.38
CA LEU G 165 -55.54 -23.10 -13.04
C LEU G 165 -54.46 -22.39 -12.22
N THR G 166 -53.88 -21.33 -12.79
CA THR G 166 -52.83 -20.59 -12.12
C THR G 166 -53.08 -19.09 -12.09
N SER G 167 -54.23 -18.62 -12.54
CA SER G 167 -54.57 -17.20 -12.55
C SER G 167 -55.59 -16.92 -11.46
N GLY G 168 -55.27 -15.97 -10.59
CA GLY G 168 -56.14 -15.61 -9.49
C GLY G 168 -55.91 -16.37 -8.21
N VAL G 169 -55.03 -17.39 -8.22
CA VAL G 169 -54.73 -18.15 -7.02
C VAL G 169 -53.96 -17.26 -6.06
N HIS G 170 -54.51 -17.03 -4.87
CA HIS G 170 -53.88 -16.19 -3.86
C HIS G 170 -53.48 -17.05 -2.68
N THR G 171 -52.21 -17.42 -2.63
CA THR G 171 -51.67 -18.20 -1.51
C THR G 171 -51.16 -17.21 -0.46
N PHE G 172 -51.92 -17.05 0.60
CA PHE G 172 -51.56 -16.12 1.66
C PHE G 172 -50.40 -16.66 2.49
N PRO G 173 -49.69 -15.77 3.19
CA PRO G 173 -48.64 -16.24 4.10
C PRO G 173 -49.22 -17.12 5.21
N ALA G 174 -48.41 -18.08 5.65
CA ALA G 174 -48.80 -18.97 6.72
C ALA G 174 -48.75 -18.23 8.05
N VAL G 175 -49.80 -18.34 8.84
CA VAL G 175 -49.87 -17.71 10.15
C VAL G 175 -49.76 -18.79 11.22
N LEU G 176 -49.17 -18.42 12.35
CA LEU G 176 -49.04 -19.31 13.49
C LEU G 176 -50.24 -19.15 14.41
N GLN G 177 -50.86 -20.26 14.79
CA GLN G 177 -52.03 -20.23 15.65
C GLN G 177 -51.60 -20.07 17.11
N SER G 178 -52.56 -20.23 18.02
CA SER G 178 -52.23 -20.21 19.44
C SER G 178 -51.29 -21.35 19.80
N SER G 179 -51.54 -22.54 19.25
CA SER G 179 -50.61 -23.65 19.37
C SER G 179 -49.49 -23.50 18.34
N GLY G 180 -48.64 -24.52 18.25
CA GLY G 180 -47.54 -24.46 17.31
C GLY G 180 -47.93 -24.69 15.87
N LEU G 181 -49.18 -25.06 15.61
CA LEU G 181 -49.61 -25.38 14.25
C LEU G 181 -49.72 -24.11 13.41
N TYR G 182 -49.81 -24.31 12.10
CA TYR G 182 -49.88 -23.23 11.13
C TYR G 182 -51.26 -23.17 10.50
N SER G 183 -51.45 -22.20 9.61
CA SER G 183 -52.69 -22.08 8.85
C SER G 183 -52.38 -21.43 7.51
N LEU G 184 -53.25 -21.68 6.54
CA LEU G 184 -53.10 -21.13 5.21
C LEU G 184 -54.44 -21.20 4.52
N SER G 185 -54.72 -20.25 3.63
CA SER G 185 -56.00 -20.21 2.93
C SER G 185 -55.75 -19.80 1.48
N SER G 186 -55.59 -20.78 0.61
CA SER G 186 -55.41 -20.50 -0.82
C SER G 186 -56.77 -20.37 -1.49
N VAL G 187 -56.99 -19.23 -2.14
CA VAL G 187 -58.27 -18.90 -2.75
C VAL G 187 -58.02 -18.36 -4.15
N VAL G 188 -58.86 -18.77 -5.10
CA VAL G 188 -58.77 -18.31 -6.48
C VAL G 188 -60.14 -17.78 -6.89
N THR G 189 -60.13 -16.71 -7.69
CA THR G 189 -61.37 -16.16 -8.24
C THR G 189 -61.67 -16.80 -9.58
N VAL G 190 -62.93 -17.17 -9.77
CA VAL G 190 -63.38 -17.84 -10.99
C VAL G 190 -64.71 -17.25 -11.41
N PRO G 191 -65.01 -17.25 -12.71
CA PRO G 191 -66.30 -16.73 -13.16
C PRO G 191 -67.45 -17.53 -12.58
N SER G 192 -68.54 -16.81 -12.25
CA SER G 192 -69.67 -17.44 -11.58
C SER G 192 -70.38 -18.44 -12.47
N SER G 193 -70.24 -18.32 -13.79
CA SER G 193 -70.86 -19.27 -14.71
C SER G 193 -70.18 -20.64 -14.70
N SER G 194 -69.02 -20.76 -14.07
CA SER G 194 -68.31 -22.03 -13.97
C SER G 194 -68.41 -22.65 -12.58
N LEU G 195 -69.30 -22.11 -11.73
CA LEU G 195 -69.45 -22.65 -10.39
C LEU G 195 -70.04 -24.05 -10.41
N GLY G 196 -71.14 -24.23 -11.14
CA GLY G 196 -71.82 -25.51 -11.24
C GLY G 196 -71.49 -26.34 -12.44
N THR G 197 -70.49 -25.94 -13.24
CA THR G 197 -70.13 -26.65 -14.46
C THR G 197 -68.75 -27.29 -14.39
N LYS G 198 -67.72 -26.51 -14.05
CA LYS G 198 -66.35 -26.99 -14.04
C LYS G 198 -65.93 -27.32 -12.61
N THR G 199 -65.25 -28.47 -12.46
CA THR G 199 -64.74 -28.89 -11.16
C THR G 199 -63.52 -28.07 -10.78
N TYR G 200 -63.36 -27.85 -9.47
CA TYR G 200 -62.26 -27.06 -8.93
C TYR G 200 -61.68 -27.80 -7.73
N THR G 201 -60.56 -28.48 -7.94
CA THR G 201 -59.90 -29.25 -6.89
C THR G 201 -58.55 -28.61 -6.59
N CYS G 202 -58.30 -28.30 -5.33
CA CYS G 202 -57.01 -27.79 -4.90
C CYS G 202 -56.17 -28.94 -4.37
N ASN G 203 -54.90 -28.96 -4.76
CA ASN G 203 -53.94 -30.00 -4.37
C ASN G 203 -52.98 -29.40 -3.36
N VAL G 204 -52.86 -30.05 -2.20
CA VAL G 204 -52.03 -29.57 -1.10
C VAL G 204 -50.82 -30.48 -0.97
N ASP G 205 -49.65 -29.88 -0.74
CA ASP G 205 -48.39 -30.61 -0.65
C ASP G 205 -47.72 -30.25 0.67
N HIS G 206 -47.59 -31.25 1.55
CA HIS G 206 -46.88 -31.12 2.81
C HIS G 206 -45.78 -32.17 2.83
N LYS G 207 -44.56 -31.76 2.47
CA LYS G 207 -43.46 -32.72 2.36
C LYS G 207 -43.11 -33.39 3.69
N PRO G 208 -42.97 -32.67 4.80
CA PRO G 208 -42.59 -33.35 6.06
C PRO G 208 -43.57 -34.42 6.50
N SER G 209 -44.85 -34.30 6.15
CA SER G 209 -45.83 -35.33 6.47
C SER G 209 -46.17 -36.23 5.30
N ASN G 210 -45.80 -35.84 4.07
CA ASN G 210 -45.99 -36.67 2.89
C ASN G 210 -47.45 -37.08 2.69
N THR G 211 -48.32 -36.07 2.61
CA THR G 211 -49.75 -36.27 2.36
C THR G 211 -50.10 -35.56 1.06
N LYS G 212 -50.20 -36.33 -0.02
CA LYS G 212 -50.54 -35.79 -1.34
C LYS G 212 -52.05 -35.83 -1.56
N VAL G 213 -52.77 -35.25 -0.59
CA VAL G 213 -54.23 -35.28 -0.66
C VAL G 213 -54.74 -34.08 -1.45
N ASP G 214 -55.94 -34.24 -2.01
CA ASP G 214 -56.62 -33.21 -2.79
C ASP G 214 -57.93 -32.84 -2.11
N LYS G 215 -58.58 -31.81 -2.63
CA LYS G 215 -59.91 -31.45 -2.14
C LYS G 215 -60.67 -30.72 -3.22
N ARG G 216 -61.78 -31.29 -3.67
CA ARG G 216 -62.67 -30.61 -4.61
C ARG G 216 -63.64 -29.72 -3.85
N VAL G 217 -63.94 -28.57 -4.43
CA VAL G 217 -64.80 -27.60 -3.77
C VAL G 217 -66.07 -27.37 -4.58
#